data_7JK3
#
_entry.id   7JK3
#
_cell.length_a   1.00
_cell.length_b   1.00
_cell.length_c   1.00
_cell.angle_alpha   90.00
_cell.angle_beta   90.00
_cell.angle_gamma   90.00
#
_symmetry.space_group_name_H-M   'P 1'
#
loop_
_entity.id
_entity.type
_entity.pdbx_description
1 polymer 'Origin recognition complex subunit 2'
2 polymer 'Origin recognition complex subunit 3'
3 polymer 'Origin recognition complex subunit 4'
4 polymer 'Origin recognition complex subunit 5'
5 polymer 'Origin recognition complex subunit 6'
6 polymer 'Origin recognition complex subunit 1'
7 polymer 'Cell division control protein'
8 polymer 'DNA (33-MER)'
9 polymer 'DNA (33-MER)'
10 non-polymer "ADENOSINE-5'-TRIPHOSPHATE"
11 non-polymer 'MAGNESIUM ION'
#
loop_
_entity_poly.entity_id
_entity_poly.type
_entity_poly.pdbx_seq_one_letter_code
_entity_poly.pdbx_strand_id
1 'polypeptide(L)'
;MSASNKGGYKTPRKENLMSIENLTNSEEESEDLNTAMVGNAVESQPKVTSRRSTRRPSPTKKYQAYQKESNGKGQEERIV
VNYVEMSDERSSDAEDQEEEESIEESENAARPAAKDLHLIQSEYNVAGTSMFGFNTPKKRDAMALAALNATPCTPKTPKT
PRLGVKTPDTKRKKSMDQPKTPAHVRTRVKKQIAKIVADSDEDFSGDESDFRPSDEESSSSSSSSDAGNSSDNDAADDEP
KTPSRARRAIVVPVLPKTPSAARLRQSARAKKSNEFVPESDGYFHSHASSKILTSDHTLDRLKNPRLAADRVFSLLSEIK
TSAEHEGSINAIMEEYRSYFPKWMCILNEGFNILLYGLGSKHQLLQSFHREVLHKQTVLVVNGFFPSLTIKDMLDSITSD
ILDAGISPANPHEAVDMIEEEFALIPETHLFLIVHNLDGAMLRNVKAQAILSRLARIPNIHLLASIDHINTPLLWDQGKL
CSFNFSWWDCTTMLPYTNETAFENSLLVQNSGELALSSMRSVFSSLTTNSRGIYMLIVKYQLKNKGNATYQGMPFRDLYS
SCREAFLVSSDLALRAQLTEFLDHKLVKSKRSVDGSEQLTIPIDGALLQQFLEEQEKK
;
B
2 'polypeptide(L)'
;MDPTISVSKGCFVYKNGATRAGKKAASKRKRPAAESSSLLGKEVVQQPFYEEYRKAWNQINDHIADLQHRSYARTLEQLV
DFVVGQAERDTPDEVLPTAALLTGINQPDHLSQFTALTQRLHAQRAAMVCVLQSRDCATLKAAVETLVFGLVEDNAEVEQ
MEDEDEDEDGAERDRKRLRRSQCTMKQLKSWYTNNFDSEQKRRQLVVILPDFECFNASVLQDLILILSAHCGSLPFVLVL
GVATAMTAVHGTLPYHVSSKIRLRVFQTQAAPTGLNEVLDKVLLSPKYAFHLSGKTFKFLTHIFLYYDFSIHGFIQGFKY
CLMEHFFGGNAFALCTDYSKALGRIKQLTHEDMETIRRLPSFRPYVEQINDCKRIIAVLTDDDYLKKKLPQLLRDCLLHF
LLFRCSLEFLTELVGDLPRCPLGKLRRELYVNCLNRAIISTPEYKECLQMLSFLSKDEFVAKVNRALERTEQFLVEEIAP
LELGEACTAVLRPKLEAIRLAVDEVVKATMATITTTSPNETRQATDHLTPVASRQELKDQLLQRSKEDKMRHQLNTPTTQ
FGRALQKTLQLIETQIVQDHLRALQDAPPIHELFVFSDIATVRRNIIGAPRAALHTALNNPHFYMQCKCCELQDQSLLVG
TLPDLSVVYKLHLECGRMINLFDWLQAFRSVVSDSDHEEVAQEQIDPQIQARFTRAVAELQFLGYIKMSKRKTDHATRLT
W
;
C
3 'polypeptide(L)'
;SNAMPEADRELVSIRRFLKERLQRDYTTLRGYAKERSNVRLLLQRTAEMGESNSLLLLGPRGSGKTTLINSVLADLLPNK
SFGENTLIVHLDGNLHTDDRVALKSITVQMQLENAADGKVFGSFAENLAFLLQCLKAGGKHSKSVIFILEEFDLFCAHHN
QTLLYNLFDVSQSAQAPICVLGVTCRLDVIELLEKRVKSRFSHRQVFLFPSLRRFEDYVDLCRDLLSLPTGNSLLLAAEK
IYNLQNIQSGALYFSRNHFDPGEYGFSPRLRDAWNKQICKVLATQQARSTLQALHDFDISEAYLKNFLFRLVAHLRPQSP
HITAEKMAAVGSQFEGDDKIELLCGLSVLELCLIIAIKHHSQIYDRDSFNFEIIYARFSKFAKVSTTMQAVERSIVLKAF
EHLRIAELIMPLTGGAGGGVGKVQKEFEMHKLALTYSQIHHCMQRYQALPTEVAQWAQSSLI
;
D
4 'polypeptide(L)'
;MEAICSSLEPLFPCREAAIETLGELIGDSSETYPSAIYLFGHSGTGKTALTRAFLKECGKRQNVRTAHLNAIECYTTKIM
LEILLDSLAPDQGDALKVDNMLDFVEQLRRQAATRVEDQGFLIAVDNAERLRDMDANVLPVLLRLQELTNLNLCVILLSQ
LPFEKFYNKTGLSEIVCLHLAQYNKAETQRILGSDFQQVRNQLLEQFAQDKKRLEICQEAVTEDFYNNYLNLFLSVFYKA
CRDVPELQLTARKCLSTYLEPVLDGTVDATDISRLWRHIAGPLRSALTQIYMRIEKPAEEVEDFTAIEDQSVRKLAQSLE
LPYYAKFLLIAAFLASHNAAKQDKRLFVKHHGKQRKRMQTVNARAKTTEKMSTTLGPKSFSIDRLLAIFYAILEEKVGLT
CNLLSQISTLVHLNLLSFVSGEQNIMEGSARLQCTIGLEFVLQIGKVVGFNVRQYLCDFM
;
E
5 'polypeptide(L)'
;MTTLIEQLITKMGLREEPNVLEKTTELVRLLELRSTNVPLQINEYGKIVLCADLASCMIGIAFDKEQALKLSGLRKSQYL
NNKRMFEKLLDLNKLASVNDICVQLGLNEVARKAEELMTLFKGVAATEDMGTDTSHPQYATMAVFQACRLLKKKVSKSKL
MPFSNLRPSQFQLLEQQWERMIAKHHKESKVPSSTDMEGKLKENQNENIKGHEAKKAHKPPPEDYEIWKARMLAKAQAKL
KELEASQSHMDSQLLEA
;
F
6 'polypeptide(L)'
;SNAPRRSIHLSNIVEQRVFEDDEIISTPKRGRSKKTVQDNDEDYSPKKSVQKTPTRTRRSSTTTKTATTPSKGITTATAT
PMTPSQKMKKIRAGELSPSMQQRTDLPAKDSSKSELQLAREQLHVSVVPKSLPCREREFENIYAFLEGKIQDQCGGCMYV
SGVPGTGKTATVTGVIRTLQRMAKQNELPAFEYLEINGMRLTEPRQAYVQIYKQLTGKTVSWEQAHALLEKRFTTPAPRR
VTTVLLVDELDILCNRRQDVVYNLLDWPTKSAAKLVVVTIANTMDLPERLLMGKVTSRLGLTRLTFQPYSHKQLQEIVTA
RLGGSETFKGEAVQLVARKVAAVSGDARRALDICRRATEIADTAAVKCVTMLHVQQALAEMIASAKVQAIRNCSRMEQIF
LQAIAAEVTRTGVEETTFMGVYQQVETIAAFMGVTFPPPGRALRLCSKLGAERLIISEHSRNDLFQKILLNVSADDIHYA
LRVEEMVN
;
A
7 'polypeptide(L)'
;SNANNLPSPSRNKYQNARRVLNSAETQNLPGRESQLQELREFFSNHLESQTSGSLYVSGQPGTGKTACLSLLLRDPDFSK
RLQRVYINCTSIASVGAVYKKLCTELQLKVSGRTERDHLEAIQRHLKTAKRMLLLVLDEIDQLCTSRQEVLYTIFEWPAL
PGSRILLVGIANSLDLTDRALMRLNARCELKPRLMHFPPYSKQQIVEIFKSRLAEAEVLDVFPPVTLQLLAAKVSAISGD
VRRALDIGRRVVEIAEQQKRDGEKEFNMKALQLEGKDAVEAKEKQDTLKPVQVTQVAAVLNKVYGASQNLEEDIEASFPL
QQKLMLCTLVLMLRNERNKDISMGRLHEVYRRVCAKRNILALDQAEFTGTVDLVETRGILRIMRKKEPRLHKVLLQWDEE
EVHAALSDKQLIASILSDTACLSK
;
G
8 'polydeoxyribonucleotide'
;(DG)(DG)(DG)(DG)(DC)(DT)(DC)(DG)(DA)(DC)(DT)(DC)(DC)(DA)(DA)(DG)(DT)(DG)(DC)(DG)
(DG)(DG)(DG)(DC)(DA)(DC)(DT)(DC)(DG)(DT)(DC)(DT)(DG)(DT)(DG)(DA)(DG)(DG)(DG)(DG)
(DG)(DC)(DT)(DC)(DA)(DG)(DT)(DT)(DC)(DG)(DC)(DA)(DC)(DT)(DG)(DC)(DG)(DG)(DG)(DG)
;
H
9 'polydeoxyribonucleotide'
;(DC)(DC)(DC)(DC)(DG)(DC)(DA)(DG)(DT)(DG)(DC)(DG)(DA)(DA)(DC)(DT)(DG)(DA)(DG)(DC)
(DC)(DC)(DC)(DC)(DT)(DC)(DA)(DC)(DA)(DG)(DA)(DC)(DG)(DA)(DG)(DT)(DG)(DC)(DC)(DC)
(DC)(DG)(DC)(DA)(DC)(DT)(DT)(DG)(DG)(DA)(DG)(DT)(DC)(DG)(DA)(DG)(DC)(DC)(DC)(DC)
;
I
#
# COMPACT_ATOMS: atom_id res chain seq x y z
N PHE A 276 29.88 0.99 -33.20
CA PHE A 276 28.53 0.47 -33.40
C PHE A 276 27.51 1.60 -33.42
N VAL A 277 26.97 1.87 -34.60
CA VAL A 277 25.92 2.87 -34.77
C VAL A 277 24.68 2.18 -35.32
N PRO A 278 23.62 2.01 -34.53
CA PRO A 278 22.41 1.37 -35.04
C PRO A 278 21.63 2.31 -35.94
N GLU A 279 20.90 1.74 -36.88
CA GLU A 279 20.09 2.50 -37.81
C GLU A 279 18.62 2.40 -37.45
N SER A 280 17.87 3.44 -37.84
CA SER A 280 16.46 3.56 -37.47
C SER A 280 15.53 2.81 -38.41
N ASP A 281 15.98 2.56 -39.65
CA ASP A 281 15.12 2.02 -40.71
C ASP A 281 14.59 0.64 -40.33
N GLY A 282 15.43 -0.18 -39.69
CA GLY A 282 15.02 -1.49 -39.23
C GLY A 282 13.92 -1.49 -38.19
N TYR A 283 13.71 -0.37 -37.50
CA TYR A 283 12.55 -0.27 -36.63
C TYR A 283 11.31 0.14 -37.39
N PHE A 284 11.45 0.95 -38.44
CA PHE A 284 10.27 1.56 -39.05
C PHE A 284 9.59 0.63 -40.05
N HIS A 285 10.35 -0.17 -40.78
CA HIS A 285 9.77 -1.06 -41.78
C HIS A 285 9.29 -2.39 -41.20
N SER A 286 9.59 -2.67 -39.94
CA SER A 286 9.12 -3.90 -39.31
C SER A 286 7.63 -3.84 -38.99
N ALA A 323 40.35 -28.73 -29.09
CA ALA A 323 40.51 -27.93 -30.30
C ALA A 323 41.33 -26.68 -30.01
N GLU A 324 41.47 -25.82 -31.02
CA GLU A 324 42.17 -24.56 -30.86
C GLU A 324 41.34 -23.53 -30.12
N HIS A 325 40.02 -23.73 -30.06
CA HIS A 325 39.14 -22.81 -29.33
C HIS A 325 39.44 -22.82 -27.84
N GLU A 326 39.73 -24.00 -27.28
CA GLU A 326 40.02 -24.09 -25.86
C GLU A 326 41.37 -23.45 -25.53
N GLY A 327 42.37 -23.65 -26.40
CA GLY A 327 43.66 -23.00 -26.17
C GLY A 327 43.59 -21.50 -26.29
N SER A 328 42.82 -20.99 -27.25
CA SER A 328 42.63 -19.55 -27.36
C SER A 328 41.81 -18.98 -26.21
N ILE A 329 40.87 -19.76 -25.68
CA ILE A 329 40.08 -19.32 -24.53
C ILE A 329 40.95 -19.25 -23.27
N ASN A 330 41.83 -20.24 -23.09
CA ASN A 330 42.77 -20.16 -21.96
C ASN A 330 43.79 -19.04 -22.12
N ALA A 331 44.18 -18.72 -23.36
CA ALA A 331 45.05 -17.56 -23.58
C ALA A 331 44.34 -16.25 -23.26
N ILE A 332 43.05 -16.16 -23.65
CA ILE A 332 42.21 -15.02 -23.31
C ILE A 332 42.07 -14.88 -21.80
N MET A 333 41.90 -16.00 -21.10
CA MET A 333 41.73 -15.96 -19.65
C MET A 333 43.03 -15.59 -18.94
N GLU A 334 44.19 -16.00 -19.48
CA GLU A 334 45.45 -15.58 -18.87
C GLU A 334 45.72 -14.10 -19.12
N GLU A 335 45.37 -13.60 -20.31
CA GLU A 335 45.53 -12.19 -20.59
C GLU A 335 44.54 -11.33 -19.79
N TYR A 336 43.41 -11.90 -19.40
CA TYR A 336 42.53 -11.18 -18.48
C TYR A 336 42.98 -11.30 -17.03
N ARG A 337 43.66 -12.39 -16.69
CA ARG A 337 44.23 -12.56 -15.36
C ARG A 337 45.49 -11.72 -15.15
N SER A 338 46.06 -11.16 -16.22
CA SER A 338 47.16 -10.22 -16.06
C SER A 338 46.72 -8.84 -15.58
N TYR A 339 45.42 -8.57 -15.50
CA TYR A 339 44.90 -7.25 -15.16
C TYR A 339 44.71 -7.01 -13.66
N PHE A 340 44.97 -8.00 -12.81
CA PHE A 340 44.55 -7.94 -11.41
C PHE A 340 45.28 -6.94 -10.52
N PRO A 341 46.62 -6.75 -10.60
CA PRO A 341 47.22 -5.65 -9.81
C PRO A 341 46.82 -4.28 -10.31
N LYS A 342 46.57 -4.12 -11.61
CA LYS A 342 46.03 -2.88 -12.13
C LYS A 342 44.63 -2.62 -11.59
N TRP A 343 43.83 -3.69 -11.42
CA TRP A 343 42.51 -3.54 -10.82
C TRP A 343 42.60 -3.19 -9.35
N MET A 344 43.62 -3.70 -8.64
CA MET A 344 43.83 -3.31 -7.26
C MET A 344 44.23 -1.84 -7.15
N CYS A 345 45.08 -1.38 -8.06
CA CYS A 345 45.49 0.03 -8.04
C CYS A 345 44.36 0.96 -8.45
N ILE A 346 43.45 0.49 -9.30
CA ILE A 346 42.27 1.30 -9.65
C ILE A 346 41.28 1.33 -8.50
N LEU A 347 41.03 0.18 -7.87
CA LEU A 347 40.11 0.10 -6.73
C LEU A 347 40.62 0.84 -5.51
N ASN A 348 41.95 1.02 -5.38
CA ASN A 348 42.48 1.78 -4.26
C ASN A 348 42.15 3.26 -4.37
N GLU A 349 42.09 3.80 -5.59
CA GLU A 349 41.94 5.23 -5.81
C GLU A 349 40.48 5.69 -5.88
N GLY A 350 39.55 4.88 -5.37
CA GLY A 350 38.16 5.30 -5.24
C GLY A 350 37.23 4.78 -6.31
N PHE A 351 37.76 4.21 -7.40
CA PHE A 351 36.91 3.74 -8.47
C PHE A 351 36.30 2.38 -8.12
N ASN A 352 35.36 1.95 -8.96
CA ASN A 352 34.79 0.62 -8.91
C ASN A 352 35.08 -0.07 -10.24
N ILE A 353 34.80 -1.36 -10.33
CA ILE A 353 35.11 -2.13 -11.53
C ILE A 353 33.82 -2.68 -12.11
N LEU A 354 33.65 -2.50 -13.42
CA LEU A 354 32.49 -3.01 -14.14
C LEU A 354 32.97 -3.80 -15.35
N LEU A 355 32.43 -5.00 -15.54
CA LEU A 355 32.79 -5.84 -16.68
C LEU A 355 31.58 -6.02 -17.58
N TYR A 356 31.78 -5.94 -18.90
CA TYR A 356 30.64 -5.92 -19.81
C TYR A 356 30.83 -6.82 -21.03
N GLY A 357 31.62 -7.88 -20.92
CA GLY A 357 31.90 -8.71 -22.07
C GLY A 357 30.76 -9.60 -22.56
N LEU A 358 31.07 -10.56 -23.43
CA LEU A 358 30.05 -11.46 -23.96
C LEU A 358 29.91 -12.72 -23.12
N GLY A 359 31.02 -13.40 -22.85
CA GLY A 359 30.98 -14.67 -22.15
C GLY A 359 30.66 -14.53 -20.67
N SER A 360 30.57 -15.67 -20.01
CA SER A 360 30.25 -15.72 -18.59
C SER A 360 31.48 -15.32 -17.78
N LYS A 361 31.35 -14.26 -16.98
CA LYS A 361 32.45 -13.74 -16.18
C LYS A 361 32.34 -14.19 -14.72
N HIS A 362 31.78 -15.37 -14.49
CA HIS A 362 31.73 -15.92 -13.13
C HIS A 362 33.10 -16.39 -12.69
N GLN A 363 33.81 -17.12 -13.57
CA GLN A 363 35.11 -17.68 -13.21
C GLN A 363 36.17 -16.61 -13.06
N LEU A 364 36.03 -15.48 -13.78
CA LEU A 364 37.01 -14.41 -13.67
C LEU A 364 36.90 -13.70 -12.32
N LEU A 365 35.66 -13.41 -11.89
CA LEU A 365 35.49 -12.80 -10.58
C LEU A 365 35.80 -13.77 -9.45
N GLN A 366 35.53 -15.07 -9.65
CA GLN A 366 35.94 -16.07 -8.67
C GLN A 366 37.45 -16.18 -8.55
N SER A 367 38.15 -16.06 -9.69
CA SER A 367 39.62 -16.10 -9.68
C SER A 367 40.19 -14.84 -9.05
N PHE A 368 39.54 -13.69 -9.27
CA PHE A 368 39.98 -12.46 -8.62
C PHE A 368 39.76 -12.53 -7.11
N HIS A 369 38.68 -13.17 -6.67
CA HIS A 369 38.45 -13.34 -5.24
C HIS A 369 39.43 -14.33 -4.64
N ARG A 370 39.78 -15.39 -5.37
CA ARG A 370 40.63 -16.42 -4.81
C ARG A 370 42.10 -15.98 -4.78
N GLU A 371 42.62 -15.48 -5.91
CA GLU A 371 44.04 -15.20 -6.01
C GLU A 371 44.46 -13.88 -5.40
N VAL A 372 43.53 -12.93 -5.21
CA VAL A 372 43.92 -11.60 -4.75
C VAL A 372 43.32 -11.29 -3.38
N LEU A 373 42.00 -11.30 -3.28
CA LEU A 373 41.31 -10.96 -2.03
C LEU A 373 41.04 -12.20 -1.18
N HIS A 374 42.08 -12.97 -0.88
CA HIS A 374 41.94 -14.16 -0.07
C HIS A 374 42.03 -13.89 1.43
N LYS A 375 42.20 -12.63 1.82
CA LYS A 375 42.27 -12.25 3.23
C LYS A 375 41.25 -11.19 3.64
N GLN A 376 40.86 -10.29 2.75
CA GLN A 376 39.99 -9.18 3.12
C GLN A 376 38.54 -9.65 3.23
N THR A 377 37.71 -8.78 3.78
CA THR A 377 36.29 -9.05 3.88
C THR A 377 35.64 -8.98 2.50
N VAL A 378 34.85 -10.00 2.17
CA VAL A 378 34.28 -10.14 0.83
C VAL A 378 32.81 -10.56 0.98
N LEU A 379 31.92 -9.84 0.32
CA LEU A 379 30.50 -10.17 0.26
C LEU A 379 30.16 -10.51 -1.19
N VAL A 380 30.21 -11.79 -1.54
CA VAL A 380 29.81 -12.21 -2.88
C VAL A 380 28.30 -12.21 -2.97
N VAL A 381 27.76 -11.50 -3.96
CA VAL A 381 26.32 -11.39 -4.16
C VAL A 381 26.00 -11.97 -5.52
N ASN A 382 25.32 -13.12 -5.52
CA ASN A 382 24.86 -13.75 -6.75
C ASN A 382 23.59 -13.03 -7.20
N GLY A 383 23.74 -12.05 -8.08
CA GLY A 383 22.60 -11.30 -8.57
C GLY A 383 21.73 -12.04 -9.55
N PHE A 384 22.25 -13.13 -10.14
CA PHE A 384 21.47 -13.96 -11.04
C PHE A 384 20.56 -14.93 -10.30
N PHE A 385 20.62 -14.95 -8.97
CA PHE A 385 19.73 -15.78 -8.17
C PHE A 385 18.30 -15.25 -8.30
N PRO A 386 17.32 -16.09 -8.61
CA PRO A 386 15.99 -15.58 -8.93
C PRO A 386 15.13 -15.23 -7.71
N SER A 387 15.62 -15.45 -6.49
CA SER A 387 14.80 -15.19 -5.31
C SER A 387 15.63 -14.52 -4.22
N LEU A 388 16.50 -13.59 -4.59
CA LEU A 388 17.20 -12.82 -3.57
C LEU A 388 16.49 -11.49 -3.36
N THR A 389 16.75 -10.87 -2.21
CA THR A 389 16.16 -9.58 -1.88
C THR A 389 17.24 -8.62 -1.44
N ILE A 390 16.88 -7.33 -1.43
CA ILE A 390 17.77 -6.31 -0.88
C ILE A 390 17.83 -6.40 0.63
N LYS A 391 16.75 -6.87 1.25
CA LYS A 391 16.71 -7.07 2.70
C LYS A 391 17.72 -8.13 3.15
N ASP A 392 17.92 -9.17 2.34
CA ASP A 392 18.89 -10.21 2.68
C ASP A 392 20.32 -9.67 2.64
N MET A 393 20.66 -8.92 1.59
CA MET A 393 21.99 -8.33 1.47
C MET A 393 22.26 -7.31 2.57
N LEU A 394 21.28 -6.45 2.86
CA LEU A 394 21.48 -5.42 3.86
C LEU A 394 21.52 -6.01 5.26
N ASP A 395 20.71 -7.04 5.54
CA ASP A 395 20.79 -7.73 6.82
C ASP A 395 22.10 -8.49 6.95
N SER A 396 22.64 -8.99 5.84
CA SER A 396 23.94 -9.66 5.88
C SER A 396 25.06 -8.67 6.19
N ILE A 397 25.03 -7.49 5.59
CA ILE A 397 26.04 -6.46 5.88
C ILE A 397 25.89 -5.95 7.32
N THR A 398 24.65 -5.86 7.80
CA THR A 398 24.43 -5.32 9.15
C THR A 398 24.82 -6.32 10.23
N SER A 399 24.39 -7.58 10.10
CA SER A 399 24.51 -8.55 11.18
C SER A 399 25.68 -9.51 11.02
N ASP A 400 26.13 -9.80 9.79
CA ASP A 400 27.17 -10.79 9.61
C ASP A 400 28.57 -10.21 9.48
N ILE A 401 28.69 -8.95 9.06
CA ILE A 401 29.99 -8.28 9.04
C ILE A 401 30.16 -7.38 10.24
N LEU A 402 29.17 -6.52 10.51
CA LEU A 402 29.28 -5.54 11.58
C LEU A 402 28.81 -6.06 12.93
N ASP A 403 28.03 -7.15 12.96
CA ASP A 403 27.48 -7.77 14.18
C ASP A 403 26.66 -6.77 14.99
N ALA A 404 25.66 -6.16 14.35
CA ALA A 404 24.85 -5.12 14.97
C ALA A 404 23.35 -5.40 14.88
N GLY A 405 22.97 -6.67 14.95
CA GLY A 405 21.57 -7.03 14.87
C GLY A 405 21.03 -6.93 13.46
N ILE A 406 19.71 -7.16 13.34
CA ILE A 406 19.07 -7.10 12.04
C ILE A 406 18.90 -5.65 11.61
N SER A 407 18.96 -5.43 10.30
CA SER A 407 18.72 -4.11 9.74
C SER A 407 17.23 -3.76 9.83
N PRO A 408 16.88 -2.47 9.83
CA PRO A 408 15.47 -2.09 9.78
C PRO A 408 14.82 -2.47 8.46
N ALA A 409 13.48 -2.48 8.49
CA ALA A 409 12.72 -2.96 7.34
C ALA A 409 12.76 -1.97 6.17
N ASN A 410 12.78 -0.67 6.46
CA ASN A 410 12.96 0.31 5.41
C ASN A 410 14.43 0.34 5.01
N PRO A 411 14.77 0.13 3.74
CA PRO A 411 16.17 -0.14 3.39
C PRO A 411 17.07 1.09 3.41
N HIS A 412 16.53 2.28 3.16
CA HIS A 412 17.36 3.48 3.16
C HIS A 412 17.84 3.83 4.57
N GLU A 413 17.02 3.55 5.59
CA GLU A 413 17.50 3.67 6.96
C GLU A 413 18.59 2.67 7.28
N ALA A 414 18.53 1.48 6.68
CA ALA A 414 19.62 0.50 6.82
C ALA A 414 20.90 1.00 6.15
N VAL A 415 20.77 1.70 5.02
CA VAL A 415 21.96 2.25 4.36
C VAL A 415 22.54 3.40 5.18
N ASP A 416 21.68 4.21 5.82
CA ASP A 416 22.17 5.24 6.74
C ASP A 416 22.89 4.62 7.94
N MET A 417 22.37 3.50 8.44
CA MET A 417 23.02 2.79 9.54
C MET A 417 24.38 2.23 9.11
N ILE A 418 24.47 1.68 7.91
CA ILE A 418 25.72 1.13 7.41
C ILE A 418 26.75 2.24 7.18
N GLU A 419 26.31 3.40 6.68
CA GLU A 419 27.20 4.55 6.53
C GLU A 419 27.69 5.05 7.87
N GLU A 420 26.80 5.10 8.88
CA GLU A 420 27.19 5.61 10.19
C GLU A 420 28.13 4.65 10.92
N GLU A 421 27.96 3.35 10.72
CA GLU A 421 28.88 2.40 11.35
C GLU A 421 30.16 2.17 10.56
N PHE A 422 30.17 2.52 9.27
CA PHE A 422 31.40 2.46 8.50
C PHE A 422 32.21 3.75 8.56
N ALA A 423 31.59 4.85 8.98
CA ALA A 423 32.36 6.08 9.16
C ALA A 423 33.30 6.00 10.37
N LEU A 424 32.96 5.15 11.35
CA LEU A 424 33.73 5.06 12.58
C LEU A 424 34.97 4.17 12.44
N ILE A 425 35.03 3.29 11.45
CA ILE A 425 36.12 2.33 11.35
C ILE A 425 36.88 2.49 10.03
N PRO A 426 37.90 3.34 9.98
CA PRO A 426 38.75 3.41 8.78
C PRO A 426 39.67 2.20 8.70
N GLU A 427 40.19 1.98 7.48
CA GLU A 427 41.12 0.90 7.13
C GLU A 427 40.55 -0.48 7.41
N THR A 428 39.22 -0.62 7.33
CA THR A 428 38.53 -1.91 7.35
C THR A 428 37.76 -1.92 6.03
N HIS A 429 38.41 -2.41 4.98
CA HIS A 429 37.89 -2.28 3.63
C HIS A 429 37.04 -3.51 3.29
N LEU A 430 35.78 -3.26 2.97
CA LEU A 430 34.85 -4.32 2.60
C LEU A 430 34.70 -4.34 1.09
N PHE A 431 34.97 -5.50 0.48
CA PHE A 431 34.78 -5.70 -0.94
C PHE A 431 33.43 -6.38 -1.17
N LEU A 432 32.81 -6.08 -2.30
CA LEU A 432 31.64 -6.85 -2.69
C LEU A 432 31.61 -7.03 -4.20
N ILE A 433 31.33 -8.28 -4.60
CA ILE A 433 31.49 -8.73 -5.98
C ILE A 433 30.10 -9.15 -6.45
N VAL A 434 29.41 -8.26 -7.14
CA VAL A 434 28.06 -8.54 -7.64
C VAL A 434 28.20 -9.12 -9.04
N HIS A 435 28.10 -10.45 -9.12
CA HIS A 435 27.82 -11.09 -10.40
C HIS A 435 26.43 -10.68 -10.85
N ASN A 436 26.33 -10.18 -12.08
CA ASN A 436 25.06 -9.81 -12.73
C ASN A 436 24.32 -8.74 -11.93
N LEU A 437 24.90 -7.53 -11.96
CA LEU A 437 24.29 -6.33 -11.37
C LEU A 437 22.91 -6.01 -11.94
N ASP A 438 22.56 -6.53 -13.12
CA ASP A 438 21.25 -6.39 -13.73
C ASP A 438 20.46 -7.70 -13.70
N GLY A 439 20.52 -8.42 -12.59
CA GLY A 439 19.92 -9.73 -12.47
C GLY A 439 18.40 -9.71 -12.40
N ALA A 440 17.86 -10.75 -11.77
CA ALA A 440 16.41 -10.95 -11.77
C ALA A 440 15.71 -9.97 -10.85
N MET A 441 16.12 -9.91 -9.58
CA MET A 441 15.49 -9.04 -8.60
C MET A 441 16.32 -7.79 -8.31
N LEU A 442 17.19 -7.40 -9.24
CA LEU A 442 17.95 -6.16 -9.14
C LEU A 442 17.59 -5.18 -10.24
N ARG A 443 16.50 -5.43 -10.96
CA ARG A 443 16.10 -4.61 -12.10
C ARG A 443 15.18 -3.45 -11.73
N ASN A 444 14.82 -3.31 -10.46
CA ASN A 444 14.05 -2.14 -10.08
C ASN A 444 14.99 -0.95 -9.84
N VAL A 445 14.40 0.23 -9.70
CA VAL A 445 15.21 1.42 -9.50
C VAL A 445 15.61 1.57 -8.04
N LYS A 446 14.85 0.99 -7.11
CA LYS A 446 15.16 1.12 -5.69
C LYS A 446 16.41 0.32 -5.33
N ALA A 447 16.56 -0.88 -5.90
CA ALA A 447 17.73 -1.70 -5.63
C ALA A 447 19.00 -1.05 -6.19
N GLN A 448 18.89 -0.42 -7.35
CA GLN A 448 20.04 0.29 -7.92
C GLN A 448 20.37 1.54 -7.13
N ALA A 449 19.35 2.22 -6.58
CA ALA A 449 19.60 3.37 -5.71
C ALA A 449 20.30 2.95 -4.42
N ILE A 450 19.91 1.81 -3.85
CA ILE A 450 20.55 1.31 -2.64
C ILE A 450 21.97 0.87 -2.93
N LEU A 451 22.20 0.21 -4.07
CA LEU A 451 23.55 -0.20 -4.44
C LEU A 451 24.45 1.00 -4.75
N SER A 452 23.88 2.07 -5.31
CA SER A 452 24.68 3.26 -5.57
C SER A 452 24.96 4.04 -4.29
N ARG A 453 24.06 3.98 -3.31
CA ARG A 453 24.37 4.57 -2.01
C ARG A 453 25.40 3.74 -1.26
N LEU A 454 25.43 2.43 -1.48
CA LEU A 454 26.41 1.58 -0.82
C LEU A 454 27.79 1.72 -1.45
N ALA A 455 27.86 1.89 -2.77
CA ALA A 455 29.14 2.01 -3.45
C ALA A 455 29.78 3.38 -3.30
N ARG A 456 29.08 4.35 -2.72
CA ARG A 456 29.61 5.69 -2.53
C ARG A 456 30.56 5.80 -1.34
N ILE A 457 30.44 4.90 -0.38
CA ILE A 457 31.22 4.96 0.87
C ILE A 457 32.69 4.71 0.56
N PRO A 458 33.62 5.46 1.15
CA PRO A 458 35.05 5.28 0.82
C PRO A 458 35.67 3.98 1.31
N ASN A 459 34.95 3.18 2.10
CA ASN A 459 35.47 1.88 2.53
C ASN A 459 34.96 0.74 1.65
N ILE A 460 33.70 0.81 1.24
CA ILE A 460 33.11 -0.26 0.43
C ILE A 460 33.60 -0.15 -1.01
N HIS A 461 34.17 -1.25 -1.52
CA HIS A 461 34.60 -1.33 -2.91
C HIS A 461 33.74 -2.32 -3.65
N LEU A 462 33.57 -2.09 -4.95
CA LEU A 462 32.57 -2.80 -5.75
C LEU A 462 33.18 -3.32 -7.04
N LEU A 463 33.03 -4.61 -7.28
CA LEU A 463 33.19 -5.20 -8.60
C LEU A 463 31.84 -5.71 -9.07
N ALA A 464 31.56 -5.57 -10.36
CA ALA A 464 30.24 -5.98 -10.83
C ALA A 464 30.30 -6.43 -12.28
N SER A 465 29.34 -7.28 -12.63
CA SER A 465 29.18 -7.77 -13.98
C SER A 465 27.89 -7.23 -14.59
N ILE A 466 27.89 -7.09 -15.92
CA ILE A 466 26.76 -6.60 -16.69
C ILE A 466 26.54 -7.56 -17.86
N ASP A 467 25.29 -8.01 -18.03
CA ASP A 467 25.01 -8.95 -19.11
C ASP A 467 23.92 -8.49 -20.05
N HIS A 468 22.89 -7.80 -19.55
CA HIS A 468 21.79 -7.36 -20.38
C HIS A 468 22.21 -6.20 -21.28
N ILE A 469 21.47 -5.99 -22.35
CA ILE A 469 21.76 -4.91 -23.29
C ILE A 469 21.04 -3.60 -22.94
N ASN A 470 19.99 -3.66 -22.14
CA ASN A 470 19.24 -2.48 -21.74
C ASN A 470 19.54 -2.07 -20.30
N THR A 471 20.74 -2.39 -19.81
CA THR A 471 21.06 -2.13 -18.40
C THR A 471 21.15 -0.65 -18.04
N PRO A 472 21.87 0.25 -18.80
CA PRO A 472 21.96 1.64 -18.31
C PRO A 472 20.72 2.49 -18.52
N LEU A 473 19.58 1.89 -18.86
CA LEU A 473 18.33 2.64 -18.95
C LEU A 473 17.80 3.04 -17.58
N LEU A 474 18.27 2.39 -16.51
CA LEU A 474 17.85 2.70 -15.16
C LEU A 474 18.97 3.25 -14.28
N TRP A 475 19.98 3.86 -14.88
CA TRP A 475 20.99 4.62 -14.15
C TRP A 475 20.90 6.07 -14.64
N ASP A 476 20.46 6.97 -13.77
CA ASP A 476 20.47 8.39 -14.08
C ASP A 476 21.88 8.93 -13.82
N GLN A 477 22.04 10.26 -13.86
CA GLN A 477 23.36 10.83 -13.65
C GLN A 477 23.78 10.77 -12.18
N GLY A 478 22.83 10.74 -11.26
CA GLY A 478 23.17 10.55 -9.86
C GLY A 478 23.67 9.14 -9.56
N LYS A 479 23.00 8.12 -10.10
CA LYS A 479 23.46 6.76 -9.93
C LYS A 479 24.70 6.45 -10.75
N LEU A 480 25.01 7.26 -11.76
CA LEU A 480 26.22 7.04 -12.54
C LEU A 480 27.40 7.85 -12.05
N CYS A 481 27.16 8.90 -11.25
CA CYS A 481 28.25 9.57 -10.55
C CYS A 481 28.48 8.98 -9.16
N SER A 482 27.49 8.30 -8.59
CA SER A 482 27.72 7.53 -7.37
C SER A 482 28.55 6.30 -7.66
N PHE A 483 28.12 5.49 -8.62
CA PHE A 483 28.92 4.39 -9.12
C PHE A 483 30.12 4.99 -9.86
N ASN A 484 31.30 4.92 -9.24
CA ASN A 484 32.51 5.45 -9.85
C ASN A 484 33.16 4.39 -10.74
N PHE A 485 32.42 4.01 -11.78
CA PHE A 485 32.75 2.84 -12.59
C PHE A 485 33.99 3.07 -13.45
N SER A 486 34.63 1.96 -13.79
CA SER A 486 35.74 1.92 -14.75
C SER A 486 35.43 0.74 -15.67
N TRP A 487 34.96 1.05 -16.87
CA TRP A 487 34.40 0.04 -17.75
C TRP A 487 35.50 -0.77 -18.41
N TRP A 488 35.61 -2.05 -18.05
CA TRP A 488 36.58 -2.96 -18.62
C TRP A 488 35.87 -4.00 -19.48
N ASP A 489 36.52 -4.38 -20.58
CA ASP A 489 35.94 -5.31 -21.55
C ASP A 489 36.57 -6.68 -21.35
N CYS A 490 35.99 -7.47 -20.46
CA CYS A 490 36.41 -8.85 -20.22
C CYS A 490 35.50 -9.78 -20.99
N THR A 491 35.73 -9.85 -22.30
CA THR A 491 34.93 -10.67 -23.20
C THR A 491 35.57 -12.05 -23.28
N THR A 492 35.05 -12.99 -22.49
CA THR A 492 35.40 -14.39 -22.64
C THR A 492 34.45 -15.04 -23.64
N MET A 493 34.59 -16.35 -23.82
CA MET A 493 33.69 -17.09 -24.70
C MET A 493 33.06 -18.28 -23.98
N LEU A 494 33.09 -18.28 -22.65
CA LEU A 494 32.46 -19.34 -21.89
C LEU A 494 30.94 -19.22 -21.96
N PRO A 495 30.23 -20.35 -21.96
CA PRO A 495 28.77 -20.28 -22.03
C PRO A 495 28.14 -19.98 -20.68
N TYR A 496 26.95 -19.41 -20.73
CA TYR A 496 26.20 -19.05 -19.53
C TYR A 496 25.61 -20.33 -18.94
N THR A 497 26.39 -20.99 -18.09
CA THR A 497 25.97 -22.24 -17.48
C THR A 497 25.39 -22.07 -16.08
N ASN A 498 25.77 -21.02 -15.36
CA ASN A 498 25.26 -20.79 -14.01
C ASN A 498 24.11 -19.79 -13.98
N GLU A 499 24.11 -18.82 -14.91
CA GLU A 499 23.10 -17.77 -14.87
C GLU A 499 21.77 -18.23 -15.45
N THR A 500 21.77 -19.25 -16.30
CA THR A 500 20.55 -19.71 -16.96
C THR A 500 19.97 -20.97 -16.35
N ALA A 501 20.66 -21.61 -15.41
CA ALA A 501 20.17 -22.85 -14.81
C ALA A 501 19.06 -22.62 -13.78
N PHE A 502 18.82 -21.38 -13.37
CA PHE A 502 17.82 -21.11 -12.36
C PHE A 502 16.43 -21.00 -13.00
N GLU A 503 15.44 -20.64 -12.18
CA GLU A 503 14.04 -20.68 -12.60
C GLU A 503 13.64 -19.49 -13.47
N ASN A 504 14.53 -18.53 -13.71
CA ASN A 504 14.19 -17.39 -14.56
C ASN A 504 14.19 -17.75 -16.04
N SER A 505 14.72 -18.91 -16.41
CA SER A 505 14.76 -19.33 -17.81
C SER A 505 14.09 -20.68 -17.98
N ALA A 515 1.45 -31.34 -22.73
CA ALA A 515 2.25 -32.35 -23.43
C ALA A 515 1.52 -33.69 -23.45
N LEU A 516 2.23 -34.74 -23.86
CA LEU A 516 1.68 -36.09 -23.94
C LEU A 516 2.28 -37.02 -22.88
N SER A 517 3.59 -36.91 -22.62
CA SER A 517 4.25 -37.81 -21.69
C SER A 517 3.78 -37.57 -20.25
N SER A 518 3.64 -36.31 -19.86
CA SER A 518 3.09 -35.98 -18.55
C SER A 518 1.63 -36.41 -18.43
N MET A 519 0.88 -36.35 -19.54
CA MET A 519 -0.50 -36.82 -19.54
C MET A 519 -0.57 -38.32 -19.30
N ARG A 520 0.28 -39.09 -19.98
CA ARG A 520 0.30 -40.54 -19.76
C ARG A 520 0.79 -40.89 -18.35
N SER A 521 1.75 -40.12 -17.83
CA SER A 521 2.30 -40.41 -16.50
C SER A 521 1.29 -40.11 -15.39
N VAL A 522 0.52 -39.02 -15.54
CA VAL A 522 -0.51 -38.74 -14.55
C VAL A 522 -1.70 -39.70 -14.72
N PHE A 523 -2.03 -40.05 -15.97
CA PHE A 523 -3.14 -40.95 -16.25
C PHE A 523 -2.87 -42.36 -15.78
N SER A 524 -1.60 -42.77 -15.69
CA SER A 524 -1.26 -44.07 -15.14
C SER A 524 -1.32 -44.10 -13.61
N SER A 525 -1.57 -42.97 -12.97
CA SER A 525 -1.66 -42.89 -11.51
C SER A 525 -3.08 -42.71 -10.99
N LEU A 526 -4.03 -42.41 -11.87
CA LEU A 526 -5.42 -42.20 -11.45
C LEU A 526 -6.13 -43.53 -11.25
N THR A 527 -7.28 -43.47 -10.57
CA THR A 527 -8.11 -44.65 -10.35
C THR A 527 -8.97 -44.90 -11.59
N THR A 528 -9.87 -45.89 -11.51
CA THR A 528 -10.66 -46.26 -12.67
C THR A 528 -11.81 -45.29 -12.93
N ASN A 529 -12.35 -44.67 -11.90
CA ASN A 529 -13.42 -43.69 -12.09
C ASN A 529 -12.88 -42.40 -12.69
N SER A 530 -11.67 -42.00 -12.29
CA SER A 530 -11.01 -40.87 -12.93
C SER A 530 -10.64 -41.18 -14.37
N ARG A 531 -10.30 -42.44 -14.65
CA ARG A 531 -10.08 -42.88 -16.03
C ARG A 531 -11.34 -42.76 -16.86
N GLY A 532 -12.48 -43.17 -16.30
CA GLY A 532 -13.74 -43.05 -17.01
C GLY A 532 -14.17 -41.60 -17.25
N ILE A 533 -13.95 -40.74 -16.26
CA ILE A 533 -14.29 -39.32 -16.41
C ILE A 533 -13.39 -38.66 -17.45
N TYR A 534 -12.08 -38.94 -17.41
CA TYR A 534 -11.18 -38.35 -18.37
C TYR A 534 -11.39 -38.90 -19.77
N MET A 535 -11.78 -40.17 -19.90
CA MET A 535 -12.09 -40.70 -21.21
C MET A 535 -13.41 -40.15 -21.76
N LEU A 536 -14.36 -39.80 -20.87
CA LEU A 536 -15.57 -39.12 -21.33
C LEU A 536 -15.26 -37.73 -21.85
N ILE A 537 -14.37 -37.00 -21.15
CA ILE A 537 -13.96 -35.67 -21.62
C ILE A 537 -13.19 -35.77 -22.93
N VAL A 538 -12.33 -36.80 -23.07
CA VAL A 538 -11.58 -37.01 -24.30
C VAL A 538 -12.50 -37.37 -25.46
N LYS A 539 -13.52 -38.20 -25.19
CA LYS A 539 -14.47 -38.58 -26.23
C LYS A 539 -15.31 -37.41 -26.70
N TYR A 540 -15.74 -36.54 -25.77
CA TYR A 540 -16.48 -35.35 -26.18
C TYR A 540 -15.58 -34.36 -26.92
N GLN A 541 -14.32 -34.25 -26.52
CA GLN A 541 -13.40 -33.32 -27.18
C GLN A 541 -13.07 -33.79 -28.60
N LEU A 542 -12.92 -35.10 -28.79
CA LEU A 542 -12.66 -35.62 -30.13
C LEU A 542 -13.92 -35.73 -30.97
N LYS A 543 -15.10 -35.76 -30.35
CA LYS A 543 -16.35 -35.76 -31.13
C LYS A 543 -16.67 -34.36 -31.63
N ASN A 544 -16.81 -33.39 -30.72
CA ASN A 544 -17.22 -32.04 -31.10
C ASN A 544 -16.06 -31.15 -31.50
N LYS A 545 -14.85 -31.70 -31.63
CA LYS A 545 -13.63 -31.02 -32.09
C LYS A 545 -13.29 -29.75 -31.33
N GLY A 552 -14.45 -28.13 -25.89
CA GLY A 552 -14.88 -27.69 -24.58
C GLY A 552 -16.28 -28.15 -24.23
N MET A 553 -16.41 -28.86 -23.11
CA MET A 553 -17.76 -29.31 -22.78
C MET A 553 -18.28 -28.63 -21.53
N PRO A 554 -19.57 -28.32 -21.48
CA PRO A 554 -20.17 -27.78 -20.24
C PRO A 554 -20.23 -28.86 -19.16
N PHE A 555 -20.51 -28.38 -17.94
CA PHE A 555 -20.47 -29.28 -16.78
C PHE A 555 -21.67 -30.21 -16.73
N ARG A 556 -22.82 -29.80 -17.29
CA ARG A 556 -24.03 -30.59 -17.14
C ARG A 556 -24.01 -31.83 -18.03
N ASP A 557 -23.40 -31.73 -19.21
CA ASP A 557 -23.29 -32.90 -20.08
C ASP A 557 -22.35 -33.94 -19.50
N LEU A 558 -21.22 -33.51 -18.97
CA LEU A 558 -20.30 -34.41 -18.27
C LEU A 558 -20.96 -35.00 -17.02
N TYR A 559 -21.77 -34.19 -16.32
CA TYR A 559 -22.43 -34.65 -15.11
C TYR A 559 -23.46 -35.74 -15.41
N SER A 560 -24.22 -35.56 -16.51
CA SER A 560 -25.17 -36.59 -16.91
C SER A 560 -24.47 -37.83 -17.46
N SER A 561 -23.37 -37.64 -18.20
CA SER A 561 -22.64 -38.78 -18.74
C SER A 561 -21.91 -39.56 -17.67
N CYS A 562 -21.61 -38.93 -16.53
CA CYS A 562 -21.02 -39.65 -15.41
C CYS A 562 -22.06 -40.26 -14.49
N ARG A 563 -23.22 -39.63 -14.32
CA ARG A 563 -24.27 -40.26 -13.54
C ARG A 563 -24.97 -41.40 -14.27
N GLU A 564 -24.90 -41.44 -15.61
CA GLU A 564 -25.52 -42.56 -16.32
C GLU A 564 -24.69 -43.84 -16.17
N ALA A 565 -23.38 -43.72 -16.04
CA ALA A 565 -22.48 -44.87 -15.96
C ALA A 565 -22.03 -45.16 -14.53
N PHE A 566 -22.68 -44.55 -13.53
CA PHE A 566 -22.40 -44.73 -12.09
C PHE A 566 -20.95 -44.39 -11.74
N LEU A 567 -20.40 -43.38 -12.41
CA LEU A 567 -19.02 -42.98 -12.14
C LEU A 567 -18.90 -42.08 -10.91
N VAL A 568 -19.92 -41.26 -10.63
CA VAL A 568 -19.89 -40.34 -9.50
C VAL A 568 -21.14 -40.55 -8.65
N SER A 569 -21.03 -40.14 -7.39
CA SER A 569 -22.14 -40.24 -6.45
C SER A 569 -22.99 -38.98 -6.42
N SER A 570 -22.34 -37.82 -6.40
CA SER A 570 -23.04 -36.54 -6.33
C SER A 570 -22.20 -35.52 -7.10
N ASP A 571 -22.51 -34.23 -6.90
CA ASP A 571 -21.82 -33.18 -7.63
C ASP A 571 -20.42 -32.92 -7.10
N LEU A 572 -20.22 -33.06 -5.79
CA LEU A 572 -18.95 -32.68 -5.19
C LEU A 572 -17.85 -33.69 -5.49
N ALA A 573 -18.21 -34.94 -5.76
CA ALA A 573 -17.22 -35.93 -6.18
C ALA A 573 -16.64 -35.58 -7.55
N LEU A 574 -17.51 -35.26 -8.51
CA LEU A 574 -17.06 -34.84 -9.83
C LEU A 574 -16.33 -33.51 -9.78
N ARG A 575 -16.76 -32.60 -8.88
CA ARG A 575 -16.06 -31.33 -8.75
C ARG A 575 -14.68 -31.51 -8.14
N ALA A 576 -14.53 -32.45 -7.21
CA ALA A 576 -13.20 -32.74 -6.67
C ALA A 576 -12.30 -33.43 -7.69
N GLN A 577 -12.87 -34.30 -8.54
CA GLN A 577 -12.10 -34.91 -9.61
C GLN A 577 -11.63 -33.85 -10.61
N LEU A 578 -12.50 -32.91 -10.97
CA LEU A 578 -12.09 -31.85 -11.89
C LEU A 578 -11.12 -30.88 -11.23
N THR A 579 -11.22 -30.69 -9.91
CA THR A 579 -10.25 -29.85 -9.20
C THR A 579 -8.86 -30.48 -9.20
N GLU A 580 -8.80 -31.80 -8.98
CA GLU A 580 -7.54 -32.52 -9.10
C GLU A 580 -7.03 -32.51 -10.54
N PHE A 581 -7.93 -32.48 -11.52
CA PHE A 581 -7.51 -32.36 -12.92
C PHE A 581 -6.92 -30.99 -13.21
N LEU A 582 -7.50 -29.93 -12.63
CA LEU A 582 -6.95 -28.59 -12.82
C LEU A 582 -5.61 -28.43 -12.12
N ASP A 583 -5.45 -29.07 -10.96
CA ASP A 583 -4.20 -28.93 -10.21
C ASP A 583 -3.06 -29.73 -10.82
N HIS A 584 -3.36 -30.83 -11.50
CA HIS A 584 -2.34 -31.63 -12.17
C HIS A 584 -2.15 -31.24 -13.64
N LYS A 585 -2.85 -30.19 -14.10
CA LYS A 585 -2.73 -29.61 -15.44
C LYS A 585 -3.05 -30.62 -16.54
N LEU A 586 -4.28 -31.10 -16.51
CA LEU A 586 -4.83 -31.93 -17.60
C LEU A 586 -6.12 -31.40 -18.19
N VAL A 587 -6.84 -30.51 -17.49
CA VAL A 587 -8.12 -29.96 -17.94
C VAL A 587 -8.06 -28.46 -17.72
N LYS A 588 -8.54 -27.69 -18.69
CA LYS A 588 -8.63 -26.24 -18.58
C LYS A 588 -10.09 -25.83 -18.49
N SER A 589 -10.48 -25.25 -17.36
CA SER A 589 -11.85 -24.86 -17.11
C SER A 589 -12.01 -23.35 -17.22
N LYS A 590 -12.96 -22.93 -18.04
CA LYS A 590 -13.25 -21.50 -18.25
C LYS A 590 -14.75 -21.30 -18.15
N ARG A 591 -15.17 -20.44 -17.23
CA ARG A 591 -16.59 -20.12 -17.08
C ARG A 591 -17.04 -19.08 -18.09
N GLU A 597 -19.11 -23.58 -17.21
CA GLU A 597 -17.76 -24.04 -16.91
C GLU A 597 -17.28 -25.04 -17.97
N GLN A 598 -16.72 -24.51 -19.05
CA GLN A 598 -16.29 -25.33 -20.18
C GLN A 598 -14.92 -25.93 -19.91
N LEU A 599 -14.75 -27.18 -20.33
CA LEU A 599 -13.56 -27.98 -20.04
C LEU A 599 -12.87 -28.33 -21.36
N THR A 600 -11.79 -27.62 -21.66
CA THR A 600 -10.99 -27.85 -22.86
C THR A 600 -9.64 -28.43 -22.45
N ILE A 601 -9.25 -29.52 -23.09
CA ILE A 601 -7.91 -30.07 -22.95
C ILE A 601 -7.00 -29.34 -23.94
N PRO A 602 -5.93 -28.69 -23.49
CA PRO A 602 -5.13 -27.82 -24.38
C PRO A 602 -4.12 -28.60 -25.22
N ILE A 603 -4.64 -29.48 -26.08
CA ILE A 603 -3.84 -30.22 -27.06
C ILE A 603 -4.62 -30.29 -28.36
N ASP A 604 -3.98 -30.85 -29.39
CA ASP A 604 -4.58 -30.97 -30.70
C ASP A 604 -5.40 -32.26 -30.82
N GLY A 605 -5.85 -32.54 -32.05
CA GLY A 605 -6.65 -33.73 -32.29
C GLY A 605 -5.86 -34.98 -32.64
N ALA A 606 -4.66 -34.83 -33.19
CA ALA A 606 -3.88 -35.97 -33.62
C ALA A 606 -3.23 -36.70 -32.44
N LEU A 607 -2.62 -35.94 -31.54
CA LEU A 607 -2.04 -36.54 -30.33
C LEU A 607 -3.13 -37.07 -29.42
N LEU A 608 -4.29 -36.41 -29.38
CA LEU A 608 -5.39 -36.93 -28.57
C LEU A 608 -6.00 -38.17 -29.22
N GLN A 609 -5.98 -38.27 -30.54
CA GLN A 609 -6.48 -39.47 -31.22
C GLN A 609 -5.54 -40.65 -30.99
N GLN A 610 -4.22 -40.41 -31.06
CA GLN A 610 -3.29 -41.48 -30.77
C GLN A 610 -3.30 -41.87 -29.29
N PHE A 611 -3.60 -40.91 -28.41
CA PHE A 611 -3.77 -41.22 -26.99
C PHE A 611 -5.03 -42.04 -26.75
N LEU A 612 -6.11 -41.75 -27.50
CA LEU A 612 -7.33 -42.52 -27.35
C LEU A 612 -7.18 -43.94 -27.89
N GLU A 613 -6.46 -44.12 -28.99
CA GLU A 613 -6.26 -45.49 -29.46
C GLU A 613 -5.17 -46.22 -28.67
N GLU A 614 -4.39 -45.50 -27.85
CA GLU A 614 -3.46 -46.16 -26.95
C GLU A 614 -4.15 -46.92 -25.83
N GLN A 615 -5.41 -46.60 -25.51
CA GLN A 615 -6.14 -47.29 -24.46
C GLN A 615 -7.16 -48.30 -25.02
N GLU A 616 -6.87 -48.90 -26.16
CA GLU A 616 -7.74 -49.95 -26.70
C GLU A 616 -6.98 -51.26 -26.83
N MET B 1 26.60 -25.52 -10.16
CA MET B 1 27.62 -26.46 -10.62
C MET B 1 28.79 -26.51 -9.65
N ASP B 2 29.26 -25.33 -9.26
CA ASP B 2 30.37 -25.20 -8.33
C ASP B 2 29.84 -25.26 -6.90
N PRO B 3 30.68 -25.68 -5.94
CA PRO B 3 30.26 -25.62 -4.52
C PRO B 3 30.07 -24.20 -3.98
N THR B 4 30.57 -23.17 -4.66
CA THR B 4 30.30 -21.80 -4.20
C THR B 4 28.86 -21.38 -4.52
N ILE B 5 28.39 -21.69 -5.72
CA ILE B 5 27.02 -21.35 -6.11
C ILE B 5 26.06 -22.39 -5.53
N SER B 6 25.05 -21.92 -4.81
CA SER B 6 24.05 -22.77 -4.19
C SER B 6 22.66 -22.40 -4.72
N VAL B 7 21.66 -23.13 -4.25
CA VAL B 7 20.27 -22.90 -4.66
C VAL B 7 19.43 -22.25 -3.57
N SER B 8 19.99 -22.03 -2.38
CA SER B 8 19.30 -21.36 -1.30
C SER B 8 19.84 -19.96 -1.03
N LYS B 9 21.13 -19.83 -0.76
CA LYS B 9 21.70 -18.54 -0.42
C LYS B 9 21.95 -17.69 -1.66
N GLY B 10 21.86 -16.37 -1.46
CA GLY B 10 22.17 -15.42 -2.52
C GLY B 10 23.41 -14.63 -2.21
N CYS B 11 23.72 -14.47 -0.92
CA CYS B 11 24.90 -13.74 -0.47
C CYS B 11 25.79 -14.68 0.32
N PHE B 12 27.09 -14.41 0.29
CA PHE B 12 28.09 -15.24 0.96
C PHE B 12 29.08 -14.34 1.68
N VAL B 13 29.21 -14.53 2.99
CA VAL B 13 30.03 -13.68 3.83
C VAL B 13 31.37 -14.37 4.05
N TYR B 14 32.45 -13.60 3.94
CA TYR B 14 33.81 -14.06 4.20
C TYR B 14 34.48 -13.14 5.21
N LYS B 15 33.77 -12.90 6.32
CA LYS B 15 34.21 -11.97 7.35
C LYS B 15 35.50 -12.42 8.01
N ASN B 16 36.51 -11.55 7.98
CA ASN B 16 37.83 -11.83 8.57
C ASN B 16 38.16 -10.71 9.55
N GLY B 17 37.70 -10.86 10.79
CA GLY B 17 38.03 -9.91 11.83
C GLY B 17 37.39 -8.54 11.69
N ALA B 18 36.19 -8.47 11.13
CA ALA B 18 35.48 -7.21 11.03
C ALA B 18 34.93 -6.80 12.40
N THR B 19 34.91 -5.49 12.64
CA THR B 19 34.54 -4.97 13.95
C THR B 19 33.47 -3.90 13.85
N ARG B 20 33.16 -3.25 14.97
CA ARG B 20 32.12 -2.23 15.02
C ARG B 20 32.39 -1.21 16.11
N SER B 38 44.75 2.21 3.00
CA SER B 38 45.15 1.88 1.63
C SER B 38 45.12 0.38 1.40
N LEU B 39 44.62 -0.02 0.22
CA LEU B 39 44.63 -1.44 -0.14
C LEU B 39 46.04 -1.93 -0.43
N LEU B 40 46.85 -1.12 -1.09
CA LEU B 40 48.22 -1.49 -1.41
C LEU B 40 49.10 -1.38 -0.18
N GLY B 41 50.05 -2.30 -0.06
CA GLY B 41 50.93 -2.37 1.07
C GLY B 41 52.06 -1.38 1.01
N LYS B 42 53.21 -1.79 1.55
CA LYS B 42 54.40 -0.94 1.57
C LYS B 42 55.13 -0.95 0.23
N GLU B 43 54.79 -1.86 -0.67
CA GLU B 43 55.51 -2.00 -1.94
C GLU B 43 55.23 -0.82 -2.87
N VAL B 44 53.97 -0.38 -2.94
CA VAL B 44 53.60 0.64 -3.90
C VAL B 44 53.74 2.06 -3.32
N VAL B 45 53.47 2.23 -2.02
CA VAL B 45 53.43 3.56 -1.42
C VAL B 45 54.82 4.17 -1.32
N GLN B 46 55.85 3.35 -1.12
CA GLN B 46 57.21 3.88 -1.06
C GLN B 46 57.78 4.17 -2.43
N GLN B 47 57.12 3.74 -3.50
CA GLN B 47 57.60 4.02 -4.85
C GLN B 47 57.34 5.50 -5.18
N PRO B 48 58.25 6.14 -5.93
CA PRO B 48 58.13 7.60 -6.11
C PRO B 48 56.95 8.04 -6.97
N PHE B 49 56.52 7.22 -7.94
CA PHE B 49 55.44 7.63 -8.83
C PHE B 49 54.11 7.74 -8.07
N TYR B 50 53.92 6.91 -7.05
CA TYR B 50 52.70 7.00 -6.26
C TYR B 50 52.68 8.27 -5.42
N GLU B 51 53.84 8.67 -4.88
CA GLU B 51 53.90 9.89 -4.09
C GLU B 51 53.70 11.13 -4.97
N GLU B 52 54.30 11.14 -6.17
CA GLU B 52 54.10 12.31 -7.03
C GLU B 52 52.68 12.37 -7.57
N TYR B 53 52.07 11.22 -7.85
CA TYR B 53 50.66 11.19 -8.27
C TYR B 53 49.74 11.68 -7.17
N ARG B 54 49.96 11.23 -5.93
CA ARG B 54 49.15 11.65 -4.80
C ARG B 54 49.31 13.15 -4.52
N LYS B 55 50.54 13.66 -4.65
CA LYS B 55 50.79 15.08 -4.42
C LYS B 55 50.13 15.95 -5.48
N ALA B 56 50.25 15.57 -6.76
CA ALA B 56 49.65 16.33 -7.84
C ALA B 56 48.12 16.28 -7.76
N TRP B 57 47.56 15.13 -7.41
CA TRP B 57 46.11 15.04 -7.31
C TRP B 57 45.57 15.81 -6.12
N ASN B 58 46.30 15.83 -5.00
CA ASN B 58 45.87 16.62 -3.85
C ASN B 58 45.92 18.11 -4.15
N GLN B 59 46.96 18.56 -4.87
CA GLN B 59 47.06 19.97 -5.28
C GLN B 59 45.90 20.37 -6.18
N ILE B 60 45.61 19.56 -7.20
CA ILE B 60 44.56 19.90 -8.16
C ILE B 60 43.18 19.82 -7.50
N ASN B 61 42.97 18.87 -6.59
CA ASN B 61 41.68 18.75 -5.92
C ASN B 61 41.43 19.91 -4.96
N ASP B 62 42.47 20.35 -4.23
CA ASP B 62 42.32 21.51 -3.36
C ASP B 62 42.07 22.78 -4.18
N HIS B 63 42.69 22.90 -5.35
CA HIS B 63 42.48 24.07 -6.19
C HIS B 63 41.05 24.13 -6.74
N ILE B 64 40.53 23.00 -7.21
CA ILE B 64 39.17 23.00 -7.75
C ILE B 64 38.14 23.17 -6.64
N ALA B 65 38.41 22.63 -5.45
CA ALA B 65 37.52 22.86 -4.31
C ALA B 65 37.49 24.33 -3.90
N ASP B 66 38.66 24.98 -3.91
CA ASP B 66 38.70 26.41 -3.58
C ASP B 66 37.97 27.24 -4.62
N LEU B 67 38.07 26.88 -5.90
CA LEU B 67 37.33 27.60 -6.92
C LEU B 67 35.82 27.41 -6.77
N GLN B 68 35.38 26.22 -6.36
CA GLN B 68 33.95 26.02 -6.13
C GLN B 68 33.45 26.81 -4.93
N HIS B 69 34.26 26.92 -3.87
CA HIS B 69 33.87 27.77 -2.74
C HIS B 69 33.80 29.24 -3.12
N ARG B 70 34.76 29.73 -3.91
CA ARG B 70 34.71 31.12 -4.33
C ARG B 70 33.58 31.38 -5.32
N SER B 71 33.14 30.34 -6.04
CA SER B 71 31.98 30.49 -6.90
C SER B 71 30.69 30.55 -6.10
N TYR B 72 30.60 29.76 -5.02
CA TYR B 72 29.33 29.64 -4.29
C TYR B 72 29.15 30.67 -3.19
N ALA B 73 30.23 31.33 -2.73
CA ALA B 73 30.19 32.11 -1.48
C ALA B 73 29.25 33.32 -1.54
N ARG B 74 29.01 33.90 -2.72
CA ARG B 74 28.17 35.09 -2.81
C ARG B 74 26.70 34.75 -2.55
N THR B 75 26.17 33.75 -3.26
CA THR B 75 24.80 33.35 -3.01
C THR B 75 24.65 32.58 -1.68
N LEU B 76 25.74 32.00 -1.17
CA LEU B 76 25.70 31.46 0.20
C LEU B 76 25.52 32.59 1.21
N GLU B 77 26.20 33.71 1.01
CA GLU B 77 26.03 34.86 1.90
C GLU B 77 24.65 35.49 1.76
N GLN B 78 24.09 35.47 0.54
CA GLN B 78 22.73 35.97 0.36
C GLN B 78 21.70 35.07 1.05
N LEU B 79 21.92 33.74 1.03
CA LEU B 79 21.02 32.84 1.75
C LEU B 79 21.13 33.02 3.26
N VAL B 80 22.35 33.22 3.77
CA VAL B 80 22.51 33.45 5.21
C VAL B 80 21.89 34.78 5.61
N ASP B 81 21.99 35.81 4.76
CA ASP B 81 21.33 37.08 5.04
C ASP B 81 19.81 36.95 5.01
N PHE B 82 19.27 36.14 4.10
CA PHE B 82 17.83 35.90 4.06
C PHE B 82 17.34 35.18 5.32
N VAL B 83 18.08 34.16 5.76
CA VAL B 83 17.68 33.39 6.94
C VAL B 83 17.77 34.25 8.20
N VAL B 84 18.84 35.05 8.32
CA VAL B 84 18.99 35.90 9.50
C VAL B 84 17.96 37.04 9.48
N GLY B 85 17.62 37.57 8.31
CA GLY B 85 16.58 38.58 8.23
C GLY B 85 15.19 38.03 8.52
N GLN B 86 14.95 36.76 8.22
CA GLN B 86 13.72 36.13 8.68
C GLN B 86 13.76 35.87 10.18
N ALA B 87 14.95 35.64 10.74
CA ALA B 87 15.07 35.44 12.17
C ALA B 87 14.83 36.74 12.95
N GLU B 88 15.19 37.89 12.36
CA GLU B 88 15.03 39.16 13.03
C GLU B 88 13.59 39.68 13.00
N ARG B 89 12.69 39.00 12.30
CA ARG B 89 11.29 39.42 12.23
C ARG B 89 10.56 39.15 13.55
N GLU B 94 -0.32 32.24 9.35
CA GLU B 94 0.80 33.01 8.82
C GLU B 94 1.56 32.17 7.80
N VAL B 95 2.02 32.82 6.73
CA VAL B 95 2.74 32.13 5.66
C VAL B 95 4.16 31.81 6.12
N LEU B 96 4.78 30.85 5.43
CA LEU B 96 6.15 30.52 5.79
C LEU B 96 7.11 31.06 4.74
N PRO B 97 8.26 31.61 5.16
CA PRO B 97 9.24 32.13 4.19
C PRO B 97 10.02 31.00 3.55
N THR B 98 9.94 30.91 2.23
CA THR B 98 10.69 29.92 1.46
C THR B 98 11.55 30.62 0.42
N ALA B 99 12.54 29.88 -0.08
CA ALA B 99 13.59 30.44 -0.93
C ALA B 99 13.96 29.40 -1.99
N ALA B 100 13.39 29.55 -3.18
CA ALA B 100 13.70 28.65 -4.28
C ALA B 100 15.11 28.94 -4.80
N LEU B 101 16.00 27.97 -4.65
CA LEU B 101 17.39 28.11 -5.07
C LEU B 101 17.53 27.47 -6.45
N LEU B 102 17.61 28.31 -7.47
CA LEU B 102 17.64 27.85 -8.87
C LEU B 102 19.00 27.25 -9.18
N THR B 103 19.15 25.98 -8.81
CA THR B 103 20.35 25.21 -9.13
C THR B 103 20.20 24.58 -10.51
N GLY B 104 21.30 24.02 -11.01
CA GLY B 104 21.32 23.44 -12.34
C GLY B 104 20.68 22.06 -12.38
N ILE B 105 20.80 21.43 -13.55
CA ILE B 105 20.24 20.09 -13.74
C ILE B 105 21.06 19.02 -13.06
N ASN B 106 22.28 19.33 -12.60
CA ASN B 106 23.15 18.37 -11.95
C ASN B 106 22.98 18.48 -10.43
N GLN B 107 21.97 17.79 -9.92
CA GLN B 107 21.68 17.86 -8.49
C GLN B 107 22.75 17.21 -7.60
N PRO B 108 23.28 16.00 -7.86
CA PRO B 108 24.36 15.51 -6.99
C PRO B 108 25.71 16.18 -7.19
N ASP B 109 25.82 17.09 -8.16
CA ASP B 109 26.96 17.99 -8.22
C ASP B 109 26.82 19.13 -7.20
N HIS B 110 25.59 19.47 -6.81
CA HIS B 110 25.34 20.70 -6.07
C HIS B 110 24.94 20.50 -4.62
N LEU B 111 24.77 19.24 -4.16
CA LEU B 111 24.25 18.99 -2.81
C LEU B 111 25.21 19.50 -1.74
N SER B 112 26.52 19.48 -2.04
CA SER B 112 27.54 19.96 -1.12
C SER B 112 27.38 21.46 -0.87
N GLN B 113 26.81 22.19 -1.84
CA GLN B 113 26.36 23.57 -1.66
C GLN B 113 25.55 23.72 -0.37
N PHE B 114 24.49 22.91 -0.26
CA PHE B 114 23.64 22.93 0.94
C PHE B 114 24.42 22.57 2.19
N THR B 115 25.40 21.65 2.05
CA THR B 115 26.26 21.26 3.17
C THR B 115 27.01 22.46 3.72
N ALA B 116 27.56 23.29 2.83
CA ALA B 116 28.28 24.47 3.26
C ALA B 116 27.35 25.44 3.96
N LEU B 117 26.11 25.55 3.45
CA LEU B 117 25.12 26.44 4.06
C LEU B 117 24.80 25.99 5.47
N THR B 118 24.78 24.66 5.69
CA THR B 118 24.52 24.12 7.02
C THR B 118 25.56 24.58 8.02
N GLN B 119 26.84 24.59 7.60
CA GLN B 119 27.89 25.03 8.51
C GLN B 119 27.77 26.52 8.81
N ARG B 120 27.32 27.31 7.82
CA ARG B 120 27.13 28.73 8.07
C ARG B 120 25.97 28.95 9.03
N LEU B 121 24.94 28.09 8.95
CA LEU B 121 23.84 28.21 9.88
C LEU B 121 24.21 27.69 11.27
N HIS B 122 25.32 26.95 11.38
CA HIS B 122 25.87 26.63 12.68
C HIS B 122 27.11 27.46 13.00
N ALA B 123 27.37 28.50 12.20
CA ALA B 123 28.44 29.44 12.55
C ALA B 123 27.94 30.49 13.53
N GLN B 124 26.84 31.16 13.19
CA GLN B 124 26.30 32.26 13.98
C GLN B 124 25.25 31.81 14.97
N ARG B 125 25.01 30.49 15.10
CA ARG B 125 23.92 29.90 15.87
C ARG B 125 22.57 30.51 15.47
N ALA B 126 22.35 30.57 14.16
CA ALA B 126 21.19 31.27 13.63
C ALA B 126 19.98 30.37 13.43
N ALA B 127 20.19 29.10 13.08
CA ALA B 127 19.08 28.23 12.72
C ALA B 127 19.47 26.78 12.93
N MET B 128 18.50 25.90 12.72
CA MET B 128 18.67 24.46 12.83
C MET B 128 18.27 23.82 11.51
N VAL B 129 19.13 22.95 10.98
CA VAL B 129 19.06 22.50 9.60
C VAL B 129 18.59 21.05 9.57
N CYS B 130 17.57 20.78 8.75
CA CYS B 130 17.13 19.43 8.43
C CYS B 130 17.06 19.26 6.93
N VAL B 131 17.65 18.18 6.43
CA VAL B 131 17.70 17.89 5.00
C VAL B 131 16.71 16.77 4.73
N LEU B 132 15.69 17.06 3.91
CA LEU B 132 14.66 16.09 3.55
C LEU B 132 14.96 15.56 2.17
N GLN B 133 15.41 14.31 2.09
CA GLN B 133 15.67 13.67 0.81
C GLN B 133 14.40 13.01 0.29
N SER B 134 14.26 12.99 -1.04
CA SER B 134 13.04 12.47 -1.67
C SER B 134 12.87 10.97 -1.50
N ARG B 135 13.97 10.25 -1.26
CA ARG B 135 13.90 8.80 -1.11
C ARG B 135 13.26 8.40 0.22
N ASP B 136 13.39 9.25 1.24
CA ASP B 136 12.85 8.96 2.56
C ASP B 136 11.50 9.63 2.81
N CYS B 137 10.82 10.07 1.76
CA CYS B 137 9.57 10.82 1.88
C CYS B 137 8.51 10.27 0.92
N ALA B 138 8.33 8.95 0.95
CA ALA B 138 7.32 8.32 0.09
C ALA B 138 5.91 8.69 0.53
N THR B 139 5.64 8.72 1.83
CA THR B 139 4.34 9.08 2.37
C THR B 139 4.46 10.34 3.21
N LEU B 140 3.31 10.85 3.67
CA LEU B 140 3.31 12.03 4.53
C LEU B 140 3.83 11.69 5.93
N LYS B 141 3.45 10.51 6.42
CA LYS B 141 3.85 10.02 7.76
C LYS B 141 5.37 9.86 7.85
N ALA B 142 5.98 9.28 6.81
CA ALA B 142 7.43 9.09 6.76
C ALA B 142 8.17 10.41 6.62
N ALA B 143 7.59 11.36 5.89
CA ALA B 143 8.23 12.67 5.72
C ALA B 143 8.18 13.47 7.02
N VAL B 144 7.08 13.39 7.76
CA VAL B 144 6.99 14.09 9.04
C VAL B 144 7.93 13.47 10.07
N GLU B 145 8.03 12.14 10.10
CA GLU B 145 8.99 11.47 10.98
C GLU B 145 10.43 11.82 10.61
N THR B 146 10.74 11.89 9.32
CA THR B 146 12.09 12.23 8.89
C THR B 146 12.43 13.67 9.24
N LEU B 147 11.46 14.59 9.13
CA LEU B 147 11.68 15.98 9.49
C LEU B 147 11.93 16.17 10.98
N VAL B 148 11.08 15.57 11.82
CA VAL B 148 11.22 15.76 13.26
C VAL B 148 12.46 15.03 13.77
N PHE B 149 12.75 13.85 13.23
CA PHE B 149 13.96 13.11 13.60
C PHE B 149 15.22 13.86 13.16
N GLY B 150 15.19 14.49 11.99
CA GLY B 150 16.35 15.26 11.54
C GLY B 150 16.60 16.48 12.39
N LEU B 151 15.54 17.18 12.80
CA LEU B 151 15.73 18.35 13.65
C LEU B 151 16.20 17.97 15.05
N VAL B 152 15.64 16.90 15.63
CA VAL B 152 16.02 16.49 16.98
C VAL B 152 17.44 15.93 16.99
N GLU B 153 17.83 15.17 15.96
CA GLU B 153 19.19 14.65 15.96
C GLU B 153 20.20 15.69 15.51
N ASP B 154 19.78 16.73 14.80
CA ASP B 154 20.66 17.89 14.60
C ASP B 154 20.92 18.60 15.93
N ASN B 155 19.90 18.70 16.78
CA ASN B 155 20.10 19.24 18.12
C ASN B 155 21.03 18.35 18.95
N ALA B 156 20.86 17.03 18.85
CA ALA B 156 21.71 16.12 19.60
C ALA B 156 23.13 16.04 19.06
N GLU B 157 23.34 16.41 17.79
CA GLU B 157 24.68 16.43 17.22
C GLU B 157 25.40 17.74 17.51
N VAL B 158 24.68 18.86 17.53
CA VAL B 158 25.33 20.15 17.69
C VAL B 158 25.86 20.33 19.12
N GLU B 159 25.04 20.04 20.13
CA GLU B 159 25.47 20.23 21.51
C GLU B 159 26.38 19.10 21.97
N ARG B 177 18.73 7.95 22.11
CA ARG B 177 18.04 7.92 20.83
C ARG B 177 16.54 7.67 21.01
N LEU B 178 15.73 8.49 20.36
CA LEU B 178 14.28 8.28 20.33
C LEU B 178 13.91 7.46 19.12
N ARG B 179 12.89 6.62 19.26
CA ARG B 179 12.44 5.80 18.15
C ARG B 179 11.65 6.66 17.16
N ARG B 180 11.51 6.13 15.94
CA ARG B 180 10.80 6.86 14.91
C ARG B 180 9.28 6.79 15.06
N SER B 181 8.78 5.97 15.99
CA SER B 181 7.34 5.94 16.24
C SER B 181 6.87 7.21 16.96
N GLN B 182 7.70 7.75 17.84
CA GLN B 182 7.36 8.95 18.62
C GLN B 182 7.95 10.22 18.01
N CYS B 183 8.09 10.26 16.68
CA CYS B 183 8.60 11.45 15.99
C CYS B 183 7.42 12.16 15.32
N THR B 184 6.78 13.04 16.08
CA THR B 184 5.64 13.81 15.60
C THR B 184 5.84 15.29 15.91
N MET B 185 4.93 16.10 15.39
CA MET B 185 5.01 17.55 15.56
C MET B 185 4.68 17.97 16.98
N LYS B 186 3.95 17.14 17.73
CA LYS B 186 3.66 17.40 19.13
C LYS B 186 4.94 17.35 19.97
N GLN B 187 5.76 16.32 19.75
CA GLN B 187 7.03 16.21 20.46
C GLN B 187 8.00 17.30 20.02
N LEU B 188 7.94 17.70 18.76
CA LEU B 188 8.79 18.78 18.26
C LEU B 188 8.42 20.11 18.90
N LYS B 189 7.12 20.38 19.05
CA LYS B 189 6.70 21.62 19.68
C LYS B 189 7.01 21.62 21.17
N SER B 190 6.89 20.46 21.84
CA SER B 190 7.25 20.38 23.24
C SER B 190 8.76 20.57 23.45
N TRP B 191 9.57 19.99 22.56
CA TRP B 191 11.02 20.14 22.64
C TRP B 191 11.47 21.58 22.35
N TYR B 192 10.84 22.22 21.36
CA TYR B 192 11.19 23.60 21.06
C TYR B 192 10.71 24.57 22.14
N THR B 193 9.60 24.27 22.81
CA THR B 193 9.19 25.11 23.92
C THR B 193 10.06 24.86 25.15
N ASN B 194 10.58 23.63 25.29
CA ASN B 194 11.42 23.31 26.43
C ASN B 194 12.81 23.92 26.30
N ASN B 195 13.37 23.94 25.08
CA ASN B 195 14.78 24.32 24.91
C ASN B 195 14.99 25.76 24.46
N PHE B 196 14.43 26.15 23.32
CA PHE B 196 14.83 27.37 22.65
C PHE B 196 13.90 28.55 22.90
N ASP B 197 12.90 28.41 23.77
CA ASP B 197 12.06 29.56 24.09
C ASP B 197 12.77 30.51 25.04
N SER B 198 13.72 29.99 25.83
CA SER B 198 14.39 30.80 26.85
C SER B 198 15.42 31.75 26.26
N GLU B 199 15.80 31.58 24.99
CA GLU B 199 16.78 32.46 24.38
C GLU B 199 16.13 33.75 23.87
N ARG B 202 15.28 34.40 18.08
CA ARG B 202 14.60 33.12 17.87
C ARG B 202 15.42 32.21 16.96
N ARG B 203 15.50 30.93 17.33
CA ARG B 203 16.20 29.94 16.51
C ARG B 203 15.28 29.46 15.41
N GLN B 204 15.66 29.70 14.16
CA GLN B 204 14.86 29.27 13.02
C GLN B 204 14.99 27.77 12.81
N LEU B 205 14.06 27.22 12.03
CA LEU B 205 14.04 25.80 11.69
C LEU B 205 14.07 25.70 10.17
N VAL B 206 15.25 25.45 9.61
CA VAL B 206 15.44 25.43 8.17
C VAL B 206 15.20 24.02 7.66
N VAL B 207 14.37 23.89 6.63
CA VAL B 207 14.01 22.62 6.03
C VAL B 207 14.52 22.64 4.60
N ILE B 208 15.61 21.91 4.33
CA ILE B 208 16.24 21.92 3.02
C ILE B 208 15.68 20.78 2.17
N LEU B 209 15.19 21.12 1.00
CA LEU B 209 14.69 20.14 0.03
C LEU B 209 15.60 20.17 -1.19
N PRO B 210 16.58 19.27 -1.29
CA PRO B 210 17.57 19.38 -2.37
C PRO B 210 17.04 19.01 -3.74
N ASP B 211 16.20 17.99 -3.83
CA ASP B 211 15.63 17.54 -5.11
C ASP B 211 14.13 17.81 -5.11
N PHE B 212 13.76 19.01 -5.58
CA PHE B 212 12.37 19.43 -5.54
C PHE B 212 11.53 18.71 -6.60
N GLU B 213 12.14 18.33 -7.73
CA GLU B 213 11.39 17.72 -8.81
C GLU B 213 11.07 16.26 -8.53
N CYS B 214 11.95 15.57 -7.80
CA CYS B 214 11.79 14.15 -7.55
C CYS B 214 10.79 13.84 -6.44
N PHE B 215 10.28 14.86 -5.73
CA PHE B 215 9.29 14.64 -4.69
C PHE B 215 7.95 14.24 -5.29
N ASN B 216 7.16 13.53 -4.48
CA ASN B 216 5.76 13.32 -4.80
C ASN B 216 5.01 14.63 -4.66
N ALA B 217 3.93 14.77 -5.44
CA ALA B 217 3.19 16.03 -5.42
C ALA B 217 2.33 16.14 -4.17
N SER B 218 1.59 15.08 -3.83
CA SER B 218 0.64 15.13 -2.72
C SER B 218 1.35 15.24 -1.38
N VAL B 219 2.46 14.50 -1.21
CA VAL B 219 3.24 14.58 0.02
C VAL B 219 3.86 15.96 0.19
N LEU B 220 4.26 16.58 -0.92
CA LEU B 220 4.81 17.94 -0.86
C LEU B 220 3.75 18.97 -0.49
N GLN B 221 2.54 18.84 -1.06
CA GLN B 221 1.48 19.79 -0.75
C GLN B 221 1.00 19.65 0.69
N ASP B 222 0.87 18.41 1.18
CA ASP B 222 0.51 18.23 2.58
C ASP B 222 1.62 18.65 3.53
N LEU B 223 2.89 18.52 3.12
CA LEU B 223 3.98 18.96 3.98
C LEU B 223 4.03 20.49 4.05
N ILE B 224 3.77 21.17 2.94
CA ILE B 224 3.74 22.63 2.95
C ILE B 224 2.53 23.14 3.76
N LEU B 225 1.40 22.44 3.67
CA LEU B 225 0.24 22.83 4.49
C LEU B 225 0.47 22.56 5.97
N ILE B 226 1.22 21.51 6.31
CA ILE B 226 1.54 21.22 7.72
C ILE B 226 2.50 22.29 8.26
N LEU B 227 3.55 22.62 7.50
CA LEU B 227 4.50 23.63 7.95
C LEU B 227 3.88 25.02 7.99
N SER B 228 2.90 25.31 7.12
CA SER B 228 2.21 26.58 7.17
C SER B 228 1.14 26.63 8.26
N ALA B 229 0.65 25.47 8.71
CA ALA B 229 -0.31 25.47 9.81
C ALA B 229 0.34 25.81 11.14
N HIS B 230 1.62 25.46 11.31
CA HIS B 230 2.30 25.61 12.59
C HIS B 230 3.10 26.89 12.72
N CYS B 231 2.98 27.82 11.76
CA CYS B 231 3.71 29.07 11.86
C CYS B 231 3.10 29.96 12.94
N GLY B 232 3.96 30.76 13.56
CA GLY B 232 3.55 31.53 14.73
C GLY B 232 4.03 30.88 16.01
N SER B 233 3.96 29.55 16.07
CA SER B 233 4.47 28.81 17.21
C SER B 233 5.87 28.27 16.96
N LEU B 234 6.12 27.71 15.79
CA LEU B 234 7.44 27.24 15.40
C LEU B 234 7.92 28.05 14.21
N PRO B 235 9.06 28.73 14.29
CA PRO B 235 9.54 29.51 13.15
C PRO B 235 10.18 28.61 12.09
N PHE B 236 9.48 28.44 10.98
CA PHE B 236 9.95 27.60 9.89
C PHE B 236 10.45 28.45 8.73
N VAL B 237 11.62 28.10 8.22
CA VAL B 237 12.13 28.63 6.96
C VAL B 237 12.30 27.45 6.02
N LEU B 238 11.85 27.61 4.79
CA LEU B 238 11.92 26.54 3.79
C LEU B 238 12.79 27.01 2.65
N VAL B 239 13.77 26.19 2.25
CA VAL B 239 14.49 26.43 1.02
C VAL B 239 14.26 25.23 0.10
N LEU B 240 14.43 25.46 -1.20
CA LEU B 240 14.17 24.44 -2.20
C LEU B 240 15.42 24.22 -3.05
N GLY B 241 15.35 23.20 -3.89
CA GLY B 241 16.47 22.83 -4.73
C GLY B 241 16.04 22.64 -6.17
N VAL B 242 15.16 23.52 -6.66
CA VAL B 242 14.55 23.34 -7.97
C VAL B 242 15.58 23.45 -9.08
N ALA B 243 15.59 22.47 -9.97
CA ALA B 243 16.59 22.33 -11.02
C ALA B 243 16.20 22.99 -12.33
N THR B 244 14.95 22.83 -12.78
CA THR B 244 14.59 23.20 -14.15
C THR B 244 14.35 24.69 -14.31
N ALA B 245 13.30 25.21 -13.68
CA ALA B 245 12.86 26.60 -13.85
C ALA B 245 11.84 26.90 -12.77
N MET B 246 11.35 28.14 -12.74
CA MET B 246 10.31 28.53 -11.81
C MET B 246 8.92 28.12 -12.28
N THR B 247 8.77 27.82 -13.58
CA THR B 247 7.48 27.37 -14.10
C THR B 247 7.11 26.00 -13.54
N ALA B 248 8.10 25.16 -13.25
CA ALA B 248 7.82 23.88 -12.59
C ALA B 248 7.33 24.09 -11.16
N VAL B 249 7.87 25.10 -10.47
CA VAL B 249 7.42 25.43 -9.12
C VAL B 249 5.99 25.94 -9.15
N HIS B 250 5.68 26.82 -10.09
CA HIS B 250 4.33 27.36 -10.18
C HIS B 250 3.33 26.35 -10.75
N GLY B 251 3.80 25.32 -11.44
CA GLY B 251 2.92 24.29 -11.95
C GLY B 251 2.63 23.17 -10.98
N THR B 252 3.61 22.79 -10.15
CA THR B 252 3.40 21.70 -9.21
C THR B 252 2.76 22.17 -7.91
N LEU B 253 2.63 23.48 -7.70
CA LEU B 253 2.01 24.02 -6.50
C LEU B 253 0.64 24.55 -6.84
N PRO B 254 -0.44 23.99 -6.28
CA PRO B 254 -1.79 24.48 -6.61
C PRO B 254 -2.13 25.83 -5.99
N TYR B 255 -3.39 26.23 -6.16
CA TYR B 255 -3.86 27.53 -5.69
C TYR B 255 -3.85 27.62 -4.17
N HIS B 256 -4.40 26.60 -3.50
CA HIS B 256 -4.51 26.63 -2.05
C HIS B 256 -3.15 26.45 -1.37
N VAL B 257 -2.21 25.77 -2.04
CA VAL B 257 -0.87 25.61 -1.48
C VAL B 257 -0.06 26.88 -1.67
N SER B 258 -0.14 27.50 -2.85
CA SER B 258 0.59 28.73 -3.11
C SER B 258 -0.06 29.96 -2.48
N SER B 259 -1.24 29.81 -1.88
CA SER B 259 -1.80 30.92 -1.10
C SER B 259 -1.00 31.21 0.17
N LYS B 260 -0.22 30.24 0.66
CA LYS B 260 0.53 30.40 1.91
C LYS B 260 2.03 30.28 1.67
N ILE B 261 2.55 30.96 0.65
CA ILE B 261 3.93 30.85 0.23
C ILE B 261 4.43 32.25 -0.11
N ARG B 262 5.63 32.60 0.37
CA ARG B 262 6.22 33.93 0.19
C ARG B 262 7.61 33.81 -0.42
N LEU B 263 7.71 33.09 -1.53
CA LEU B 263 9.00 32.65 -2.04
C LEU B 263 9.82 33.77 -2.67
N ARG B 264 11.14 33.65 -2.57
CA ARG B 264 12.09 34.56 -3.18
C ARG B 264 13.11 33.73 -3.93
N VAL B 265 13.39 34.10 -5.17
CA VAL B 265 14.18 33.29 -6.08
C VAL B 265 15.65 33.65 -5.94
N PHE B 266 16.49 32.63 -5.72
CA PHE B 266 17.94 32.77 -5.74
C PHE B 266 18.51 31.98 -6.89
N GLN B 267 19.47 32.57 -7.60
CA GLN B 267 20.05 31.97 -8.80
C GLN B 267 21.52 31.71 -8.59
N THR B 268 21.92 30.44 -8.69
CA THR B 268 23.32 30.06 -8.71
C THR B 268 23.83 30.06 -10.15
N GLN B 269 25.15 30.14 -10.30
CA GLN B 269 25.75 30.26 -11.61
C GLN B 269 25.69 28.93 -12.36
N ALA B 270 25.84 29.01 -13.68
CA ALA B 270 25.64 27.86 -14.54
C ALA B 270 26.84 26.91 -14.49
N ALA B 271 26.64 25.72 -15.03
CA ALA B 271 27.67 24.68 -15.14
C ALA B 271 28.71 24.89 -16.25
N PRO B 272 28.38 25.40 -17.45
CA PRO B 272 29.48 25.74 -18.39
C PRO B 272 30.37 26.87 -17.90
N THR B 273 29.85 27.79 -17.10
CA THR B 273 30.69 28.82 -16.49
C THR B 273 31.68 28.20 -15.50
N GLY B 274 31.22 27.21 -14.74
CA GLY B 274 32.13 26.49 -13.86
C GLY B 274 33.14 25.65 -14.63
N LEU B 275 32.74 25.09 -15.77
CA LEU B 275 33.67 24.38 -16.64
C LEU B 275 34.77 25.29 -17.15
N ASN B 276 34.39 26.48 -17.65
CA ASN B 276 35.37 27.43 -18.17
C ASN B 276 36.27 27.96 -17.06
N GLU B 277 35.72 28.15 -15.86
CA GLU B 277 36.52 28.60 -14.72
C GLU B 277 37.56 27.55 -14.32
N VAL B 278 37.15 26.28 -14.25
CA VAL B 278 38.07 25.21 -13.89
C VAL B 278 39.11 25.01 -14.99
N LEU B 279 38.69 25.10 -16.25
CA LEU B 279 39.61 24.88 -17.37
C LEU B 279 40.57 26.03 -17.58
N ASP B 280 40.23 27.24 -17.14
CA ASP B 280 41.13 28.37 -17.31
C ASP B 280 41.97 28.66 -16.07
N LYS B 281 41.57 28.19 -14.90
CA LYS B 281 42.32 28.49 -13.69
C LYS B 281 43.09 27.30 -13.12
N VAL B 282 42.77 26.07 -13.51
CA VAL B 282 43.46 24.90 -12.96
C VAL B 282 44.18 24.13 -14.05
N LEU B 283 43.43 23.66 -15.06
CA LEU B 283 44.01 22.76 -16.05
C LEU B 283 44.95 23.48 -17.02
N LEU B 284 44.83 24.79 -17.15
CA LEU B 284 45.76 25.59 -17.94
C LEU B 284 46.68 26.42 -17.07
N SER B 285 46.81 26.07 -15.79
CA SER B 285 47.69 26.81 -14.90
C SER B 285 49.14 26.41 -15.14
N PRO B 286 50.08 27.36 -15.08
CA PRO B 286 51.49 27.02 -15.36
C PRO B 286 52.21 26.32 -14.22
N LYS B 287 51.63 26.26 -13.02
CA LYS B 287 52.32 25.72 -11.86
C LYS B 287 52.18 24.21 -11.72
N TYR B 288 51.45 23.54 -12.61
CA TYR B 288 51.36 22.10 -12.62
C TYR B 288 52.18 21.54 -13.79
N ALA B 289 52.90 20.46 -13.53
CA ALA B 289 53.76 19.86 -14.54
C ALA B 289 53.01 18.90 -15.46
N PHE B 290 51.87 18.37 -15.03
CA PHE B 290 51.11 17.43 -15.84
C PHE B 290 50.24 18.21 -16.82
N HIS B 291 50.46 17.98 -18.12
CA HIS B 291 49.70 18.64 -19.17
C HIS B 291 48.91 17.62 -19.97
N LEU B 292 47.65 17.91 -20.23
CA LEU B 292 46.87 17.09 -21.14
C LEU B 292 47.21 17.44 -22.59
N SER B 293 46.92 16.52 -23.50
CA SER B 293 47.11 16.76 -24.92
C SER B 293 45.91 17.51 -25.49
N GLY B 294 45.84 17.62 -26.81
CA GLY B 294 44.69 18.25 -27.43
C GLY B 294 43.54 17.27 -27.57
N LYS B 295 43.88 16.00 -27.84
CA LYS B 295 42.87 14.97 -28.05
C LYS B 295 42.10 14.67 -26.75
N THR B 296 42.82 14.52 -25.64
CA THR B 296 42.15 14.24 -24.37
C THR B 296 41.38 15.45 -23.85
N PHE B 297 41.88 16.66 -24.12
CA PHE B 297 41.16 17.88 -23.77
C PHE B 297 39.85 17.98 -24.53
N LYS B 298 39.90 17.72 -25.86
CA LYS B 298 38.69 17.74 -26.67
C LYS B 298 37.73 16.63 -26.27
N PHE B 299 38.27 15.48 -25.87
CA PHE B 299 37.43 14.35 -25.47
C PHE B 299 36.69 14.64 -24.16
N LEU B 300 37.39 15.22 -23.18
CA LEU B 300 36.75 15.52 -21.90
C LEU B 300 35.76 16.67 -22.04
N THR B 301 36.09 17.68 -22.85
CA THR B 301 35.11 18.76 -23.07
C THR B 301 33.93 18.28 -23.91
N HIS B 302 34.14 17.28 -24.78
CA HIS B 302 33.03 16.68 -25.50
C HIS B 302 32.08 15.95 -24.55
N ILE B 303 32.64 15.20 -23.60
CA ILE B 303 31.84 14.50 -22.60
C ILE B 303 31.06 15.49 -21.75
N PHE B 304 31.68 16.62 -21.37
CA PHE B 304 30.97 17.61 -20.57
C PHE B 304 29.87 18.30 -21.39
N LEU B 305 30.26 18.96 -22.50
CA LEU B 305 29.32 19.81 -23.21
C LEU B 305 28.29 19.06 -24.02
N TYR B 306 28.47 17.76 -24.24
CA TYR B 306 27.53 17.02 -25.08
C TYR B 306 26.70 16.00 -24.34
N TYR B 307 27.18 15.45 -23.23
CA TYR B 307 26.48 14.38 -22.53
C TYR B 307 25.93 14.82 -21.18
N ASP B 308 26.76 15.32 -20.28
CA ASP B 308 26.30 15.68 -18.94
C ASP B 308 27.05 16.89 -18.41
N PHE B 309 26.32 17.82 -17.78
CA PHE B 309 26.92 19.00 -17.17
C PHE B 309 27.35 18.70 -15.73
N SER B 310 28.31 17.77 -15.60
CA SER B 310 28.78 17.32 -14.30
C SER B 310 30.25 17.67 -14.15
N ILE B 311 30.57 18.49 -13.15
CA ILE B 311 31.97 18.74 -12.83
C ILE B 311 32.58 17.52 -12.16
N HIS B 312 31.76 16.71 -11.48
CA HIS B 312 32.25 15.52 -10.78
C HIS B 312 32.78 14.47 -11.75
N GLY B 313 32.03 14.19 -12.82
CA GLY B 313 32.49 13.22 -13.80
C GLY B 313 33.70 13.69 -14.58
N PHE B 314 33.77 14.99 -14.86
CA PHE B 314 34.95 15.56 -15.51
C PHE B 314 36.18 15.47 -14.61
N ILE B 315 36.00 15.69 -13.31
CA ILE B 315 37.10 15.60 -12.35
C ILE B 315 37.57 14.16 -12.22
N GLN B 316 36.65 13.19 -12.19
CA GLN B 316 37.07 11.79 -12.12
C GLN B 316 37.71 11.33 -13.42
N GLY B 317 37.30 11.87 -14.57
CA GLY B 317 37.97 11.55 -15.81
C GLY B 317 39.38 12.11 -15.89
N PHE B 318 39.56 13.35 -15.42
CA PHE B 318 40.91 13.91 -15.33
C PHE B 318 41.77 13.17 -14.31
N LYS B 319 41.14 12.66 -13.25
CA LYS B 319 41.87 11.87 -12.26
C LYS B 319 42.31 10.53 -12.83
N TYR B 320 41.46 9.90 -13.65
CA TYR B 320 41.85 8.66 -14.32
C TYR B 320 42.97 8.91 -15.33
N CYS B 321 42.92 10.06 -16.03
CA CYS B 321 44.00 10.43 -16.96
C CYS B 321 45.32 10.62 -16.22
N LEU B 322 45.27 11.35 -15.08
CA LEU B 322 46.45 11.56 -14.25
C LEU B 322 46.99 10.25 -13.70
N MET B 323 46.10 9.33 -13.32
CA MET B 323 46.51 8.05 -12.76
C MET B 323 47.17 7.17 -13.81
N GLU B 324 46.57 7.08 -14.99
CA GLU B 324 47.14 6.24 -16.05
C GLU B 324 48.43 6.85 -16.60
N HIS B 325 48.59 8.18 -16.52
CA HIS B 325 49.86 8.78 -16.88
C HIS B 325 50.94 8.46 -15.85
N PHE B 326 50.66 8.69 -14.57
CA PHE B 326 51.67 8.53 -13.54
C PHE B 326 51.99 7.08 -13.22
N PHE B 327 51.10 6.14 -13.56
CA PHE B 327 51.34 4.73 -13.27
C PHE B 327 52.07 4.01 -14.41
N GLY B 328 52.84 4.74 -15.21
CA GLY B 328 53.63 4.15 -16.28
C GLY B 328 55.04 3.78 -15.89
N GLY B 329 55.37 3.81 -14.60
CA GLY B 329 56.67 3.43 -14.10
C GLY B 329 57.23 4.46 -13.14
N ASN B 330 58.41 4.14 -12.59
CA ASN B 330 59.11 5.07 -11.71
C ASN B 330 59.82 6.18 -12.48
N ALA B 331 59.94 6.05 -13.81
CA ALA B 331 60.53 7.11 -14.60
C ALA B 331 59.56 8.26 -14.82
N PHE B 332 58.25 7.98 -14.70
CA PHE B 332 57.22 9.00 -14.80
C PHE B 332 57.02 9.78 -13.49
N ALA B 333 57.88 9.55 -12.50
CA ALA B 333 57.91 10.37 -11.30
C ALA B 333 58.70 11.66 -11.49
N LEU B 334 59.28 11.87 -12.67
CA LEU B 334 60.04 13.07 -12.98
C LEU B 334 59.15 14.24 -13.38
N CYS B 335 57.83 14.03 -13.45
CA CYS B 335 56.90 15.07 -13.91
C CYS B 335 56.41 15.85 -12.70
N THR B 336 57.32 16.60 -12.11
CA THR B 336 57.09 17.45 -10.93
C THR B 336 57.97 18.69 -11.05
N ASP B 337 58.15 19.40 -9.93
CA ASP B 337 58.96 20.60 -9.91
C ASP B 337 60.44 20.27 -10.06
N TYR B 338 61.23 21.31 -10.29
CA TYR B 338 62.56 21.15 -10.88
C TYR B 338 63.57 20.55 -9.89
N SER B 339 63.54 20.98 -8.63
CA SER B 339 64.46 20.44 -7.63
C SER B 339 64.15 18.97 -7.33
N LYS B 340 62.86 18.66 -7.17
CA LYS B 340 62.46 17.27 -7.01
C LYS B 340 62.70 16.47 -8.29
N ALA B 341 62.66 17.13 -9.45
CA ALA B 341 63.03 16.46 -10.69
C ALA B 341 64.50 16.05 -10.68
N LEU B 342 65.38 16.95 -10.20
CA LEU B 342 66.80 16.62 -10.10
C LEU B 342 67.05 15.50 -9.08
N GLY B 343 66.30 15.52 -7.98
CA GLY B 343 66.41 14.44 -7.00
C GLY B 343 65.97 13.09 -7.56
N ARG B 344 64.86 13.07 -8.29
CA ARG B 344 64.42 11.83 -8.92
C ARG B 344 65.32 11.40 -10.07
N ILE B 345 66.00 12.34 -10.75
CA ILE B 345 67.05 11.97 -11.70
C ILE B 345 68.16 11.22 -10.99
N LYS B 346 68.62 11.78 -9.86
CA LYS B 346 69.64 11.10 -9.07
C LYS B 346 69.13 9.85 -8.35
N GLN B 347 67.83 9.55 -8.41
CA GLN B 347 67.27 8.38 -7.75
C GLN B 347 67.01 7.19 -8.68
N LEU B 348 67.04 7.38 -10.01
CA LEU B 348 66.49 6.39 -10.94
C LEU B 348 67.30 5.10 -11.00
N THR B 349 66.61 4.02 -11.34
CA THR B 349 67.18 2.69 -11.46
C THR B 349 67.59 2.42 -12.91
N HIS B 350 67.86 1.15 -13.22
CA HIS B 350 68.37 0.73 -14.53
C HIS B 350 67.30 0.70 -15.61
N GLU B 351 66.13 0.14 -15.33
CA GLU B 351 65.10 -0.01 -16.34
C GLU B 351 64.38 1.30 -16.66
N ASP B 352 64.57 2.33 -15.85
CA ASP B 352 63.93 3.62 -16.12
C ASP B 352 64.56 4.30 -17.31
N MET B 353 65.87 4.11 -17.51
CA MET B 353 66.51 4.58 -18.73
C MET B 353 65.98 3.83 -19.95
N GLU B 354 65.77 2.53 -19.82
CA GLU B 354 65.26 1.73 -20.93
C GLU B 354 63.76 1.93 -21.16
N THR B 355 63.04 2.60 -20.25
CA THR B 355 61.65 2.94 -20.54
C THR B 355 61.47 4.41 -20.91
N ILE B 356 62.46 5.28 -20.68
CA ILE B 356 62.44 6.59 -21.32
C ILE B 356 63.13 6.59 -22.66
N ARG B 357 63.87 5.53 -23.01
CA ARG B 357 64.40 5.40 -24.36
C ARG B 357 63.39 4.84 -25.34
N ARG B 358 62.27 4.30 -24.86
CA ARG B 358 61.27 3.70 -25.74
C ARG B 358 60.25 4.70 -26.27
N LEU B 359 60.37 5.98 -25.91
CA LEU B 359 59.41 6.96 -26.39
C LEU B 359 59.66 7.27 -27.87
N PRO B 360 58.60 7.50 -28.64
CA PRO B 360 58.78 7.77 -30.08
C PRO B 360 59.43 9.12 -30.38
N SER B 361 59.44 10.06 -29.45
CA SER B 361 60.08 11.34 -29.65
C SER B 361 61.53 11.36 -29.18
N PHE B 362 62.03 10.25 -28.63
CA PHE B 362 63.43 10.18 -28.25
C PHE B 362 64.33 9.91 -29.45
N ARG B 363 63.79 9.28 -30.49
CA ARG B 363 64.55 9.03 -31.72
C ARG B 363 64.84 10.30 -32.54
N PRO B 364 63.97 11.34 -32.58
CA PRO B 364 64.44 12.63 -33.11
C PRO B 364 65.53 13.30 -32.28
N TYR B 365 65.80 12.87 -31.05
CA TYR B 365 66.98 13.36 -30.34
C TYR B 365 68.24 12.61 -30.78
N VAL B 366 68.10 11.34 -31.15
CA VAL B 366 69.26 10.54 -31.52
C VAL B 366 69.67 10.80 -32.96
N GLU B 367 68.70 10.76 -33.89
CA GLU B 367 69.03 10.85 -35.32
C GLU B 367 69.52 12.23 -35.72
N GLN B 368 69.13 13.27 -34.99
CA GLN B 368 69.51 14.64 -35.36
C GLN B 368 70.92 15.01 -34.93
N ILE B 369 71.60 14.16 -34.17
CA ILE B 369 73.00 14.42 -33.81
C ILE B 369 73.90 13.76 -34.85
N ASN B 370 74.86 14.52 -35.36
CA ASN B 370 75.81 14.02 -36.34
C ASN B 370 76.97 13.24 -35.73
N ASP B 371 77.07 13.21 -34.41
CA ASP B 371 78.17 12.51 -33.75
C ASP B 371 77.98 11.00 -33.82
N CYS B 372 79.03 10.28 -33.40
CA CYS B 372 78.99 8.84 -33.21
C CYS B 372 79.35 8.42 -31.79
N LYS B 373 80.38 9.05 -31.20
CA LYS B 373 80.76 8.80 -29.82
C LYS B 373 79.64 9.15 -28.87
N ARG B 374 78.93 10.25 -29.14
CA ARG B 374 77.79 10.61 -28.30
C ARG B 374 76.63 9.66 -28.49
N ILE B 375 76.49 9.07 -29.69
CA ILE B 375 75.44 8.08 -29.92
C ILE B 375 75.72 6.80 -29.13
N ILE B 376 76.99 6.35 -29.14
CA ILE B 376 77.39 5.21 -28.32
C ILE B 376 77.23 5.54 -26.84
N ALA B 377 77.49 6.79 -26.45
CA ALA B 377 77.43 7.19 -25.05
C ALA B 377 75.99 7.23 -24.53
N VAL B 378 75.06 7.77 -25.31
CA VAL B 378 73.69 7.90 -24.83
C VAL B 378 72.81 6.68 -25.15
N LEU B 379 73.29 5.75 -25.98
CA LEU B 379 72.46 4.58 -26.25
C LEU B 379 72.59 3.47 -25.21
N THR B 380 73.77 3.29 -24.63
CA THR B 380 74.02 2.07 -23.86
C THR B 380 74.54 2.29 -22.44
N ASP B 381 75.42 3.27 -22.24
CA ASP B 381 76.22 3.32 -21.02
C ASP B 381 75.47 3.80 -19.77
N ASP B 382 74.21 4.20 -19.90
CA ASP B 382 73.22 4.38 -18.82
C ASP B 382 73.53 5.58 -17.90
N ASP B 383 74.65 6.28 -18.08
CA ASP B 383 75.01 7.41 -17.24
C ASP B 383 75.25 8.70 -18.01
N TYR B 384 75.68 8.61 -19.27
CA TYR B 384 75.79 9.79 -20.12
C TYR B 384 74.43 10.40 -20.37
N LEU B 385 73.41 9.56 -20.57
CA LEU B 385 72.04 10.05 -20.66
C LEU B 385 71.55 10.60 -19.32
N LYS B 386 72.01 10.01 -18.21
CA LYS B 386 71.70 10.51 -16.89
C LYS B 386 72.32 11.88 -16.63
N LYS B 387 73.40 12.22 -17.31
CA LYS B 387 73.95 13.57 -17.24
C LYS B 387 73.32 14.51 -18.26
N LYS B 388 72.85 13.98 -19.40
CA LYS B 388 72.24 14.81 -20.44
C LYS B 388 70.77 15.14 -20.16
N LEU B 389 70.11 14.42 -19.27
CA LEU B 389 68.69 14.56 -18.96
C LEU B 389 68.19 15.90 -18.37
N PRO B 390 68.87 16.57 -17.41
CA PRO B 390 68.24 17.77 -16.82
C PRO B 390 68.10 18.95 -17.76
N GLN B 391 68.99 19.09 -18.75
CA GLN B 391 68.82 20.12 -19.76
C GLN B 391 67.57 19.88 -20.59
N LEU B 392 67.26 18.61 -20.87
CA LEU B 392 66.06 18.29 -21.62
C LEU B 392 64.80 18.51 -20.78
N LEU B 393 64.86 18.22 -19.48
CA LEU B 393 63.71 18.51 -18.60
C LEU B 393 63.47 20.01 -18.47
N ARG B 394 64.55 20.79 -18.36
CA ARG B 394 64.44 22.24 -18.29
C ARG B 394 63.90 22.81 -19.61
N ASP B 395 64.29 22.21 -20.74
CA ASP B 395 63.78 22.65 -22.03
C ASP B 395 62.29 22.35 -22.17
N CYS B 396 61.83 21.20 -21.64
CA CYS B 396 60.40 20.89 -21.65
C CYS B 396 59.60 21.86 -20.80
N LEU B 397 60.10 22.18 -19.59
CA LEU B 397 59.39 23.11 -18.71
C LEU B 397 59.36 24.51 -19.30
N LEU B 398 60.47 24.96 -19.90
CA LEU B 398 60.51 26.27 -20.55
C LEU B 398 59.58 26.32 -21.74
N HIS B 399 59.49 25.22 -22.51
CA HIS B 399 58.59 25.19 -23.66
C HIS B 399 57.13 25.27 -23.24
N PHE B 400 56.76 24.63 -22.13
CA PHE B 400 55.37 24.68 -21.72
C PHE B 400 55.01 26.04 -21.10
N LEU B 401 55.94 26.64 -20.35
CA LEU B 401 55.70 27.99 -19.81
C LEU B 401 55.56 29.02 -20.92
N LEU B 402 56.46 28.99 -21.91
CA LEU B 402 56.36 29.92 -23.03
C LEU B 402 55.15 29.62 -23.91
N PHE B 403 54.72 28.36 -23.98
CA PHE B 403 53.50 28.02 -24.68
C PHE B 403 52.28 28.66 -24.03
N ARG B 404 52.21 28.62 -22.70
CA ARG B 404 51.09 29.26 -22.01
C ARG B 404 51.11 30.78 -22.16
N CYS B 405 52.30 31.39 -22.08
CA CYS B 405 52.39 32.84 -22.21
C CYS B 405 52.05 33.32 -23.62
N SER B 406 52.60 32.65 -24.64
CA SER B 406 52.27 32.97 -26.03
C SER B 406 50.81 32.68 -26.35
N LEU B 407 50.21 31.67 -25.69
CA LEU B 407 48.80 31.40 -25.90
C LEU B 407 47.93 32.51 -25.31
N GLU B 408 48.33 33.05 -24.15
CA GLU B 408 47.61 34.19 -23.58
C GLU B 408 47.71 35.42 -24.48
N PHE B 409 48.91 35.68 -25.04
CA PHE B 409 49.08 36.79 -25.97
C PHE B 409 48.24 36.59 -27.23
N LEU B 410 48.21 35.38 -27.77
CA LEU B 410 47.46 35.13 -28.99
C LEU B 410 45.96 35.19 -28.77
N THR B 411 45.46 34.74 -27.62
CA THR B 411 44.02 34.84 -27.41
C THR B 411 43.60 36.26 -27.07
N GLU B 412 44.49 37.10 -26.53
CA GLU B 412 44.14 38.51 -26.44
C GLU B 412 44.19 39.20 -27.79
N LEU B 413 45.07 38.74 -28.69
CA LEU B 413 45.13 39.31 -30.02
C LEU B 413 43.96 38.86 -30.91
N VAL B 414 43.40 37.68 -30.65
CA VAL B 414 42.43 37.08 -31.56
C VAL B 414 41.01 37.24 -31.01
N GLY B 415 40.89 37.37 -29.68
CA GLY B 415 39.59 37.42 -29.04
C GLY B 415 38.77 38.67 -29.37
N ASP B 416 39.45 39.79 -29.63
CA ASP B 416 38.74 41.03 -29.95
C ASP B 416 38.27 41.07 -31.40
N LEU B 417 38.72 40.14 -32.24
CA LEU B 417 38.33 40.14 -33.64
C LEU B 417 36.88 39.66 -33.77
N PRO B 418 36.15 40.19 -34.75
CA PRO B 418 34.84 39.61 -35.08
C PRO B 418 34.98 38.24 -35.73
N ARG B 419 33.93 37.42 -35.51
CA ARG B 419 33.65 36.11 -36.10
C ARG B 419 34.55 34.97 -35.61
N CYS B 420 35.63 35.30 -34.87
CA CYS B 420 36.52 34.47 -34.05
C CYS B 420 36.81 33.08 -34.59
N PRO B 421 37.61 32.94 -35.66
CA PRO B 421 37.83 31.60 -36.23
C PRO B 421 38.73 30.72 -35.38
N LEU B 422 39.74 31.29 -34.74
CA LEU B 422 40.65 30.50 -33.91
C LEU B 422 40.09 30.22 -32.52
N GLY B 423 38.97 30.81 -32.14
CA GLY B 423 38.38 30.53 -30.86
C GLY B 423 38.43 31.72 -29.91
N LYS B 424 37.35 31.90 -29.16
CA LYS B 424 37.24 33.03 -28.24
C LYS B 424 38.08 32.79 -26.98
N LEU B 425 37.78 31.71 -26.25
CA LEU B 425 38.43 31.43 -24.98
C LEU B 425 39.79 30.79 -25.21
N ARG B 426 40.49 30.52 -24.10
CA ARG B 426 41.84 29.98 -24.18
C ARG B 426 41.86 28.50 -24.55
N ARG B 427 40.77 27.76 -24.30
CA ARG B 427 40.82 26.31 -24.41
C ARG B 427 40.75 25.84 -25.86
N GLU B 428 39.94 26.50 -26.69
CA GLU B 428 39.90 26.10 -28.09
C GLU B 428 41.18 26.47 -28.83
N LEU B 429 41.81 27.59 -28.46
CA LEU B 429 43.13 27.89 -29.01
C LEU B 429 44.18 26.92 -28.49
N TYR B 430 44.05 26.46 -27.25
CA TYR B 430 44.95 25.45 -26.71
C TYR B 430 44.86 24.14 -27.49
N VAL B 431 43.63 23.70 -27.78
CA VAL B 431 43.41 22.49 -28.56
C VAL B 431 43.91 22.67 -29.99
N ASN B 432 43.64 23.83 -30.60
CA ASN B 432 43.98 24.02 -32.01
C ASN B 432 45.47 24.24 -32.22
N CYS B 433 46.19 24.78 -31.24
CA CYS B 433 47.63 24.93 -31.38
C CYS B 433 48.42 23.74 -30.87
N LEU B 434 47.86 22.89 -30.00
CA LEU B 434 48.56 21.67 -29.65
C LEU B 434 48.30 20.55 -30.65
N ASN B 435 47.11 20.52 -31.27
CA ASN B 435 46.74 19.42 -32.13
C ASN B 435 47.46 19.47 -33.48
N ARG B 436 47.80 20.66 -33.97
CA ARG B 436 48.53 20.81 -35.22
C ARG B 436 49.24 22.16 -35.20
N ALA B 437 50.08 22.37 -36.21
CA ALA B 437 50.74 23.66 -36.39
C ALA B 437 49.71 24.69 -36.82
N ILE B 438 49.59 25.77 -36.06
CA ILE B 438 48.47 26.69 -36.22
C ILE B 438 48.63 27.55 -37.46
N ILE B 439 49.87 27.79 -37.90
CA ILE B 439 50.09 28.69 -39.03
C ILE B 439 49.76 28.02 -40.35
N SER B 440 49.79 26.69 -40.41
CA SER B 440 49.43 25.97 -41.62
C SER B 440 47.92 25.82 -41.79
N THR B 441 47.13 26.12 -40.76
CA THR B 441 45.68 25.98 -40.85
C THR B 441 45.08 27.10 -41.71
N PRO B 442 43.99 26.82 -42.42
CA PRO B 442 43.32 27.90 -43.17
C PRO B 442 42.64 28.92 -42.27
N GLU B 443 42.30 28.56 -41.03
CA GLU B 443 41.63 29.50 -40.13
C GLU B 443 42.58 30.58 -39.65
N TYR B 444 43.87 30.30 -39.58
CA TYR B 444 44.84 31.36 -39.27
C TYR B 444 44.97 32.34 -40.43
N LYS B 445 44.87 31.85 -41.66
CA LYS B 445 44.87 32.75 -42.82
C LYS B 445 43.59 33.58 -42.88
N GLU B 446 42.46 33.01 -42.47
CA GLU B 446 41.22 33.78 -42.38
C GLU B 446 41.30 34.82 -41.28
N CYS B 447 41.95 34.48 -40.16
CA CYS B 447 42.19 35.44 -39.09
C CYS B 447 43.12 36.56 -39.55
N LEU B 448 44.14 36.23 -40.34
CA LEU B 448 45.04 37.25 -40.87
C LEU B 448 44.34 38.15 -41.87
N GLN B 449 43.43 37.59 -42.67
CA GLN B 449 42.66 38.39 -43.62
C GLN B 449 41.71 39.34 -42.90
N MET B 450 40.98 38.84 -41.90
CA MET B 450 40.06 39.69 -41.16
C MET B 450 40.75 40.63 -40.18
N LEU B 451 42.03 40.39 -39.88
CA LEU B 451 42.77 41.26 -38.97
C LEU B 451 43.54 42.35 -39.71
N SER B 452 44.06 42.07 -40.91
CA SER B 452 44.83 43.04 -41.66
C SER B 452 43.97 44.11 -42.32
N PHE B 453 42.64 43.98 -42.29
CA PHE B 453 41.74 44.95 -42.90
C PHE B 453 41.37 46.10 -41.97
N LEU B 454 41.94 46.16 -40.78
CA LEU B 454 41.44 47.05 -39.74
C LEU B 454 42.24 48.35 -39.70
N SER B 455 41.54 49.45 -39.37
CA SER B 455 42.15 50.77 -39.26
C SER B 455 43.09 50.83 -38.05
N LYS B 456 43.88 51.91 -38.01
CA LYS B 456 45.04 51.97 -37.12
C LYS B 456 44.66 52.19 -35.66
N ASP B 457 43.55 52.86 -35.38
CA ASP B 457 43.21 53.19 -33.99
C ASP B 457 42.76 51.96 -33.21
N GLU B 458 41.83 51.18 -33.77
CA GLU B 458 41.41 49.94 -33.14
C GLU B 458 42.53 48.90 -33.14
N PHE B 459 43.41 48.94 -34.15
CA PHE B 459 44.56 48.05 -34.19
C PHE B 459 45.52 48.34 -33.05
N VAL B 460 45.86 49.62 -32.84
CA VAL B 460 46.80 49.96 -31.78
C VAL B 460 46.15 49.78 -30.41
N ALA B 461 44.82 49.93 -30.31
CA ALA B 461 44.14 49.63 -29.06
C ALA B 461 44.17 48.13 -28.74
N LYS B 462 43.99 47.29 -29.77
CA LYS B 462 44.03 45.84 -29.58
C LYS B 462 45.43 45.37 -29.18
N VAL B 463 46.46 45.88 -29.85
CA VAL B 463 47.81 45.43 -29.53
C VAL B 463 48.29 46.01 -28.19
N ASN B 464 47.82 47.21 -27.82
CA ASN B 464 48.16 47.74 -26.50
C ASN B 464 47.48 46.95 -25.39
N ARG B 465 46.23 46.52 -25.61
CA ARG B 465 45.55 45.65 -24.66
C ARG B 465 46.24 44.29 -24.58
N ALA B 466 46.76 43.80 -25.71
CA ALA B 466 47.45 42.52 -25.72
C ALA B 466 48.77 42.57 -24.94
N LEU B 467 49.55 43.65 -25.12
CA LEU B 467 50.79 43.81 -24.36
C LEU B 467 50.51 44.00 -22.87
N GLU B 468 49.44 44.73 -22.54
CA GLU B 468 49.12 44.93 -21.13
C GLU B 468 48.67 43.63 -20.47
N ARG B 469 47.86 42.82 -21.18
CA ARG B 469 47.42 41.54 -20.63
C ARG B 469 48.57 40.55 -20.52
N THR B 470 49.48 40.54 -21.50
CA THR B 470 50.61 39.61 -21.44
C THR B 470 51.58 39.97 -20.33
N GLU B 471 51.89 41.26 -20.15
CA GLU B 471 52.77 41.63 -19.03
C GLU B 471 52.07 41.45 -17.68
N GLN B 472 50.75 41.65 -17.63
CA GLN B 472 50.00 41.39 -16.40
C GLN B 472 50.05 39.92 -16.03
N PHE B 473 49.93 39.03 -17.02
CA PHE B 473 50.04 37.60 -16.77
C PHE B 473 51.47 37.21 -16.41
N LEU B 474 52.46 37.90 -16.97
CA LEU B 474 53.85 37.58 -16.66
C LEU B 474 54.24 37.98 -15.25
N VAL B 475 53.72 39.11 -14.73
CA VAL B 475 54.15 39.50 -13.40
C VAL B 475 53.21 39.00 -12.30
N GLU B 476 51.93 38.75 -12.61
CA GLU B 476 50.99 38.37 -11.57
C GLU B 476 51.03 36.89 -11.20
N GLU B 477 51.37 36.00 -12.13
CA GLU B 477 51.29 34.57 -11.82
C GLU B 477 52.56 33.80 -12.15
N ILE B 478 53.32 34.26 -13.15
CA ILE B 478 54.50 33.51 -13.58
C ILE B 478 55.67 33.73 -12.62
N ALA B 479 55.80 34.94 -12.08
CA ALA B 479 56.98 35.30 -11.29
C ALA B 479 57.18 34.55 -9.97
N PRO B 480 56.16 34.19 -9.16
CA PRO B 480 56.46 33.38 -7.97
C PRO B 480 56.75 31.91 -8.24
N LEU B 481 56.66 31.45 -9.49
CA LEU B 481 56.92 30.06 -9.79
C LEU B 481 58.41 29.79 -9.91
N GLU B 482 58.80 28.55 -9.59
CA GLU B 482 60.18 28.13 -9.76
C GLU B 482 60.49 27.96 -11.24
N LEU B 483 61.69 28.40 -11.63
CA LEU B 483 62.16 28.47 -13.03
C LEU B 483 61.19 29.30 -13.88
N GLY B 484 60.82 30.47 -13.34
CA GLY B 484 59.93 31.38 -14.02
C GLY B 484 60.63 32.67 -14.39
N GLU B 485 61.77 32.93 -13.74
CA GLU B 485 62.56 34.10 -14.09
C GLU B 485 63.21 33.95 -15.46
N ALA B 486 63.57 32.73 -15.83
CA ALA B 486 64.17 32.49 -17.15
C ALA B 486 63.14 32.69 -18.25
N CYS B 487 61.88 32.29 -18.00
CA CYS B 487 60.84 32.45 -19.00
C CYS B 487 60.49 33.92 -19.21
N THR B 488 60.47 34.70 -18.13
CA THR B 488 60.27 36.13 -18.25
C THR B 488 61.45 36.81 -18.93
N ALA B 489 62.67 36.36 -18.64
CA ALA B 489 63.85 36.90 -19.31
C ALA B 489 63.90 36.52 -20.79
N VAL B 490 63.27 35.43 -21.18
CA VAL B 490 63.15 35.11 -22.60
C VAL B 490 62.07 35.97 -23.26
N LEU B 491 60.91 36.10 -22.62
CA LEU B 491 59.78 36.71 -23.32
C LEU B 491 59.84 38.24 -23.32
N ARG B 492 60.31 38.86 -22.23
CA ARG B 492 60.19 40.31 -22.03
C ARG B 492 61.00 41.19 -22.99
N PRO B 493 62.25 40.88 -23.39
CA PRO B 493 62.88 41.71 -24.43
C PRO B 493 62.22 41.59 -25.79
N LYS B 494 61.68 40.41 -26.12
CA LYS B 494 60.86 40.27 -27.31
C LYS B 494 59.61 41.13 -27.20
N LEU B 495 59.02 41.20 -26.00
CA LEU B 495 57.83 42.01 -25.80
C LEU B 495 58.15 43.50 -25.90
N GLU B 496 59.35 43.91 -25.46
CA GLU B 496 59.77 45.29 -25.64
C GLU B 496 60.04 45.60 -27.11
N ALA B 497 60.51 44.62 -27.88
CA ALA B 497 60.64 44.80 -29.33
C ALA B 497 59.28 44.99 -29.99
N ILE B 498 58.27 44.23 -29.52
CA ILE B 498 56.89 44.44 -29.98
C ILE B 498 56.41 45.83 -29.57
N ARG B 499 56.82 46.30 -28.39
CA ARG B 499 56.41 47.63 -27.92
C ARG B 499 57.00 48.75 -28.78
N LEU B 500 58.26 48.61 -29.18
CA LEU B 500 58.84 49.56 -30.14
C LEU B 500 58.16 49.47 -31.49
N ALA B 501 57.69 48.27 -31.89
CA ALA B 501 56.90 48.17 -33.12
C ALA B 501 55.56 48.89 -32.98
N VAL B 502 54.94 48.84 -31.80
CA VAL B 502 53.69 49.56 -31.55
C VAL B 502 53.92 51.06 -31.59
N ASP B 503 55.03 51.55 -31.03
CA ASP B 503 55.33 52.97 -31.14
C ASP B 503 55.64 53.39 -32.58
N GLU B 504 56.29 52.49 -33.34
CA GLU B 504 56.58 52.75 -34.74
C GLU B 504 55.30 52.82 -35.58
N VAL B 505 54.28 52.03 -35.21
CA VAL B 505 53.01 52.12 -35.93
C VAL B 505 52.11 53.23 -35.36
N VAL B 506 52.40 53.73 -34.16
CA VAL B 506 51.77 54.96 -33.69
C VAL B 506 52.25 56.14 -34.52
N LYS B 507 53.57 56.28 -34.70
CA LYS B 507 54.09 57.42 -35.43
C LYS B 507 53.83 57.35 -36.94
N ALA B 508 53.41 56.20 -37.45
CA ALA B 508 53.06 56.07 -38.87
C ALA B 508 51.54 55.97 -39.04
N GLY B 562 50.97 51.88 -42.96
CA GLY B 562 50.45 50.97 -43.97
C GLY B 562 51.34 49.76 -44.19
N ARG B 563 52.61 50.01 -44.51
CA ARG B 563 53.57 48.93 -44.73
C ARG B 563 54.29 48.51 -43.46
N ALA B 564 54.14 49.28 -42.38
CA ALA B 564 54.62 48.82 -41.07
C ALA B 564 53.72 47.75 -40.48
N LEU B 565 52.49 47.63 -40.96
CA LEU B 565 51.55 46.66 -40.41
C LEU B 565 51.97 45.22 -40.72
N GLN B 566 52.43 44.97 -41.95
CA GLN B 566 52.93 43.65 -42.30
C GLN B 566 54.24 43.34 -41.59
N LYS B 567 55.06 44.35 -41.33
CA LYS B 567 56.28 44.16 -40.54
C LYS B 567 55.94 43.78 -39.11
N THR B 568 54.94 44.43 -38.51
CA THR B 568 54.53 44.08 -37.16
C THR B 568 53.91 42.68 -37.12
N LEU B 569 53.12 42.31 -38.14
CA LEU B 569 52.51 40.98 -38.15
C LEU B 569 53.54 39.88 -38.35
N GLN B 570 54.54 40.10 -39.21
CA GLN B 570 55.59 39.09 -39.36
C GLN B 570 56.48 39.05 -38.11
N LEU B 571 56.61 40.17 -37.39
CA LEU B 571 57.38 40.14 -36.15
C LEU B 571 56.63 39.38 -35.05
N ILE B 572 55.29 39.49 -35.03
CA ILE B 572 54.47 38.65 -34.16
C ILE B 572 54.64 37.18 -34.54
N GLU B 573 54.63 36.87 -35.84
CA GLU B 573 54.68 35.49 -36.29
C GLU B 573 56.03 34.84 -35.99
N THR B 574 57.13 35.58 -36.13
CA THR B 574 58.44 35.00 -35.85
C THR B 574 58.84 35.08 -34.37
N GLN B 575 58.26 36.00 -33.59
CA GLN B 575 58.68 36.14 -32.20
C GLN B 575 57.73 35.51 -31.18
N ILE B 576 56.49 35.19 -31.58
CA ILE B 576 55.50 34.64 -30.66
C ILE B 576 54.99 33.28 -31.13
N VAL B 577 54.66 33.16 -32.42
CA VAL B 577 53.90 32.01 -32.89
C VAL B 577 54.80 30.88 -33.42
N GLN B 578 55.94 31.20 -34.03
CA GLN B 578 56.76 30.15 -34.61
C GLN B 578 57.65 29.46 -33.57
N ASP B 579 58.17 30.21 -32.60
CA ASP B 579 59.15 29.66 -31.68
C ASP B 579 58.56 29.16 -30.37
N HIS B 580 57.42 29.70 -29.93
CA HIS B 580 56.87 29.37 -28.63
C HIS B 580 55.45 28.81 -28.70
N LEU B 581 54.93 28.58 -29.90
CA LEU B 581 53.59 28.01 -30.08
C LEU B 581 53.66 26.82 -31.02
N ARG B 582 54.64 25.95 -30.77
CA ARG B 582 54.87 24.79 -31.61
C ARG B 582 53.83 23.70 -31.35
N ALA B 583 53.64 22.83 -32.34
CA ALA B 583 52.71 21.72 -32.21
C ALA B 583 53.33 20.61 -31.37
N LEU B 584 52.56 19.54 -31.18
CA LEU B 584 53.02 18.43 -30.35
C LEU B 584 54.09 17.59 -31.04
N GLN B 585 54.21 17.70 -32.37
CA GLN B 585 55.27 17.01 -33.08
C GLN B 585 56.56 17.82 -33.18
N ASP B 586 56.50 19.11 -32.88
CA ASP B 586 57.67 19.98 -32.83
C ASP B 586 58.17 20.19 -31.40
N ALA B 587 57.76 19.33 -30.48
CA ALA B 587 58.00 19.45 -29.05
C ALA B 587 59.46 19.14 -28.69
N PRO B 588 59.90 19.47 -27.48
CA PRO B 588 61.17 18.94 -26.96
C PRO B 588 61.16 17.42 -26.90
N PRO B 589 62.34 16.77 -26.95
CA PRO B 589 62.37 15.33 -27.27
C PRO B 589 61.80 14.38 -26.23
N ILE B 590 61.71 14.77 -24.96
CA ILE B 590 61.22 13.83 -23.96
C ILE B 590 59.90 14.33 -23.37
N HIS B 591 59.09 14.98 -24.20
CA HIS B 591 57.84 15.57 -23.76
C HIS B 591 56.74 14.55 -23.42
N GLU B 592 56.99 13.24 -23.63
CA GLU B 592 55.99 12.25 -23.26
C GLU B 592 55.94 12.04 -21.76
N LEU B 593 56.95 12.51 -21.02
CA LEU B 593 56.89 12.46 -19.57
C LEU B 593 55.93 13.48 -18.98
N PHE B 594 55.55 14.50 -19.74
CA PHE B 594 54.66 15.54 -19.26
C PHE B 594 53.30 15.56 -19.97
N VAL B 595 53.28 15.30 -21.26
CA VAL B 595 52.05 15.33 -22.05
C VAL B 595 51.46 13.93 -22.08
N PHE B 596 50.18 13.81 -21.75
CA PHE B 596 49.46 12.55 -21.77
C PHE B 596 48.72 12.43 -23.09
N SER B 597 49.15 11.50 -23.94
CA SER B 597 48.61 11.36 -25.29
C SER B 597 47.86 10.06 -25.51
N ASP B 598 47.82 9.17 -24.52
CA ASP B 598 47.13 7.89 -24.64
C ASP B 598 45.63 8.16 -24.54
N ILE B 599 44.93 8.12 -25.67
CA ILE B 599 43.51 8.47 -25.70
C ILE B 599 42.61 7.25 -25.93
N ALA B 600 43.11 6.17 -26.52
CA ALA B 600 42.26 5.03 -26.85
C ALA B 600 41.84 4.27 -25.61
N THR B 601 42.78 4.00 -24.71
CA THR B 601 42.45 3.25 -23.49
C THR B 601 41.58 4.05 -22.55
N VAL B 602 41.81 5.37 -22.47
CA VAL B 602 40.98 6.23 -21.64
C VAL B 602 39.57 6.34 -22.23
N ARG B 603 39.48 6.40 -23.56
CA ARG B 603 38.18 6.49 -24.23
C ARG B 603 37.37 5.20 -24.07
N ARG B 604 38.04 4.05 -24.04
CA ARG B 604 37.30 2.80 -23.87
C ARG B 604 37.11 2.41 -22.40
N ASN B 605 37.83 3.05 -21.47
CA ASN B 605 37.65 2.76 -20.05
C ASN B 605 36.87 3.83 -19.31
N ILE B 606 36.52 4.93 -19.94
CA ILE B 606 35.64 5.93 -19.36
C ILE B 606 34.25 5.88 -19.99
N ILE B 607 34.19 6.00 -21.31
CA ILE B 607 32.94 5.80 -22.03
C ILE B 607 32.69 4.31 -22.16
N GLY B 608 31.53 3.86 -21.68
CA GLY B 608 31.22 2.45 -21.64
C GLY B 608 30.27 2.06 -22.77
N ALA B 609 30.72 1.12 -23.60
CA ALA B 609 29.94 0.64 -24.74
C ALA B 609 29.74 -0.87 -24.61
N PRO B 610 28.72 -1.32 -23.88
CA PRO B 610 28.46 -2.77 -23.82
C PRO B 610 27.90 -3.31 -25.12
N ARG B 611 27.03 -2.54 -25.79
CA ARG B 611 26.38 -3.01 -27.00
C ARG B 611 27.36 -3.17 -28.15
N ALA B 612 28.39 -2.32 -28.22
CA ALA B 612 29.39 -2.45 -29.27
C ALA B 612 30.22 -3.71 -29.08
N ALA B 613 30.57 -4.05 -27.84
CA ALA B 613 31.32 -5.28 -27.57
C ALA B 613 30.47 -6.51 -27.83
N LEU B 614 29.19 -6.47 -27.45
CA LEU B 614 28.29 -7.59 -27.71
C LEU B 614 28.06 -7.79 -29.20
N HIS B 615 27.90 -6.69 -29.96
CA HIS B 615 27.66 -6.81 -31.40
C HIS B 615 28.93 -7.27 -32.12
N THR B 616 30.10 -6.82 -31.68
CA THR B 616 31.36 -7.25 -32.28
C THR B 616 31.62 -8.73 -31.99
N ALA B 617 31.34 -9.17 -30.76
CA ALA B 617 31.56 -10.57 -30.42
C ALA B 617 30.45 -11.49 -30.91
N LEU B 618 29.32 -10.94 -31.38
CA LEU B 618 28.30 -11.75 -32.01
C LEU B 618 28.37 -11.72 -33.53
N ASN B 619 29.12 -10.79 -34.11
CA ASN B 619 29.34 -10.82 -35.56
C ASN B 619 30.57 -11.65 -35.92
N ASN B 620 31.74 -11.25 -35.45
CA ASN B 620 32.96 -12.02 -35.68
C ASN B 620 33.69 -12.29 -34.37
N PRO B 621 33.72 -13.54 -33.90
CA PRO B 621 34.57 -13.86 -32.74
C PRO B 621 36.06 -13.92 -33.08
N HIS B 622 36.43 -13.82 -34.36
CA HIS B 622 37.83 -13.76 -34.76
C HIS B 622 38.52 -12.50 -34.24
N PHE B 623 37.77 -11.44 -33.95
CA PHE B 623 38.32 -10.27 -33.29
C PHE B 623 38.78 -10.59 -31.87
N TYR B 624 38.16 -11.57 -31.22
CA TYR B 624 38.46 -11.90 -29.84
C TYR B 624 39.26 -13.18 -29.68
N MET B 625 38.80 -14.29 -30.26
CA MET B 625 39.47 -15.57 -30.05
C MET B 625 40.78 -15.66 -30.81
N GLN B 626 40.92 -14.91 -31.91
CA GLN B 626 42.06 -14.98 -32.84
C GLN B 626 42.28 -16.39 -33.37
N CYS B 627 41.17 -17.08 -33.65
CA CYS B 627 41.24 -18.42 -34.21
C CYS B 627 41.43 -18.35 -35.72
N LYS B 628 41.77 -19.49 -36.32
CA LYS B 628 42.10 -19.53 -37.74
C LYS B 628 41.07 -20.26 -38.59
N CYS B 629 39.92 -20.61 -38.04
CA CYS B 629 38.81 -21.11 -38.83
C CYS B 629 37.56 -20.25 -38.74
N CYS B 630 37.56 -19.22 -37.89
CA CYS B 630 36.40 -18.38 -37.67
C CYS B 630 36.51 -17.02 -38.34
N GLU B 631 37.51 -16.83 -39.20
CA GLU B 631 37.73 -15.53 -39.82
C GLU B 631 36.67 -15.25 -40.88
N LEU B 632 36.29 -13.98 -41.01
CA LEU B 632 35.26 -13.56 -41.94
C LEU B 632 35.81 -12.43 -42.81
N GLN B 633 35.63 -12.56 -44.13
CA GLN B 633 35.94 -11.44 -45.02
C GLN B 633 34.85 -10.38 -44.94
N ASP B 634 33.59 -10.81 -44.90
CA ASP B 634 32.46 -9.94 -44.58
C ASP B 634 31.72 -10.54 -43.40
N GLN B 635 31.04 -9.68 -42.63
CA GLN B 635 30.47 -10.07 -41.35
C GLN B 635 29.09 -10.71 -41.47
N SER B 636 28.73 -11.25 -42.63
CA SER B 636 27.48 -11.98 -42.80
C SER B 636 27.66 -13.30 -43.56
N LEU B 637 28.90 -13.79 -43.68
CA LEU B 637 29.16 -14.95 -44.53
C LEU B 637 28.64 -16.24 -43.91
N LEU B 638 28.52 -16.28 -42.57
CA LEU B 638 27.91 -17.38 -41.80
C LEU B 638 28.65 -18.69 -42.04
N VAL B 639 29.91 -18.69 -41.61
CA VAL B 639 30.76 -19.88 -41.70
C VAL B 639 30.33 -20.88 -40.62
N GLY B 640 30.23 -22.15 -40.99
CA GLY B 640 29.63 -23.16 -40.13
C GLY B 640 30.45 -23.52 -38.89
N THR B 641 31.76 -23.31 -38.91
CA THR B 641 32.60 -23.63 -37.77
C THR B 641 32.78 -22.45 -36.81
N LEU B 642 31.85 -21.50 -36.83
CA LEU B 642 31.85 -20.39 -35.88
C LEU B 642 31.43 -20.89 -34.50
N PRO B 643 31.62 -20.09 -33.45
CA PRO B 643 30.97 -20.37 -32.17
C PRO B 643 29.45 -20.42 -32.28
N ASP B 644 28.84 -21.14 -31.34
CA ASP B 644 27.45 -21.58 -31.49
C ASP B 644 26.45 -20.43 -31.37
N LEU B 645 26.77 -19.40 -30.60
CA LEU B 645 25.86 -18.27 -30.48
C LEU B 645 25.89 -17.39 -31.73
N SER B 646 27.03 -17.36 -32.43
CA SER B 646 27.16 -16.50 -33.60
C SER B 646 26.30 -16.99 -34.76
N VAL B 647 26.16 -18.31 -34.89
CA VAL B 647 25.34 -18.87 -35.96
C VAL B 647 23.86 -18.57 -35.72
N VAL B 648 23.41 -18.68 -34.46
CA VAL B 648 22.02 -18.39 -34.13
C VAL B 648 21.74 -16.89 -34.27
N TYR B 649 22.72 -16.04 -33.94
CA TYR B 649 22.58 -14.61 -34.15
C TYR B 649 22.49 -14.27 -35.63
N LYS B 650 23.34 -14.87 -36.46
CA LYS B 650 23.30 -14.65 -37.89
C LYS B 650 22.12 -15.34 -38.57
N LEU B 651 21.42 -16.24 -37.87
CA LEU B 651 20.20 -16.79 -38.43
C LEU B 651 18.99 -15.91 -38.14
N HIS B 652 18.83 -15.47 -36.89
CA HIS B 652 17.64 -14.66 -36.62
C HIS B 652 17.84 -13.20 -37.01
N LEU B 653 19.07 -12.78 -37.31
CA LEU B 653 19.30 -11.39 -37.69
C LEU B 653 18.68 -11.05 -39.04
N GLU B 654 18.57 -12.04 -39.94
CA GLU B 654 18.06 -11.79 -41.28
C GLU B 654 16.54 -11.84 -41.37
N CYS B 655 15.86 -12.41 -40.38
CA CYS B 655 14.41 -12.57 -40.46
C CYS B 655 13.69 -11.34 -39.88
N GLY B 656 12.37 -11.36 -39.98
CA GLY B 656 11.54 -10.28 -39.48
C GLY B 656 11.29 -10.38 -37.99
N ARG B 657 10.25 -9.67 -37.54
CA ARG B 657 9.95 -9.52 -36.12
C ARG B 657 9.59 -10.84 -35.44
N MET B 658 8.50 -11.48 -35.87
CA MET B 658 8.10 -12.74 -35.27
C MET B 658 8.92 -13.88 -35.88
N ILE B 659 9.67 -14.57 -35.02
CA ILE B 659 10.58 -15.63 -35.45
C ILE B 659 9.93 -16.97 -35.16
N ASN B 660 9.69 -17.74 -36.21
CA ASN B 660 9.25 -19.11 -36.05
C ASN B 660 10.42 -19.96 -35.58
N LEU B 661 10.14 -20.93 -34.70
CA LEU B 661 11.19 -21.68 -34.05
C LEU B 661 11.60 -22.93 -34.81
N PHE B 662 10.68 -23.54 -35.56
CA PHE B 662 10.99 -24.82 -36.19
C PHE B 662 11.84 -24.64 -37.45
N ASP B 663 11.56 -23.63 -38.27
CA ASP B 663 12.45 -23.35 -39.39
C ASP B 663 13.77 -22.77 -38.91
N TRP B 664 13.77 -22.12 -37.74
CA TRP B 664 15.01 -21.71 -37.08
C TRP B 664 15.87 -22.93 -36.73
N LEU B 665 15.23 -23.94 -36.14
CA LEU B 665 15.96 -25.16 -35.76
C LEU B 665 16.41 -25.94 -37.00
N GLN B 666 15.61 -25.93 -38.06
CA GLN B 666 16.01 -26.59 -39.30
C GLN B 666 17.14 -25.85 -40.00
N ALA B 667 17.16 -24.52 -39.92
CA ALA B 667 18.27 -23.75 -40.48
C ALA B 667 19.55 -23.99 -39.68
N PHE B 668 19.44 -24.07 -38.35
CA PHE B 668 20.62 -24.38 -37.54
C PHE B 668 21.10 -25.81 -37.77
N ARG B 669 20.18 -26.73 -38.06
CA ARG B 669 20.57 -28.10 -38.38
C ARG B 669 21.19 -28.18 -39.78
N SER B 670 20.80 -27.28 -40.68
CA SER B 670 21.38 -27.26 -42.02
C SER B 670 22.73 -26.56 -42.05
N VAL B 671 22.98 -25.62 -41.13
CA VAL B 671 24.28 -24.94 -41.10
C VAL B 671 25.34 -25.89 -40.56
N VAL B 672 25.09 -26.49 -39.40
CA VAL B 672 26.04 -27.43 -38.81
C VAL B 672 25.76 -28.85 -39.32
N PRO B 687 18.65 -35.18 -30.26
CA PRO B 687 19.89 -35.71 -29.69
C PRO B 687 20.70 -34.66 -28.93
N GLN B 688 21.81 -34.21 -29.52
CA GLN B 688 22.64 -33.18 -28.91
C GLN B 688 22.46 -31.82 -29.58
N ILE B 689 22.11 -31.81 -30.87
CA ILE B 689 21.96 -30.55 -31.60
C ILE B 689 20.74 -29.77 -31.11
N GLN B 690 19.69 -30.47 -30.70
CA GLN B 690 18.53 -29.79 -30.11
C GLN B 690 18.87 -29.19 -28.75
N ALA B 691 19.73 -29.87 -27.97
CA ALA B 691 20.17 -29.32 -26.69
C ALA B 691 21.07 -28.11 -26.89
N ARG B 692 21.91 -28.14 -27.94
CA ARG B 692 22.75 -26.98 -28.25
C ARG B 692 21.92 -25.80 -28.72
N PHE B 693 20.86 -26.06 -29.49
CA PHE B 693 19.97 -24.98 -29.92
C PHE B 693 19.18 -24.42 -28.74
N THR B 694 18.75 -25.28 -27.82
CA THR B 694 18.04 -24.81 -26.63
C THR B 694 18.94 -23.97 -25.74
N ARG B 695 20.20 -24.38 -25.60
CA ARG B 695 21.17 -23.60 -24.81
C ARG B 695 21.46 -22.26 -25.48
N ALA B 696 21.60 -22.24 -26.80
CA ALA B 696 21.88 -20.99 -27.50
C ALA B 696 20.69 -20.03 -27.47
N VAL B 697 19.47 -20.56 -27.56
CA VAL B 697 18.28 -19.74 -27.45
C VAL B 697 18.14 -19.18 -26.02
N ALA B 698 18.51 -19.98 -25.02
CA ALA B 698 18.48 -19.50 -23.64
C ALA B 698 19.53 -18.43 -23.38
N GLU B 699 20.72 -18.58 -23.97
CA GLU B 699 21.75 -17.55 -23.83
C GLU B 699 21.36 -16.27 -24.57
N LEU B 700 20.67 -16.40 -25.71
CA LEU B 700 20.27 -15.22 -26.47
C LEU B 700 19.06 -14.53 -25.85
N GLN B 701 18.26 -15.26 -25.08
CA GLN B 701 17.14 -14.67 -24.36
C GLN B 701 17.62 -14.01 -23.07
N PHE B 702 18.65 -14.58 -22.44
CA PHE B 702 19.18 -14.02 -21.20
C PHE B 702 19.85 -12.67 -21.43
N LEU B 703 20.43 -12.44 -22.61
CA LEU B 703 21.02 -11.15 -22.93
C LEU B 703 20.00 -10.12 -23.37
N GLY B 704 18.73 -10.50 -23.52
CA GLY B 704 17.69 -9.56 -23.90
C GLY B 704 17.58 -9.29 -25.37
N TYR B 705 18.03 -10.21 -26.24
CA TYR B 705 17.94 -9.99 -27.67
C TYR B 705 16.62 -10.48 -28.26
N ILE B 706 16.08 -11.58 -27.76
CA ILE B 706 14.76 -12.07 -28.10
C ILE B 706 13.98 -12.33 -26.83
N LYS B 707 12.73 -12.75 -26.98
CA LYS B 707 11.93 -13.19 -25.85
C LYS B 707 10.86 -14.15 -26.35
N MET B 708 10.29 -14.91 -25.43
CA MET B 708 9.22 -15.84 -25.77
C MET B 708 7.90 -15.08 -25.91
N SER B 709 7.03 -15.55 -26.81
CA SER B 709 5.68 -14.95 -26.98
C SER B 709 4.70 -15.54 -25.94
N LYS B 710 3.75 -14.74 -25.42
CA LYS B 710 2.79 -15.23 -24.45
C LYS B 710 1.49 -15.70 -25.08
N ARG B 711 0.97 -14.94 -26.05
CA ARG B 711 -0.23 -15.35 -26.77
C ARG B 711 0.02 -16.52 -27.71
N LYS B 712 1.24 -16.64 -28.20
CA LYS B 712 1.56 -17.69 -29.22
C LYS B 712 2.54 -18.70 -28.65
N THR B 713 2.36 -19.98 -29.01
CA THR B 713 3.27 -21.08 -28.60
C THR B 713 4.27 -21.35 -29.73
N ASP B 714 5.53 -21.65 -29.35
CA ASP B 714 6.64 -21.99 -30.29
C ASP B 714 7.02 -20.83 -31.23
N HIS B 715 6.97 -19.59 -30.75
CA HIS B 715 7.45 -18.45 -31.52
C HIS B 715 8.29 -17.55 -30.62
N ALA B 716 8.97 -16.59 -31.23
CA ALA B 716 9.79 -15.64 -30.49
C ALA B 716 9.59 -14.24 -31.04
N THR B 717 9.72 -13.26 -30.15
CA THR B 717 9.66 -11.84 -30.52
C THR B 717 11.04 -11.23 -30.29
N ARG B 718 11.65 -10.71 -31.35
CA ARG B 718 12.96 -10.10 -31.21
C ARG B 718 12.81 -8.67 -30.71
N LEU B 719 13.80 -8.22 -29.94
CA LEU B 719 13.71 -6.96 -29.22
C LEU B 719 14.63 -5.88 -29.77
N THR B 720 15.36 -6.15 -30.85
CA THR B 720 16.23 -5.17 -31.47
C THR B 720 15.72 -4.82 -32.85
N TRP B 721 16.46 -3.93 -33.52
CA TRP B 721 16.06 -3.41 -34.82
C TRP B 721 17.26 -2.88 -35.60
N PRO C 5 -31.55 46.62 36.02
CA PRO C 5 -32.78 46.19 35.34
C PRO C 5 -33.24 44.80 35.78
N GLU C 6 -34.50 44.46 35.52
CA GLU C 6 -35.04 43.15 35.84
C GLU C 6 -35.67 42.43 34.67
N ALA C 7 -36.08 43.15 33.62
CA ALA C 7 -36.68 42.49 32.46
C ALA C 7 -35.66 41.79 31.58
N ASP C 8 -34.37 42.06 31.77
CA ASP C 8 -33.33 41.36 31.02
C ASP C 8 -32.99 40.03 31.66
N ARG C 9 -32.93 39.99 33.00
CA ARG C 9 -32.53 38.77 33.70
C ARG C 9 -33.57 37.66 33.57
N GLU C 10 -34.85 38.02 33.48
CA GLU C 10 -35.88 37.03 33.21
C GLU C 10 -35.73 36.43 31.82
N LEU C 11 -35.32 37.25 30.84
CA LEU C 11 -35.11 36.74 29.50
C LEU C 11 -33.86 35.86 29.41
N VAL C 12 -32.81 36.23 30.13
CA VAL C 12 -31.61 35.38 30.19
C VAL C 12 -31.92 34.05 30.87
N SER C 13 -32.72 34.07 31.94
CA SER C 13 -33.09 32.82 32.59
C SER C 13 -34.01 31.97 31.73
N ILE C 14 -34.93 32.59 30.98
CA ILE C 14 -35.80 31.86 30.07
C ILE C 14 -35.00 31.23 28.94
N ARG C 15 -34.04 31.97 28.38
CA ARG C 15 -33.21 31.47 27.29
C ARG C 15 -32.30 30.34 27.76
N ARG C 16 -31.74 30.47 28.98
CA ARG C 16 -30.89 29.41 29.53
C ARG C 16 -31.70 28.16 29.83
N PHE C 17 -32.92 28.32 30.36
CA PHE C 17 -33.81 27.19 30.62
C PHE C 17 -34.17 26.46 29.34
N LEU C 18 -34.51 27.22 28.29
CA LEU C 18 -34.93 26.60 27.03
C LEU C 18 -33.77 25.92 26.32
N LYS C 19 -32.57 26.51 26.36
CA LYS C 19 -31.43 25.88 25.71
C LYS C 19 -30.98 24.62 26.46
N GLU C 20 -30.98 24.66 27.80
CA GLU C 20 -30.62 23.47 28.55
C GLU C 20 -31.72 22.41 28.52
N ARG C 21 -32.95 22.77 28.16
CA ARG C 21 -33.95 21.74 27.93
C ARG C 21 -33.80 21.14 26.53
N LEU C 22 -33.44 21.95 25.54
CA LEU C 22 -33.34 21.45 24.17
C LEU C 22 -32.10 20.58 23.97
N GLN C 23 -30.98 20.95 24.59
CA GLN C 23 -29.76 20.16 24.41
C GLN C 23 -29.68 18.98 25.37
N ARG C 24 -29.74 19.26 26.67
CA ARG C 24 -29.71 18.25 27.73
C ARG C 24 -31.08 17.60 27.91
N ASP C 25 -31.33 17.04 29.10
CA ASP C 25 -32.56 16.33 29.49
C ASP C 25 -32.73 15.06 28.65
N TYR C 26 -31.83 14.11 28.92
CA TYR C 26 -31.74 12.85 28.19
C TYR C 26 -32.71 11.78 28.68
N THR C 27 -33.41 11.98 29.80
CA THR C 27 -34.20 10.91 30.40
C THR C 27 -35.70 11.09 30.28
N THR C 28 -36.19 12.10 29.56
CA THR C 28 -37.61 12.29 29.37
C THR C 28 -37.99 12.04 27.92
N LEU C 29 -38.97 11.17 27.72
CA LEU C 29 -39.54 10.88 26.42
C LEU C 29 -40.98 11.38 26.35
N ARG C 30 -41.49 11.48 25.13
CA ARG C 30 -42.88 11.82 24.88
C ARG C 30 -43.46 10.77 23.94
N GLY C 31 -44.59 10.19 24.34
CA GLY C 31 -45.18 9.11 23.57
C GLY C 31 -44.64 7.76 24.00
N TYR C 32 -44.79 6.78 23.09
CA TYR C 32 -44.32 5.40 23.24
C TYR C 32 -44.88 4.74 24.51
N ALA C 33 -46.22 4.58 24.53
CA ALA C 33 -46.88 3.99 25.68
C ALA C 33 -46.79 2.48 25.70
N LYS C 34 -46.42 1.84 24.58
CA LYS C 34 -46.31 0.40 24.50
C LYS C 34 -44.87 -0.08 24.48
N GLU C 35 -44.01 0.59 23.71
CA GLU C 35 -42.62 0.16 23.55
C GLU C 35 -41.84 0.33 24.84
N ARG C 36 -42.04 1.45 25.53
CA ARG C 36 -41.41 1.68 26.83
C ARG C 36 -41.89 0.68 27.86
N SER C 37 -43.17 0.30 27.79
CA SER C 37 -43.70 -0.70 28.72
C SER C 37 -43.11 -2.07 28.46
N ASN C 38 -42.93 -2.43 27.18
CA ASN C 38 -42.32 -3.72 26.85
C ASN C 38 -40.86 -3.78 27.30
N VAL C 39 -40.09 -2.70 27.08
CA VAL C 39 -38.70 -2.66 27.49
C VAL C 39 -38.58 -2.70 29.02
N ARG C 40 -39.45 -1.97 29.72
CA ARG C 40 -39.40 -1.92 31.17
C ARG C 40 -39.81 -3.26 31.79
N LEU C 41 -40.83 -3.91 31.24
CA LEU C 41 -41.23 -5.23 31.74
C LEU C 41 -40.18 -6.29 31.45
N LEU C 42 -39.48 -6.18 30.31
CA LEU C 42 -38.41 -7.12 30.01
C LEU C 42 -37.25 -6.99 30.99
N LEU C 43 -36.81 -5.75 31.25
CA LEU C 43 -35.72 -5.56 32.21
C LEU C 43 -36.13 -5.89 33.63
N GLN C 44 -37.41 -5.66 33.98
CA GLN C 44 -37.87 -5.97 35.32
C GLN C 44 -38.01 -7.48 35.53
N ARG C 45 -38.40 -8.21 34.50
CA ARG C 45 -38.45 -9.67 34.62
C ARG C 45 -37.08 -10.31 34.49
N THR C 46 -36.10 -9.58 33.93
CA THR C 46 -34.72 -10.04 34.04
C THR C 46 -34.20 -9.86 35.46
N ALA C 47 -34.47 -8.70 36.06
CA ALA C 47 -33.92 -8.40 37.38
C ALA C 47 -34.59 -9.20 38.49
N GLU C 48 -35.90 -9.38 38.43
CA GLU C 48 -36.63 -10.02 39.52
C GLU C 48 -36.53 -11.54 39.46
N MET C 49 -37.03 -12.14 38.38
CA MET C 49 -37.09 -13.59 38.27
C MET C 49 -35.74 -14.21 37.94
N GLY C 50 -34.87 -13.48 37.26
CA GLY C 50 -33.61 -14.06 36.83
C GLY C 50 -33.68 -14.79 35.51
N GLU C 51 -34.50 -14.32 34.58
CA GLU C 51 -34.58 -14.89 33.24
C GLU C 51 -33.66 -14.13 32.29
N SER C 52 -33.25 -14.82 31.23
CA SER C 52 -32.34 -14.26 30.24
C SER C 52 -33.13 -13.87 29.00
N ASN C 53 -32.95 -12.62 28.57
CA ASN C 53 -33.70 -12.09 27.44
C ASN C 53 -32.77 -11.42 26.43
N SER C 54 -33.25 -11.35 25.19
CA SER C 54 -32.62 -10.60 24.13
C SER C 54 -33.66 -9.69 23.51
N LEU C 55 -33.24 -8.48 23.14
CA LEU C 55 -34.14 -7.49 22.59
C LEU C 55 -33.39 -6.66 21.57
N LEU C 56 -34.14 -6.02 20.67
CA LEU C 56 -33.53 -5.27 19.58
C LEU C 56 -34.43 -4.08 19.27
N LEU C 57 -34.05 -2.90 19.79
CA LEU C 57 -34.74 -1.66 19.45
C LEU C 57 -34.38 -1.27 18.02
N LEU C 58 -35.39 -1.13 17.17
CA LEU C 58 -35.20 -0.73 15.79
C LEU C 58 -35.97 0.55 15.52
N GLY C 59 -35.41 1.40 14.66
CA GLY C 59 -36.06 2.64 14.32
C GLY C 59 -35.17 3.50 13.45
N PRO C 60 -35.70 4.61 12.95
CA PRO C 60 -34.88 5.52 12.15
C PRO C 60 -33.93 6.31 13.02
N ARG C 61 -32.86 6.79 12.40
CA ARG C 61 -31.88 7.61 13.09
C ARG C 61 -32.46 8.98 13.38
N GLY C 62 -32.65 9.30 14.65
CA GLY C 62 -33.27 10.54 15.07
C GLY C 62 -34.46 10.36 15.99
N SER C 63 -35.02 9.17 16.10
CA SER C 63 -36.09 8.90 17.04
C SER C 63 -35.53 8.62 18.43
N GLY C 64 -36.42 8.42 19.39
CA GLY C 64 -36.00 8.22 20.76
C GLY C 64 -35.59 6.79 21.09
N LYS C 65 -34.42 6.38 20.64
CA LYS C 65 -33.89 5.07 20.99
C LYS C 65 -33.03 5.13 22.25
N THR C 66 -32.05 6.03 22.28
CA THR C 66 -31.22 6.18 23.47
C THR C 66 -31.99 6.85 24.61
N THR C 67 -32.93 7.74 24.27
CA THR C 67 -33.76 8.38 25.28
C THR C 67 -34.69 7.39 25.95
N LEU C 68 -35.17 6.37 25.21
CA LEU C 68 -36.03 5.36 25.79
C LEU C 68 -35.26 4.47 26.75
N ILE C 69 -34.03 4.10 26.40
CA ILE C 69 -33.17 3.30 27.27
C ILE C 69 -32.83 4.07 28.54
N ASN C 70 -32.48 5.35 28.38
CA ASN C 70 -32.15 6.17 29.54
C ASN C 70 -33.36 6.43 30.44
N SER C 71 -34.55 6.56 29.85
CA SER C 71 -35.76 6.75 30.66
C SER C 71 -36.13 5.49 31.42
N VAL C 72 -36.03 4.33 30.77
CA VAL C 72 -36.34 3.06 31.44
C VAL C 72 -35.34 2.79 32.57
N LEU C 73 -34.05 3.06 32.32
CA LEU C 73 -33.04 2.82 33.35
C LEU C 73 -33.16 3.83 34.49
N ALA C 74 -33.51 5.08 34.19
CA ALA C 74 -33.67 6.07 35.25
C ALA C 74 -34.95 5.85 36.05
N ASP C 75 -35.94 5.17 35.48
CA ASP C 75 -37.12 4.80 36.26
C ASP C 75 -36.95 3.47 36.99
N LEU C 76 -35.99 2.63 36.59
CA LEU C 76 -35.80 1.35 37.25
C LEU C 76 -34.73 1.36 38.33
N LEU C 77 -33.62 2.08 38.12
CA LEU C 77 -32.46 1.96 38.99
C LEU C 77 -32.63 2.47 40.44
N PRO C 78 -33.46 3.51 40.78
CA PRO C 78 -33.64 3.81 42.21
C PRO C 78 -34.63 2.91 42.97
N ASN C 79 -34.97 1.74 42.41
CA ASN C 79 -35.91 0.85 43.09
C ASN C 79 -35.31 0.19 44.33
N LYS C 80 -33.98 0.12 44.41
CA LYS C 80 -33.14 -0.53 45.43
C LYS C 80 -33.22 -2.07 45.37
N SER C 81 -34.16 -2.63 44.62
CA SER C 81 -34.14 -4.03 44.24
C SER C 81 -33.60 -4.25 42.84
N PHE C 82 -33.61 -3.21 42.01
CA PHE C 82 -32.97 -3.26 40.70
C PHE C 82 -31.49 -2.89 40.79
N GLY C 83 -31.18 -1.83 41.55
CA GLY C 83 -29.83 -1.30 41.60
C GLY C 83 -28.86 -2.09 42.46
N GLU C 84 -29.36 -3.00 43.29
CA GLU C 84 -28.50 -3.82 44.13
C GLU C 84 -28.30 -5.23 43.60
N ASN C 85 -29.24 -5.73 42.78
CA ASN C 85 -29.15 -7.07 42.24
C ASN C 85 -28.55 -7.12 40.84
N THR C 86 -28.49 -6.00 40.12
CA THR C 86 -28.07 -5.98 38.73
C THR C 86 -26.87 -5.06 38.55
N LEU C 87 -26.13 -5.32 37.47
CA LEU C 87 -25.08 -4.42 37.00
C LEU C 87 -25.20 -4.27 35.49
N ILE C 88 -24.92 -3.05 35.01
CA ILE C 88 -25.21 -2.65 33.65
C ILE C 88 -23.90 -2.42 32.90
N VAL C 89 -23.76 -3.02 31.73
CA VAL C 89 -22.56 -2.92 30.91
C VAL C 89 -22.96 -2.25 29.59
N HIS C 90 -22.53 -1.01 29.42
CA HIS C 90 -22.78 -0.27 28.17
C HIS C 90 -21.63 -0.49 27.20
N LEU C 91 -21.97 -0.80 25.96
CA LEU C 91 -20.98 -0.89 24.88
C LEU C 91 -21.49 -0.11 23.68
N ASP C 92 -20.57 0.51 22.97
CA ASP C 92 -20.88 1.35 21.82
C ASP C 92 -20.13 0.82 20.60
N GLY C 93 -20.82 0.76 19.46
CA GLY C 93 -20.21 0.25 18.26
C GLY C 93 -19.22 1.19 17.62
N ASN C 94 -19.29 2.48 17.96
CA ASN C 94 -18.38 3.47 17.40
C ASN C 94 -17.07 3.59 18.17
N LEU C 95 -17.09 3.31 19.47
CA LEU C 95 -15.88 3.37 20.28
C LEU C 95 -15.18 2.02 20.35
N HIS C 96 -15.94 0.96 20.61
CA HIS C 96 -15.40 -0.40 20.68
C HIS C 96 -15.39 -0.98 19.27
N THR C 97 -14.39 -0.55 18.50
CA THR C 97 -14.29 -0.92 17.08
C THR C 97 -13.59 -2.25 16.85
N ASP C 98 -13.42 -3.06 17.88
CA ASP C 98 -12.80 -4.38 17.73
C ASP C 98 -13.43 -5.31 18.77
N ASP C 99 -12.88 -6.51 18.87
CA ASP C 99 -13.37 -7.48 19.84
C ASP C 99 -12.65 -7.37 21.17
N ARG C 100 -11.33 -7.17 21.14
CA ARG C 100 -10.56 -7.11 22.37
C ARG C 100 -10.77 -5.80 23.13
N VAL C 101 -11.07 -4.71 22.42
CA VAL C 101 -11.39 -3.46 23.10
C VAL C 101 -12.70 -3.56 23.86
N ALA C 102 -13.72 -4.13 23.21
CA ALA C 102 -15.01 -4.36 23.86
C ALA C 102 -14.87 -5.37 24.99
N LEU C 103 -13.96 -6.33 24.85
CA LEU C 103 -13.80 -7.33 25.91
C LEU C 103 -13.08 -6.77 27.12
N LYS C 104 -12.08 -5.91 26.91
CA LYS C 104 -11.46 -5.20 28.03
C LYS C 104 -12.44 -4.24 28.69
N SER C 105 -13.34 -3.64 27.91
CA SER C 105 -14.36 -2.77 28.50
C SER C 105 -15.37 -3.56 29.34
N ILE C 106 -15.72 -4.78 28.88
CA ILE C 106 -16.59 -5.65 29.68
C ILE C 106 -15.88 -6.08 30.96
N THR C 107 -14.60 -6.43 30.86
CA THR C 107 -13.85 -6.87 32.04
C THR C 107 -13.64 -5.73 33.04
N VAL C 108 -13.52 -4.49 32.57
CA VAL C 108 -13.44 -3.35 33.47
C VAL C 108 -14.80 -3.10 34.11
N GLN C 109 -15.86 -3.07 33.30
CA GLN C 109 -17.17 -2.63 33.80
C GLN C 109 -17.85 -3.68 34.67
N MET C 110 -17.54 -4.97 34.47
CA MET C 110 -18.13 -6.00 35.33
C MET C 110 -17.40 -6.17 36.65
N GLN C 111 -16.27 -5.48 36.84
CA GLN C 111 -15.43 -5.54 38.04
C GLN C 111 -14.99 -6.97 38.34
N LEU C 112 -14.36 -7.60 37.36
CA LEU C 112 -13.90 -8.98 37.50
C LEU C 112 -12.61 -9.03 38.31
N GLU C 113 -12.05 -10.24 38.45
CA GLU C 113 -10.89 -10.43 39.31
C GLU C 113 -9.61 -9.89 38.69
N ASN C 114 -9.54 -9.81 37.36
CA ASN C 114 -8.38 -9.25 36.67
C ASN C 114 -8.63 -7.82 36.20
N ALA C 115 -9.50 -7.09 36.90
CA ALA C 115 -9.82 -5.73 36.49
C ALA C 115 -8.72 -4.75 36.88
N ALA C 116 -8.49 -4.62 38.20
CA ALA C 116 -7.42 -3.82 38.80
C ALA C 116 -7.52 -2.35 38.38
N ASP C 117 -8.62 -1.73 38.85
CA ASP C 117 -9.00 -0.30 38.72
C ASP C 117 -8.81 0.26 37.30
N GLY C 118 -9.18 -0.55 36.31
CA GLY C 118 -9.18 -0.09 34.93
C GLY C 118 -7.92 -0.39 34.13
N LYS C 119 -7.31 -1.55 34.35
CA LYS C 119 -6.15 -1.98 33.56
C LYS C 119 -6.14 -3.51 33.55
N VAL C 120 -6.65 -4.08 32.47
CA VAL C 120 -6.83 -5.52 32.37
C VAL C 120 -5.52 -6.18 31.96
N PHE C 121 -5.16 -7.25 32.64
CA PHE C 121 -3.98 -8.05 32.30
C PHE C 121 -4.35 -9.17 31.33
N GLY C 122 -3.33 -9.85 30.84
CA GLY C 122 -3.53 -10.98 29.97
C GLY C 122 -3.87 -10.57 28.56
N SER C 123 -3.97 -11.58 27.70
CA SER C 123 -4.22 -11.39 26.29
C SER C 123 -5.72 -11.30 26.01
N PHE C 124 -6.09 -11.35 24.74
CA PHE C 124 -7.49 -11.40 24.35
C PHE C 124 -8.08 -12.77 24.63
N ALA C 125 -7.29 -13.82 24.43
CA ALA C 125 -7.78 -15.19 24.65
C ALA C 125 -7.95 -15.48 26.13
N GLU C 126 -7.05 -14.97 26.97
CA GLU C 126 -7.20 -15.17 28.41
C GLU C 126 -8.36 -14.36 28.97
N ASN C 127 -8.61 -13.17 28.42
CA ASN C 127 -9.77 -12.38 28.84
C ASN C 127 -11.07 -13.05 28.43
N LEU C 128 -11.11 -13.64 27.23
CA LEU C 128 -12.31 -14.35 26.79
C LEU C 128 -12.56 -15.60 27.63
N ALA C 129 -11.49 -16.36 27.92
CA ALA C 129 -11.62 -17.56 28.74
C ALA C 129 -12.05 -17.22 30.15
N PHE C 130 -11.49 -16.14 30.73
CA PHE C 130 -11.86 -15.76 32.08
C PHE C 130 -13.27 -15.19 32.16
N LEU C 131 -13.72 -14.47 31.12
CA LEU C 131 -15.07 -13.94 31.13
C LEU C 131 -16.11 -15.05 30.98
N LEU C 132 -15.86 -16.02 30.09
CA LEU C 132 -16.77 -17.15 29.97
C LEU C 132 -16.70 -18.06 31.19
N GLN C 133 -15.55 -18.10 31.88
CA GLN C 133 -15.45 -18.90 33.10
C GLN C 133 -16.17 -18.23 34.26
N CYS C 134 -16.17 -16.90 34.33
CA CYS C 134 -16.91 -16.20 35.37
C CYS C 134 -18.39 -16.06 35.06
N LEU C 135 -18.78 -16.24 33.80
CA LEU C 135 -20.20 -16.29 33.48
C LEU C 135 -20.78 -17.69 33.62
N LYS C 136 -19.97 -18.73 33.35
CA LYS C 136 -20.46 -20.10 33.51
C LYS C 136 -20.54 -20.50 34.98
N ALA C 137 -19.72 -19.91 35.83
CA ALA C 137 -19.70 -20.24 37.25
C ALA C 137 -20.84 -19.59 38.02
N GLY C 138 -21.69 -18.81 37.37
CA GLY C 138 -22.86 -18.24 38.01
C GLY C 138 -24.09 -19.10 37.84
N GLY C 139 -25.19 -18.59 38.36
CA GLY C 139 -26.47 -19.28 38.26
C GLY C 139 -27.56 -18.30 38.56
N LYS C 140 -28.69 -18.81 39.04
CA LYS C 140 -29.81 -17.96 39.44
C LYS C 140 -29.58 -17.26 40.77
N HIS C 141 -28.49 -17.57 41.47
CA HIS C 141 -28.11 -16.89 42.70
C HIS C 141 -27.06 -15.81 42.47
N SER C 142 -26.85 -15.40 41.22
CA SER C 142 -25.82 -14.43 40.88
C SER C 142 -26.46 -13.13 40.39
N LYS C 143 -25.64 -12.09 40.33
CA LYS C 143 -26.12 -10.78 39.88
C LYS C 143 -26.41 -10.79 38.39
N SER C 144 -27.50 -10.13 38.02
CA SER C 144 -27.90 -10.07 36.62
C SER C 144 -27.10 -8.99 35.90
N VAL C 145 -26.50 -9.37 34.76
CA VAL C 145 -25.75 -8.44 33.94
C VAL C 145 -26.64 -8.00 32.79
N ILE C 146 -26.68 -6.70 32.52
CA ILE C 146 -27.53 -6.14 31.48
C ILE C 146 -26.60 -5.50 30.45
N PHE C 147 -26.41 -6.18 29.33
CA PHE C 147 -25.58 -5.66 28.25
C PHE C 147 -26.43 -4.77 27.36
N ILE C 148 -25.93 -3.56 27.09
CA ILE C 148 -26.60 -2.61 26.21
C ILE C 148 -25.65 -2.31 25.07
N LEU C 149 -25.92 -2.89 23.90
CA LEU C 149 -25.06 -2.78 22.74
C LEU C 149 -25.65 -1.72 21.81
N GLU C 150 -25.04 -0.55 21.76
CA GLU C 150 -25.47 0.46 20.81
C GLU C 150 -24.65 0.34 19.54
N GLU C 151 -25.28 0.72 18.42
CA GLU C 151 -24.79 0.50 17.05
C GLU C 151 -24.46 -0.98 16.82
N PHE C 152 -25.53 -1.77 16.81
CA PHE C 152 -25.44 -3.23 16.85
C PHE C 152 -24.90 -3.80 15.53
N ASP C 153 -25.12 -3.11 14.42
CA ASP C 153 -24.61 -3.61 13.14
C ASP C 153 -23.08 -3.50 13.04
N LEU C 154 -22.50 -2.50 13.70
CA LEU C 154 -21.04 -2.41 13.78
C LEU C 154 -20.45 -3.51 14.66
N PHE C 155 -21.25 -4.07 15.58
CA PHE C 155 -20.86 -5.30 16.27
C PHE C 155 -21.12 -6.53 15.42
N CYS C 156 -22.07 -6.45 14.49
CA CYS C 156 -22.29 -7.55 13.55
C CYS C 156 -21.18 -7.64 12.51
N ALA C 157 -20.45 -6.56 12.27
CA ALA C 157 -19.39 -6.54 11.28
C ALA C 157 -18.01 -6.87 11.86
N HIS C 158 -17.96 -7.67 12.93
CA HIS C 158 -16.70 -8.03 13.56
C HIS C 158 -16.19 -9.37 13.02
N HIS C 159 -15.15 -9.91 13.65
CA HIS C 159 -14.57 -11.18 13.23
C HIS C 159 -15.42 -12.33 13.76
N ASN C 160 -15.98 -13.11 12.83
CA ASN C 160 -16.84 -14.28 13.07
C ASN C 160 -18.09 -13.97 13.90
N GLN C 161 -18.37 -12.69 14.15
CA GLN C 161 -19.31 -12.21 15.17
C GLN C 161 -19.13 -12.90 16.52
N THR C 162 -17.87 -13.19 16.89
CA THR C 162 -17.61 -14.17 17.94
C THR C 162 -18.08 -13.66 19.31
N LEU C 163 -17.88 -12.37 19.60
CA LEU C 163 -18.40 -11.77 20.83
C LEU C 163 -19.91 -11.88 20.89
N LEU C 164 -20.59 -11.63 19.77
CA LEU C 164 -22.04 -11.78 19.73
C LEU C 164 -22.44 -13.23 19.97
N TYR C 165 -21.64 -14.18 19.46
CA TYR C 165 -21.95 -15.58 19.67
C TYR C 165 -21.82 -15.94 21.14
N ASN C 166 -20.95 -15.25 21.87
CA ASN C 166 -20.90 -15.53 23.29
C ASN C 166 -22.03 -14.84 24.03
N LEU C 167 -22.42 -13.64 23.58
CA LEU C 167 -23.43 -12.88 24.31
C LEU C 167 -24.82 -13.45 24.11
N PHE C 168 -25.03 -14.22 23.06
CA PHE C 168 -26.25 -14.96 22.84
C PHE C 168 -26.14 -16.42 23.25
N ASP C 169 -25.00 -16.84 23.79
CA ASP C 169 -24.88 -18.21 24.28
C ASP C 169 -25.15 -18.32 25.77
N VAL C 170 -24.89 -17.25 26.52
CA VAL C 170 -25.23 -17.25 27.94
C VAL C 170 -26.72 -17.03 28.11
N SER C 171 -27.37 -16.37 27.15
CA SER C 171 -28.81 -16.13 27.22
C SER C 171 -29.61 -17.41 26.99
N GLN C 172 -29.05 -18.39 26.28
CA GLN C 172 -29.72 -19.67 26.04
C GLN C 172 -29.06 -20.79 26.81
N SER C 173 -28.59 -20.53 28.04
CA SER C 173 -27.93 -21.55 28.84
C SER C 173 -28.24 -21.31 30.31
N ALA C 174 -27.90 -22.30 31.14
CA ALA C 174 -28.18 -22.25 32.56
C ALA C 174 -26.97 -21.63 33.26
N GLN C 175 -26.87 -20.31 33.13
CA GLN C 175 -25.71 -19.55 33.58
C GLN C 175 -26.24 -18.27 34.22
N ALA C 176 -25.35 -17.28 34.37
CA ALA C 176 -25.74 -16.00 34.94
C ALA C 176 -26.78 -15.31 34.06
N PRO C 177 -27.89 -14.82 34.63
CA PRO C 177 -28.97 -14.29 33.80
C PRO C 177 -28.68 -12.93 33.19
N ILE C 178 -27.96 -12.92 32.07
CA ILE C 178 -27.68 -11.68 31.36
C ILE C 178 -28.89 -11.29 30.53
N CYS C 179 -28.91 -10.05 30.04
CA CYS C 179 -29.97 -9.57 29.16
C CYS C 179 -29.36 -8.65 28.13
N VAL C 180 -29.48 -8.99 26.87
CA VAL C 180 -28.78 -8.30 25.79
C VAL C 180 -29.78 -7.43 25.04
N LEU C 181 -29.64 -6.11 25.17
CA LEU C 181 -30.45 -5.16 24.42
C LEU C 181 -29.59 -4.52 23.34
N GLY C 182 -29.91 -4.81 22.09
CA GLY C 182 -29.26 -4.12 20.98
C GLY C 182 -30.07 -2.91 20.56
N VAL C 183 -29.36 -1.84 20.18
CA VAL C 183 -29.97 -0.61 19.71
C VAL C 183 -29.30 -0.26 18.39
N THR C 184 -30.06 -0.31 17.30
CA THR C 184 -29.48 -0.02 15.99
C THR C 184 -30.52 0.68 15.13
N CYS C 185 -30.04 1.23 14.01
CA CYS C 185 -30.89 1.99 13.11
C CYS C 185 -31.22 1.25 11.81
N ARG C 186 -30.41 0.27 11.43
CA ARG C 186 -30.70 -0.50 10.23
C ARG C 186 -31.89 -1.43 10.46
N LEU C 187 -32.90 -1.33 9.61
CA LEU C 187 -34.11 -2.11 9.75
C LEU C 187 -33.97 -3.54 9.24
N ASP C 188 -32.80 -3.92 8.75
CA ASP C 188 -32.51 -5.28 8.30
C ASP C 188 -31.20 -5.78 8.91
N VAL C 189 -31.03 -5.56 10.21
CA VAL C 189 -29.80 -5.94 10.89
C VAL C 189 -29.75 -7.45 11.12
N ILE C 190 -30.91 -8.11 11.15
CA ILE C 190 -30.95 -9.54 11.46
C ILE C 190 -30.51 -10.41 10.28
N GLU C 191 -30.35 -9.83 9.10
CA GLU C 191 -29.81 -10.58 7.96
C GLU C 191 -28.29 -10.56 7.91
N LEU C 192 -27.65 -9.79 8.79
CA LEU C 192 -26.19 -9.74 8.87
C LEU C 192 -25.62 -10.84 9.75
N LEU C 193 -26.45 -11.45 10.59
CA LEU C 193 -25.98 -12.45 11.54
C LEU C 193 -25.73 -13.78 10.85
N GLU C 194 -24.81 -14.57 11.41
CA GLU C 194 -24.66 -15.95 11.01
C GLU C 194 -25.86 -16.76 11.46
N LYS C 195 -25.99 -17.99 10.93
CA LYS C 195 -27.18 -18.78 11.19
C LYS C 195 -27.23 -19.29 12.63
N ARG C 196 -26.07 -19.52 13.25
CA ARG C 196 -26.05 -19.88 14.66
C ARG C 196 -26.43 -18.69 15.53
N VAL C 197 -25.91 -17.51 15.20
CA VAL C 197 -26.26 -16.29 15.93
C VAL C 197 -27.71 -15.89 15.63
N LYS C 198 -28.21 -16.25 14.43
CA LYS C 198 -29.62 -16.05 14.14
C LYS C 198 -30.49 -16.97 14.99
N SER C 199 -30.04 -18.20 15.23
CA SER C 199 -30.83 -19.14 16.01
C SER C 199 -30.80 -18.79 17.50
N ARG C 200 -29.66 -18.32 18.01
CA ARG C 200 -29.55 -18.01 19.42
C ARG C 200 -30.22 -16.70 19.82
N PHE C 201 -30.64 -15.89 18.85
CA PHE C 201 -31.26 -14.61 19.14
C PHE C 201 -32.77 -14.78 19.25
N SER C 202 -33.35 -14.38 20.39
CA SER C 202 -34.80 -14.38 20.53
C SER C 202 -35.37 -13.26 19.67
N HIS C 203 -36.27 -13.60 18.77
CA HIS C 203 -36.60 -12.74 17.63
C HIS C 203 -37.55 -11.60 17.95
N ARG C 204 -37.74 -11.24 19.22
CA ARG C 204 -38.56 -10.08 19.52
C ARG C 204 -37.83 -8.81 19.11
N GLN C 205 -38.54 -7.94 18.39
CA GLN C 205 -37.98 -6.69 17.89
C GLN C 205 -38.98 -5.58 18.20
N VAL C 206 -38.47 -4.49 18.75
CA VAL C 206 -39.30 -3.35 19.10
C VAL C 206 -39.04 -2.25 18.08
N PHE C 207 -40.09 -1.78 17.42
CA PHE C 207 -39.98 -0.78 16.37
C PHE C 207 -40.38 0.59 16.91
N LEU C 208 -39.54 1.58 16.65
CA LEU C 208 -39.67 2.90 17.26
C LEU C 208 -39.86 3.98 16.20
N PHE C 209 -40.77 3.74 15.27
CA PHE C 209 -41.12 4.75 14.27
C PHE C 209 -41.81 5.92 14.95
N PRO C 210 -41.49 7.16 14.60
CA PRO C 210 -42.04 8.31 15.31
C PRO C 210 -43.52 8.52 15.02
N SER C 211 -44.25 8.94 16.05
CA SER C 211 -45.70 9.09 15.99
C SER C 211 -46.14 10.52 15.68
N LEU C 212 -45.35 11.24 14.89
CA LEU C 212 -45.65 12.62 14.51
C LEU C 212 -45.59 12.78 13.00
N ARG C 213 -46.17 11.83 12.27
CA ARG C 213 -46.28 11.97 10.82
C ARG C 213 -47.34 13.01 10.44
N ARG C 214 -48.42 13.10 11.20
CA ARG C 214 -49.43 14.11 10.94
C ARG C 214 -48.97 15.45 11.53
N PHE C 215 -49.39 16.53 10.86
CA PHE C 215 -48.78 17.84 11.11
C PHE C 215 -49.24 18.45 12.42
N GLU C 216 -50.44 18.10 12.90
CA GLU C 216 -50.93 18.69 14.13
C GLU C 216 -50.13 18.22 15.34
N ASP C 217 -49.64 16.97 15.32
CA ASP C 217 -48.75 16.50 16.37
C ASP C 217 -47.40 17.22 16.32
N TYR C 218 -46.95 17.59 15.12
CA TYR C 218 -45.73 18.40 15.00
C TYR C 218 -45.94 19.78 15.61
N VAL C 219 -47.12 20.38 15.41
CA VAL C 219 -47.38 21.69 16.00
C VAL C 219 -47.52 21.61 17.51
N ASP C 220 -48.16 20.55 18.02
CA ASP C 220 -48.25 20.38 19.48
C ASP C 220 -46.88 20.10 20.10
N LEU C 221 -46.00 19.40 19.39
CA LEU C 221 -44.65 19.19 19.89
C LEU C 221 -43.86 20.49 19.91
N CYS C 222 -43.95 21.29 18.84
CA CYS C 222 -43.27 22.58 18.80
C CYS C 222 -43.87 23.58 19.77
N ARG C 223 -45.11 23.36 20.22
CA ARG C 223 -45.68 24.21 21.27
C ARG C 223 -45.25 23.74 22.65
N ASP C 224 -45.15 22.42 22.86
CA ASP C 224 -44.68 21.90 24.15
C ASP C 224 -43.19 22.12 24.37
N LEU C 225 -42.41 22.31 23.30
CA LEU C 225 -40.98 22.49 23.45
C LEU C 225 -40.58 23.95 23.72
N LEU C 226 -41.50 24.90 23.60
CA LEU C 226 -41.19 26.30 23.84
C LEU C 226 -41.85 26.87 25.07
N SER C 227 -42.87 26.21 25.62
CA SER C 227 -43.62 26.75 26.74
C SER C 227 -42.91 26.48 28.06
N LEU C 228 -43.13 27.38 29.03
CA LEU C 228 -42.53 27.25 30.35
C LEU C 228 -43.46 26.48 31.28
N PRO C 229 -42.98 25.43 31.93
CA PRO C 229 -43.85 24.68 32.84
C PRO C 229 -44.04 25.40 34.18
N THR C 230 -44.87 24.79 35.03
CA THR C 230 -45.25 25.40 36.28
C THR C 230 -44.16 25.20 37.33
N GLY C 231 -44.48 25.56 38.57
CA GLY C 231 -43.53 25.41 39.67
C GLY C 231 -43.53 24.01 40.24
N ASN C 232 -44.73 23.43 40.42
CA ASN C 232 -44.85 22.08 40.99
C ASN C 232 -44.26 21.03 40.06
N SER C 233 -44.41 21.21 38.74
CA SER C 233 -43.80 20.29 37.79
C SER C 233 -42.28 20.37 37.83
N LEU C 234 -41.72 21.57 38.04
CA LEU C 234 -40.28 21.69 38.16
C LEU C 234 -39.77 21.11 39.47
N LEU C 235 -40.55 21.23 40.55
CA LEU C 235 -40.18 20.58 41.81
C LEU C 235 -40.22 19.06 41.69
N LEU C 236 -41.23 18.52 41.01
CA LEU C 236 -41.31 17.08 40.80
C LEU C 236 -40.18 16.58 39.91
N ALA C 237 -39.85 17.33 38.86
CA ALA C 237 -38.77 16.93 37.96
C ALA C 237 -37.41 17.01 38.65
N ALA C 238 -37.20 18.04 39.47
CA ALA C 238 -35.96 18.14 40.24
C ALA C 238 -35.87 17.06 41.29
N GLU C 239 -37.02 16.63 41.85
CA GLU C 239 -37.02 15.52 42.80
C GLU C 239 -36.63 14.21 42.13
N LYS C 240 -37.19 13.93 40.94
CA LYS C 240 -36.83 12.70 40.23
C LYS C 240 -35.38 12.72 39.77
N ILE C 241 -34.88 13.87 39.31
CA ILE C 241 -33.50 13.95 38.86
C ILE C 241 -32.52 13.88 40.04
N TYR C 242 -32.88 14.46 41.19
CA TYR C 242 -32.05 14.30 42.38
C TYR C 242 -32.09 12.86 42.91
N ASN C 243 -33.21 12.17 42.73
CA ASN C 243 -33.28 10.77 43.14
C ASN C 243 -32.44 9.87 42.24
N LEU C 244 -32.36 10.18 40.95
CA LEU C 244 -31.48 9.39 40.09
C LEU C 244 -30.04 9.86 40.13
N GLN C 245 -29.76 11.05 40.70
CA GLN C 245 -28.39 11.49 40.93
C GLN C 245 -27.85 11.07 42.28
N ASN C 246 -28.73 10.68 43.22
CA ASN C 246 -28.27 10.25 44.54
C ASN C 246 -27.50 8.94 44.45
N ILE C 247 -27.97 8.00 43.64
CA ILE C 247 -27.30 6.72 43.48
C ILE C 247 -26.09 6.88 42.57
N TYR C 253 -21.89 8.26 32.26
CA TYR C 253 -23.26 8.34 32.74
C TYR C 253 -23.75 9.78 32.65
N PHE C 254 -25.05 9.95 32.40
CA PHE C 254 -25.60 11.25 32.06
C PHE C 254 -25.81 12.16 33.28
N SER C 255 -26.14 11.57 34.44
CA SER C 255 -26.69 12.33 35.56
C SER C 255 -25.69 13.29 36.20
N ARG C 256 -24.39 13.18 35.91
CA ARG C 256 -23.45 14.17 36.41
C ARG C 256 -23.66 15.52 35.73
N ASN C 257 -24.08 15.52 34.46
CA ASN C 257 -24.42 16.77 33.75
C ASN C 257 -25.79 16.57 33.11
N HIS C 258 -26.84 16.87 33.87
CA HIS C 258 -28.20 16.65 33.44
C HIS C 258 -28.92 18.00 33.41
N PHE C 259 -30.23 17.97 33.15
CA PHE C 259 -31.02 19.19 33.04
C PHE C 259 -31.16 19.87 34.40
N ASP C 260 -31.71 19.16 35.39
CA ASP C 260 -31.88 19.57 36.79
C ASP C 260 -32.61 20.91 36.91
N PRO C 261 -33.92 20.95 36.66
CA PRO C 261 -34.61 22.25 36.52
C PRO C 261 -35.02 22.89 37.83
N GLY C 262 -34.48 22.43 38.96
CA GLY C 262 -34.75 23.06 40.23
C GLY C 262 -34.05 24.40 40.42
N GLU C 263 -33.12 24.75 39.54
CA GLU C 263 -32.40 26.00 39.65
C GLU C 263 -33.20 27.19 39.15
N TYR C 264 -34.22 26.97 38.34
CA TYR C 264 -34.94 28.04 37.65
C TYR C 264 -36.34 28.18 38.24
N GLY C 265 -36.65 29.37 38.74
CA GLY C 265 -37.99 29.66 39.21
C GLY C 265 -38.57 30.88 38.52
N PHE C 266 -39.66 30.69 37.79
CA PHE C 266 -40.27 31.77 37.02
C PHE C 266 -41.52 32.29 37.73
N SER C 267 -41.78 33.58 37.52
CA SER C 267 -43.02 34.17 38.02
C SER C 267 -44.21 33.63 37.23
N PRO C 268 -45.38 33.53 37.86
CA PRO C 268 -46.56 33.02 37.13
C PRO C 268 -47.06 33.98 36.05
N ARG C 269 -46.91 35.29 36.24
CA ARG C 269 -47.30 36.23 35.20
C ARG C 269 -46.36 36.17 34.00
N LEU C 270 -45.06 35.95 34.26
CA LEU C 270 -44.09 35.78 33.18
C LEU C 270 -44.35 34.49 32.40
N ARG C 271 -44.69 33.41 33.12
CA ARG C 271 -45.02 32.15 32.47
C ARG C 271 -46.29 32.27 31.63
N ASP C 272 -47.31 32.97 32.15
CA ASP C 272 -48.56 33.11 31.41
C ASP C 272 -48.38 34.01 30.19
N ALA C 273 -47.58 35.07 30.32
CA ALA C 273 -47.31 35.94 29.17
C ALA C 273 -46.50 35.21 28.10
N TRP C 274 -45.51 34.41 28.51
CA TRP C 274 -44.71 33.66 27.55
C TRP C 274 -45.53 32.59 26.84
N ASN C 275 -46.39 31.88 27.58
CA ASN C 275 -47.20 30.85 26.94
C ASN C 275 -48.29 31.46 26.05
N LYS C 276 -48.81 32.63 26.43
CA LYS C 276 -49.77 33.31 25.56
C LYS C 276 -49.10 33.81 24.28
N GLN C 277 -47.86 34.29 24.39
CA GLN C 277 -47.13 34.73 23.20
C GLN C 277 -46.79 33.54 22.30
N ILE C 278 -46.45 32.40 22.89
CA ILE C 278 -46.11 31.21 22.10
C ILE C 278 -47.34 30.66 21.38
N CYS C 279 -48.49 30.63 22.06
CA CYS C 279 -49.71 30.17 21.40
C CYS C 279 -50.21 31.15 20.35
N LYS C 280 -50.06 32.46 20.60
CA LYS C 280 -50.45 33.46 19.63
C LYS C 280 -49.57 33.40 18.38
N VAL C 281 -48.27 33.12 18.54
CA VAL C 281 -47.38 33.02 17.39
C VAL C 281 -47.63 31.73 16.63
N LEU C 282 -47.83 30.61 17.34
CA LEU C 282 -48.09 29.35 16.66
C LEU C 282 -49.52 29.20 16.15
N ALA C 283 -50.38 30.18 16.42
CA ALA C 283 -51.72 30.19 15.83
C ALA C 283 -51.81 31.00 14.54
N THR C 284 -50.70 31.51 14.03
CA THR C 284 -50.71 32.27 12.78
C THR C 284 -50.56 31.32 11.58
N GLN C 285 -50.30 31.91 10.42
CA GLN C 285 -50.13 31.15 9.18
C GLN C 285 -48.70 31.15 8.67
N GLN C 286 -47.91 32.18 8.98
CA GLN C 286 -46.52 32.21 8.55
C GLN C 286 -45.68 31.21 9.33
N ALA C 287 -45.90 31.13 10.65
CA ALA C 287 -45.22 30.15 11.48
C ALA C 287 -45.62 28.74 11.09
N ARG C 288 -46.90 28.52 10.80
CA ARG C 288 -47.34 27.21 10.36
C ARG C 288 -46.87 26.88 8.95
N SER C 289 -46.60 27.89 8.11
CA SER C 289 -46.02 27.62 6.80
C SER C 289 -44.56 27.21 6.91
N THR C 290 -43.82 27.86 7.81
CA THR C 290 -42.43 27.47 8.08
C THR C 290 -42.36 26.06 8.66
N LEU C 291 -43.21 25.77 9.65
CA LEU C 291 -43.26 24.42 10.21
C LEU C 291 -43.80 23.41 9.21
N GLN C 292 -44.62 23.84 8.25
CA GLN C 292 -45.10 22.93 7.22
C GLN C 292 -43.99 22.57 6.24
N ALA C 293 -43.11 23.53 5.92
CA ALA C 293 -41.97 23.23 5.07
C ALA C 293 -40.97 22.31 5.77
N LEU C 294 -40.70 22.58 7.05
CA LEU C 294 -39.83 21.69 7.83
C LEU C 294 -40.43 20.31 8.03
N HIS C 295 -41.75 20.23 8.18
CA HIS C 295 -42.40 18.93 8.33
C HIS C 295 -42.46 18.18 7.01
N ASP C 296 -42.53 18.90 5.89
CA ASP C 296 -42.43 18.26 4.59
C ASP C 296 -41.05 17.68 4.36
N PHE C 297 -40.01 18.37 4.85
CA PHE C 297 -38.66 17.83 4.67
C PHE C 297 -38.40 16.66 5.61
N ASP C 298 -38.43 16.89 6.92
CA ASP C 298 -38.08 15.87 7.89
C ASP C 298 -39.01 15.94 9.09
N ILE C 299 -39.62 14.81 9.43
CA ILE C 299 -40.57 14.72 10.53
C ILE C 299 -39.84 14.29 11.81
N SER C 300 -38.52 14.28 11.78
CA SER C 300 -37.72 13.83 12.91
C SER C 300 -37.75 14.86 14.03
N GLU C 301 -37.29 14.44 15.21
CA GLU C 301 -37.27 15.31 16.37
C GLU C 301 -36.00 16.16 16.42
N ALA C 302 -34.88 15.62 15.91
CA ALA C 302 -33.62 16.34 15.96
C ALA C 302 -33.62 17.55 15.03
N TYR C 303 -34.31 17.45 13.91
CA TYR C 303 -34.43 18.58 12.98
C TYR C 303 -35.19 19.75 13.63
N LEU C 304 -36.31 19.44 14.28
CA LEU C 304 -37.09 20.48 14.96
C LEU C 304 -36.34 21.02 16.16
N LYS C 305 -35.60 20.18 16.88
CA LYS C 305 -34.85 20.68 18.03
C LYS C 305 -33.68 21.55 17.59
N ASN C 306 -33.07 21.26 16.43
CA ASN C 306 -32.02 22.13 15.91
C ASN C 306 -32.59 23.47 15.47
N PHE C 307 -33.74 23.45 14.78
CA PHE C 307 -34.41 24.70 14.38
C PHE C 307 -34.82 25.53 15.59
N LEU C 308 -35.32 24.87 16.64
CA LEU C 308 -35.75 25.59 17.83
C LEU C 308 -34.58 26.12 18.63
N PHE C 309 -33.45 25.40 18.65
CA PHE C 309 -32.25 25.92 19.32
C PHE C 309 -31.71 27.15 18.60
N ARG C 310 -31.65 27.10 17.26
CA ARG C 310 -31.18 28.25 16.51
C ARG C 310 -32.18 29.40 16.51
N LEU C 311 -33.45 29.13 16.83
CA LEU C 311 -34.42 30.21 16.99
C LEU C 311 -34.36 30.82 18.39
N VAL C 312 -34.14 29.99 19.41
CA VAL C 312 -34.06 30.47 20.79
C VAL C 312 -32.76 31.26 21.02
N ALA C 313 -31.69 30.90 20.32
CA ALA C 313 -30.43 31.63 20.44
C ALA C 313 -30.48 33.06 19.90
N HIS C 314 -31.52 33.44 19.18
CA HIS C 314 -31.71 34.81 18.71
C HIS C 314 -32.31 35.74 19.76
N LEU C 315 -32.68 35.23 20.93
CA LEU C 315 -33.39 36.03 21.93
C LEU C 315 -32.41 36.95 22.65
N ARG C 316 -32.35 38.19 22.20
CA ARG C 316 -31.58 39.26 22.78
C ARG C 316 -32.49 40.19 23.58
N PRO C 317 -31.95 40.93 24.56
CA PRO C 317 -32.79 41.88 25.31
C PRO C 317 -33.29 43.08 24.52
N GLN C 318 -32.82 43.29 23.29
CA GLN C 318 -33.40 44.32 22.44
C GLN C 318 -34.69 43.85 21.76
N SER C 319 -34.71 42.60 21.30
CA SER C 319 -35.89 41.97 20.70
C SER C 319 -36.20 40.72 21.51
N PRO C 320 -36.90 40.85 22.64
CA PRO C 320 -37.00 39.72 23.57
C PRO C 320 -38.04 38.67 23.20
N HIS C 321 -39.05 39.02 22.43
CA HIS C 321 -40.15 38.10 22.17
C HIS C 321 -39.89 37.27 20.92
N ILE C 322 -40.51 36.10 20.88
CA ILE C 322 -40.51 35.26 19.68
C ILE C 322 -41.67 35.69 18.80
N THR C 323 -41.38 36.02 17.55
CA THR C 323 -42.38 36.42 16.58
C THR C 323 -42.34 35.48 15.38
N ALA C 324 -43.29 35.67 14.46
CA ALA C 324 -43.36 34.81 13.28
C ALA C 324 -42.29 35.17 12.26
N GLU C 325 -41.83 36.43 12.27
CA GLU C 325 -40.82 36.86 11.30
C GLU C 325 -39.46 36.23 11.58
N LYS C 326 -39.12 36.01 12.84
CA LYS C 326 -37.87 35.31 13.16
C LYS C 326 -37.95 33.85 12.76
N MET C 327 -39.13 33.23 12.90
CA MET C 327 -39.33 31.86 12.45
C MET C 327 -39.21 31.76 10.94
N ALA C 328 -39.74 32.74 10.22
CA ALA C 328 -39.59 32.77 8.76
C ALA C 328 -38.14 33.02 8.35
N ALA C 329 -37.40 33.81 9.14
CA ALA C 329 -36.00 34.07 8.83
C ALA C 329 -35.15 32.82 9.02
N VAL C 330 -35.37 32.06 10.09
CA VAL C 330 -34.61 30.83 10.28
C VAL C 330 -35.09 29.75 9.30
N GLY C 331 -36.36 29.80 8.88
CA GLY C 331 -36.82 28.89 7.83
C GLY C 331 -36.18 29.17 6.49
N SER C 332 -35.97 30.45 6.16
CA SER C 332 -35.23 30.79 4.95
C SER C 332 -33.75 30.48 5.10
N GLN C 333 -33.23 30.52 6.34
CA GLN C 333 -31.87 30.09 6.60
C GLN C 333 -31.70 28.59 6.39
N PHE C 334 -32.75 27.81 6.66
CA PHE C 334 -32.71 26.37 6.45
C PHE C 334 -32.90 26.00 4.98
N GLU C 335 -33.91 26.59 4.33
CA GLU C 335 -34.37 26.12 3.03
C GLU C 335 -33.46 26.50 1.87
N GLY C 336 -32.50 27.40 2.07
CA GLY C 336 -31.65 27.83 0.98
C GLY C 336 -30.62 26.79 0.59
N ASP C 337 -29.98 27.05 -0.56
CA ASP C 337 -28.94 26.17 -1.08
C ASP C 337 -27.57 26.70 -0.71
N ASP C 338 -26.59 25.79 -0.67
CA ASP C 338 -25.22 26.15 -0.32
C ASP C 338 -24.28 26.20 -1.51
N LYS C 339 -24.50 25.36 -2.53
CA LYS C 339 -23.65 25.41 -3.71
C LYS C 339 -23.93 26.64 -4.56
N ILE C 340 -25.16 27.13 -4.53
CA ILE C 340 -25.46 28.39 -5.20
C ILE C 340 -24.83 29.55 -4.44
N GLU C 341 -24.77 29.47 -3.11
CA GLU C 341 -24.09 30.49 -2.33
C GLU C 341 -22.57 30.40 -2.44
N LEU C 342 -22.04 29.25 -2.85
CA LEU C 342 -20.63 29.20 -3.21
C LEU C 342 -20.40 29.72 -4.63
N LEU C 343 -21.36 29.50 -5.52
CA LEU C 343 -21.23 29.94 -6.90
C LEU C 343 -21.21 31.46 -7.03
N CYS C 344 -21.96 32.17 -6.18
CA CYS C 344 -21.97 33.62 -6.20
C CYS C 344 -20.78 34.24 -5.47
N GLY C 345 -19.84 33.45 -4.99
CA GLY C 345 -18.64 33.98 -4.37
C GLY C 345 -17.44 33.87 -5.27
N LEU C 346 -17.61 33.18 -6.40
CA LEU C 346 -16.52 33.05 -7.37
C LEU C 346 -16.30 34.37 -8.09
N SER C 347 -15.09 34.53 -8.61
CA SER C 347 -14.77 35.71 -9.40
C SER C 347 -15.32 35.55 -10.82
N VAL C 348 -15.04 36.53 -11.67
CA VAL C 348 -15.59 36.51 -13.02
C VAL C 348 -14.87 35.52 -13.92
N LEU C 349 -13.59 35.24 -13.66
CA LEU C 349 -12.84 34.29 -14.49
C LEU C 349 -13.33 32.86 -14.26
N GLU C 350 -13.54 32.48 -12.99
CA GLU C 350 -14.11 31.18 -12.68
C GLU C 350 -15.54 31.06 -13.20
N LEU C 351 -16.28 32.17 -13.23
CA LEU C 351 -17.66 32.12 -13.68
C LEU C 351 -17.75 31.94 -15.18
N CYS C 352 -16.86 32.61 -15.94
CA CYS C 352 -16.83 32.37 -17.38
C CYS C 352 -16.29 30.99 -17.72
N LEU C 353 -15.38 30.46 -16.89
CA LEU C 353 -14.97 29.07 -17.07
C LEU C 353 -16.13 28.10 -16.82
N ILE C 354 -16.97 28.39 -15.83
CA ILE C 354 -18.13 27.54 -15.55
C ILE C 354 -19.18 27.67 -16.66
N ILE C 355 -19.32 28.85 -17.27
CA ILE C 355 -20.22 29.01 -18.40
C ILE C 355 -19.70 28.25 -19.62
N ALA C 356 -18.37 28.24 -19.83
CA ALA C 356 -17.81 27.45 -20.92
C ALA C 356 -17.98 25.95 -20.68
N ILE C 357 -17.87 25.51 -19.43
CA ILE C 357 -18.11 24.12 -19.09
C ILE C 357 -19.57 23.75 -19.30
N LYS C 358 -20.48 24.66 -18.95
CA LYS C 358 -21.91 24.44 -19.15
C LYS C 358 -22.25 24.36 -20.64
N HIS C 359 -21.60 25.18 -21.47
CA HIS C 359 -21.83 25.11 -22.91
C HIS C 359 -21.29 23.81 -23.50
N HIS C 360 -20.10 23.38 -23.05
CA HIS C 360 -19.53 22.13 -23.56
C HIS C 360 -20.37 20.93 -23.13
N SER C 361 -20.91 20.96 -21.91
CA SER C 361 -21.74 19.87 -21.43
C SER C 361 -23.13 19.90 -22.06
N GLN C 362 -23.63 21.08 -22.44
CA GLN C 362 -24.91 21.15 -23.13
C GLN C 362 -24.79 20.68 -24.57
N ILE C 363 -23.66 20.97 -25.22
CA ILE C 363 -23.48 20.55 -26.60
C ILE C 363 -23.18 19.06 -26.68
N TYR C 364 -22.22 18.58 -25.88
CA TYR C 364 -21.78 17.19 -25.99
C TYR C 364 -22.52 16.24 -25.06
N ASP C 365 -23.57 16.71 -24.38
CA ASP C 365 -24.51 15.92 -23.58
C ASP C 365 -23.80 15.16 -22.46
N ARG C 366 -23.24 15.95 -21.53
CA ARG C 366 -22.55 15.47 -20.33
C ARG C 366 -21.36 14.58 -20.67
N ASP C 367 -20.50 15.09 -21.56
CA ASP C 367 -19.24 14.43 -21.85
C ASP C 367 -18.15 14.99 -20.95
N SER C 368 -17.12 14.18 -20.74
CA SER C 368 -16.00 14.61 -19.92
C SER C 368 -15.19 15.67 -20.65
N PHE C 369 -14.73 16.67 -19.91
CA PHE C 369 -14.03 17.80 -20.51
C PHE C 369 -12.60 17.83 -19.98
N ASN C 370 -11.89 18.90 -20.33
CA ASN C 370 -10.47 19.01 -20.05
C ASN C 370 -10.15 20.47 -19.81
N PHE C 371 -8.88 20.76 -19.53
CA PHE C 371 -8.49 22.16 -19.44
C PHE C 371 -8.27 22.77 -20.81
N GLU C 372 -7.80 21.99 -21.78
CA GLU C 372 -7.51 22.53 -23.10
C GLU C 372 -8.79 22.84 -23.87
N ILE C 373 -9.79 21.96 -23.77
CA ILE C 373 -11.05 22.15 -24.49
C ILE C 373 -11.79 23.36 -23.92
N ILE C 374 -11.88 23.45 -22.59
CA ILE C 374 -12.56 24.54 -21.94
C ILE C 374 -11.79 25.85 -22.12
N TYR C 375 -10.45 25.78 -22.16
CA TYR C 375 -9.66 26.98 -22.41
C TYR C 375 -9.79 27.46 -23.84
N ALA C 376 -9.93 26.54 -24.80
CA ALA C 376 -10.17 26.94 -26.19
C ALA C 376 -11.55 27.57 -26.36
N ARG C 377 -12.57 26.98 -25.72
CA ARG C 377 -13.91 27.54 -25.78
C ARG C 377 -13.99 28.88 -25.03
N PHE C 378 -13.14 29.07 -24.03
CA PHE C 378 -13.10 30.35 -23.32
C PHE C 378 -12.33 31.41 -24.10
N SER C 379 -11.26 31.02 -24.79
CA SER C 379 -10.49 31.96 -25.59
C SER C 379 -11.16 32.28 -26.91
N LYS C 380 -12.15 31.49 -27.33
CA LYS C 380 -12.98 31.90 -28.45
C LYS C 380 -13.87 33.08 -28.09
N PHE C 381 -14.18 33.25 -26.80
CA PHE C 381 -14.98 34.36 -26.32
C PHE C 381 -14.11 35.52 -25.84
N ALA C 382 -12.98 35.23 -25.21
CA ALA C 382 -12.15 36.26 -24.58
C ALA C 382 -11.49 37.18 -25.58
N LYS C 383 -11.28 36.72 -26.82
CA LYS C 383 -10.67 37.57 -27.84
C LYS C 383 -11.63 38.63 -28.35
N VAL C 384 -12.94 38.43 -28.20
CA VAL C 384 -13.95 39.38 -28.65
C VAL C 384 -14.73 39.97 -27.48
N SER C 385 -14.30 39.71 -26.24
CA SER C 385 -15.07 40.14 -25.08
C SER C 385 -14.92 41.64 -24.80
N THR C 386 -13.75 42.21 -25.13
CA THR C 386 -13.35 43.60 -24.88
C THR C 386 -13.37 43.98 -23.39
N THR C 387 -13.39 43.00 -22.49
CA THR C 387 -13.16 43.25 -21.07
C THR C 387 -12.29 42.18 -20.43
N MET C 388 -12.08 41.04 -21.07
CA MET C 388 -11.20 39.96 -20.62
C MET C 388 -10.23 39.61 -21.74
N GLN C 389 -9.59 40.63 -22.30
CA GLN C 389 -8.82 40.46 -23.53
C GLN C 389 -7.50 39.73 -23.29
N ALA C 390 -6.72 40.18 -22.30
CA ALA C 390 -5.33 39.78 -22.16
C ALA C 390 -5.08 38.96 -20.90
N VAL C 391 -5.95 38.01 -20.60
CA VAL C 391 -5.72 37.05 -19.52
C VAL C 391 -4.93 35.87 -20.07
N GLU C 392 -3.93 35.43 -19.33
CA GLU C 392 -3.01 34.41 -19.81
C GLU C 392 -3.61 33.01 -19.64
N ARG C 393 -2.76 32.01 -19.83
CA ARG C 393 -3.07 30.62 -19.51
C ARG C 393 -2.84 30.31 -18.04
N SER C 394 -1.96 31.06 -17.37
CA SER C 394 -1.62 30.78 -15.98
C SER C 394 -2.76 31.14 -15.04
N ILE C 395 -3.39 32.30 -15.23
CA ILE C 395 -4.48 32.70 -14.36
C ILE C 395 -5.72 31.84 -14.61
N VAL C 396 -5.95 31.44 -15.85
CA VAL C 396 -7.06 30.53 -16.15
C VAL C 396 -6.80 29.14 -15.57
N LEU C 397 -5.53 28.71 -15.57
CA LEU C 397 -5.20 27.42 -14.96
C LEU C 397 -5.35 27.46 -13.44
N LYS C 398 -4.98 28.59 -12.82
CA LYS C 398 -5.19 28.74 -11.38
C LYS C 398 -6.68 28.84 -11.03
N ALA C 399 -7.48 29.45 -11.92
CA ALA C 399 -8.93 29.47 -11.70
C ALA C 399 -9.53 28.09 -11.88
N PHE C 400 -8.99 27.28 -12.79
CA PHE C 400 -9.43 25.90 -12.93
C PHE C 400 -9.06 25.07 -11.71
N GLU C 401 -7.89 25.34 -11.12
CA GLU C 401 -7.53 24.67 -9.87
C GLU C 401 -8.44 25.10 -8.72
N HIS C 402 -8.84 26.38 -8.70
CA HIS C 402 -9.77 26.86 -7.67
C HIS C 402 -11.14 26.23 -7.84
N LEU C 403 -11.56 25.97 -9.07
CA LEU C 403 -12.78 25.21 -9.29
C LEU C 403 -12.62 23.75 -8.86
N ARG C 404 -11.41 23.20 -9.05
CA ARG C 404 -11.17 21.80 -8.74
C ARG C 404 -11.12 21.53 -7.24
N ILE C 405 -10.67 22.51 -6.44
CA ILE C 405 -10.57 22.27 -5.00
C ILE C 405 -11.87 22.54 -4.23
N ALA C 406 -12.81 23.27 -4.82
CA ALA C 406 -14.10 23.51 -4.18
C ALA C 406 -15.12 22.46 -4.57
N GLU C 407 -14.71 21.45 -5.33
CA GLU C 407 -15.53 20.33 -5.79
C GLU C 407 -16.76 20.79 -6.58
N LEU C 408 -16.58 21.80 -7.43
CA LEU C 408 -17.50 22.08 -8.52
C LEU C 408 -17.09 21.36 -9.79
N ILE C 409 -15.94 20.69 -9.76
CA ILE C 409 -15.41 19.89 -10.86
C ILE C 409 -14.78 18.65 -10.23
N MET C 410 -15.18 17.47 -10.69
CA MET C 410 -14.67 16.26 -10.06
C MET C 410 -13.91 15.41 -11.07
N PRO C 411 -12.77 14.84 -10.68
CA PRO C 411 -12.03 13.98 -11.60
C PRO C 411 -12.76 12.67 -11.86
N LEU C 412 -12.46 12.07 -13.02
CA LEU C 412 -13.04 10.80 -13.41
C LEU C 412 -12.35 9.67 -12.64
N THR C 413 -12.79 9.48 -11.40
CA THR C 413 -12.24 8.45 -10.53
C THR C 413 -13.25 8.01 -9.49
N VAL C 423 -1.07 11.13 -15.74
CA VAL C 423 -1.47 12.14 -16.71
C VAL C 423 -1.20 13.52 -16.11
N GLN C 424 -1.00 14.51 -16.96
CA GLN C 424 -0.74 15.87 -16.50
C GLN C 424 -2.02 16.51 -15.99
N LYS C 425 -1.86 17.65 -15.31
CA LYS C 425 -3.02 18.35 -14.75
C LYS C 425 -3.81 19.07 -15.84
N GLU C 426 -3.17 19.41 -16.95
CA GLU C 426 -3.82 20.10 -18.04
C GLU C 426 -4.46 19.15 -19.04
N PHE C 427 -4.31 17.84 -18.86
CA PHE C 427 -4.90 16.86 -19.76
C PHE C 427 -5.71 15.80 -19.03
N GLU C 428 -6.03 16.02 -17.75
CA GLU C 428 -6.82 15.08 -16.98
C GLU C 428 -8.31 15.36 -17.21
N MET C 429 -9.08 14.31 -17.47
CA MET C 429 -10.50 14.47 -17.75
C MET C 429 -11.27 14.74 -16.45
N HIS C 430 -12.45 15.36 -16.61
CA HIS C 430 -13.19 15.88 -15.47
C HIS C 430 -14.69 15.72 -15.72
N LYS C 431 -15.48 16.12 -14.71
CA LYS C 431 -16.93 16.06 -14.75
C LYS C 431 -17.49 17.28 -14.03
N LEU C 432 -18.58 17.83 -14.56
CA LEU C 432 -19.25 18.96 -13.91
C LEU C 432 -20.22 18.42 -12.86
N ALA C 433 -20.07 18.88 -11.62
CA ALA C 433 -20.84 18.36 -10.49
C ALA C 433 -22.03 19.24 -10.14
N LEU C 434 -22.64 19.89 -11.12
CA LEU C 434 -23.78 20.77 -10.89
C LEU C 434 -24.90 20.47 -11.89
N THR C 435 -26.12 20.77 -11.48
CA THR C 435 -27.22 20.84 -12.43
C THR C 435 -27.17 22.18 -13.16
N TYR C 436 -27.99 22.28 -14.21
CA TYR C 436 -28.02 23.52 -14.98
C TYR C 436 -28.89 24.58 -14.32
N SER C 437 -29.83 24.17 -13.47
CA SER C 437 -30.66 25.15 -12.76
C SER C 437 -29.87 25.90 -11.70
N GLN C 438 -28.85 25.26 -11.13
CA GLN C 438 -28.00 25.96 -10.16
C GLN C 438 -27.16 27.04 -10.83
N ILE C 439 -26.67 26.77 -12.04
CA ILE C 439 -25.95 27.78 -12.79
C ILE C 439 -26.90 28.88 -13.28
N HIS C 440 -28.13 28.50 -13.64
CA HIS C 440 -29.12 29.49 -14.07
C HIS C 440 -29.57 30.39 -12.93
N HIS C 441 -29.53 29.89 -11.69
CA HIS C 441 -29.83 30.74 -10.54
C HIS C 441 -28.62 31.54 -10.09
N CYS C 442 -27.41 31.01 -10.30
CA CYS C 442 -26.20 31.77 -10.05
C CYS C 442 -26.08 32.97 -10.98
N MET C 443 -26.55 32.83 -12.23
CA MET C 443 -26.57 33.96 -13.15
C MET C 443 -27.56 35.04 -12.71
N GLN C 444 -28.59 34.67 -11.95
CA GLN C 444 -29.55 35.65 -11.47
C GLN C 444 -29.13 36.30 -10.15
N ARG C 445 -28.44 35.57 -9.28
CA ARG C 445 -28.08 36.10 -7.97
C ARG C 445 -26.68 36.69 -7.92
N TYR C 446 -25.95 36.73 -9.03
CA TYR C 446 -24.61 37.29 -9.01
C TYR C 446 -24.65 38.80 -8.95
N GLN C 447 -23.77 39.38 -8.15
CA GLN C 447 -23.70 40.83 -7.96
C GLN C 447 -22.63 41.41 -8.87
N ALA C 448 -23.00 42.47 -9.60
CA ALA C 448 -22.13 43.19 -10.56
C ALA C 448 -21.59 42.27 -11.64
N LEU C 449 -22.51 41.57 -12.31
CA LEU C 449 -22.13 40.75 -13.47
C LEU C 449 -22.15 41.63 -14.72
N PRO C 450 -21.07 41.67 -15.49
CA PRO C 450 -21.04 42.53 -16.68
C PRO C 450 -21.94 42.00 -17.79
N THR C 451 -22.13 42.86 -18.81
CA THR C 451 -23.13 42.61 -19.85
C THR C 451 -22.67 41.51 -20.80
N GLU C 452 -21.38 41.45 -21.12
CA GLU C 452 -20.86 40.47 -22.08
C GLU C 452 -20.98 39.04 -21.53
N VAL C 453 -20.74 38.87 -20.23
CA VAL C 453 -20.85 37.55 -19.62
C VAL C 453 -22.31 37.10 -19.55
N ALA C 454 -23.22 38.04 -19.27
CA ALA C 454 -24.64 37.70 -19.25
C ALA C 454 -25.17 37.41 -20.65
N GLN C 455 -24.59 38.04 -21.68
CA GLN C 455 -24.98 37.73 -23.05
C GLN C 455 -24.42 36.39 -23.49
N TRP C 456 -23.20 36.04 -23.04
CA TRP C 456 -22.62 34.77 -23.39
C TRP C 456 -23.27 33.61 -22.64
N ALA C 457 -23.83 33.88 -21.46
CA ALA C 457 -24.46 32.81 -20.68
C ALA C 457 -25.77 32.34 -21.32
N GLN C 458 -26.54 33.27 -21.88
CA GLN C 458 -27.83 32.92 -22.47
C GLN C 458 -27.69 32.26 -23.84
N SER C 459 -26.52 32.37 -24.47
CA SER C 459 -26.31 31.78 -25.78
C SER C 459 -24.89 31.25 -25.92
N MET D 1 -21.39 37.62 26.40
CA MET D 1 -21.20 37.21 25.02
C MET D 1 -20.97 38.42 24.12
N GLU D 2 -21.27 39.61 24.63
CA GLU D 2 -21.07 40.82 23.85
C GLU D 2 -19.67 41.39 23.99
N ALA D 3 -18.92 40.99 25.03
CA ALA D 3 -17.54 41.46 25.18
C ALA D 3 -16.65 40.83 24.13
N ILE D 4 -16.90 39.57 23.77
CA ILE D 4 -16.11 38.90 22.74
C ILE D 4 -16.39 39.51 21.37
N CYS D 5 -17.64 39.86 21.10
CA CYS D 5 -17.98 40.52 19.85
C CYS D 5 -17.40 41.93 19.80
N SER D 6 -17.42 42.65 20.93
CA SER D 6 -16.86 43.99 20.95
C SER D 6 -15.34 43.97 20.85
N SER D 7 -14.70 42.88 21.28
CA SER D 7 -13.26 42.73 21.08
C SER D 7 -12.91 42.21 19.70
N LEU D 8 -13.84 41.56 18.99
CA LEU D 8 -13.53 41.02 17.68
C LEU D 8 -13.94 41.94 16.52
N GLU D 9 -14.82 42.92 16.76
CA GLU D 9 -15.19 43.85 15.70
C GLU D 9 -14.09 44.80 15.20
N PRO D 10 -13.13 45.29 16.03
CA PRO D 10 -12.01 46.04 15.41
C PRO D 10 -11.08 45.18 14.57
N LEU D 11 -10.81 43.95 15.00
CA LEU D 11 -9.87 43.10 14.28
C LEU D 11 -10.43 42.58 12.96
N PHE D 12 -11.76 42.49 12.84
CA PHE D 12 -12.40 41.93 11.65
C PHE D 12 -13.50 42.87 11.17
N PRO D 13 -13.15 43.87 10.36
CA PRO D 13 -14.18 44.70 9.74
C PRO D 13 -14.93 43.92 8.67
N CYS D 14 -16.20 44.30 8.48
CA CYS D 14 -17.14 43.73 7.50
C CYS D 14 -17.44 42.26 7.75
N ARG D 15 -17.19 41.77 8.96
CA ARG D 15 -17.53 40.43 9.41
C ARG D 15 -18.45 40.54 10.62
N GLU D 16 -19.55 41.28 10.47
CA GLU D 16 -20.38 41.62 11.62
C GLU D 16 -21.32 40.48 11.99
N ALA D 17 -22.08 39.97 11.00
CA ALA D 17 -23.15 39.02 11.29
C ALA D 17 -22.60 37.65 11.70
N ALA D 18 -21.43 37.27 11.19
CA ALA D 18 -20.83 36.00 11.58
C ALA D 18 -20.35 36.05 13.03
N ILE D 19 -19.78 37.18 13.44
CA ILE D 19 -19.35 37.33 14.83
C ILE D 19 -20.55 37.42 15.76
N GLU D 20 -21.66 38.03 15.30
CA GLU D 20 -22.87 38.04 16.11
C GLU D 20 -23.48 36.64 16.24
N THR D 21 -23.44 35.85 15.17
CA THR D 21 -23.99 34.49 15.25
C THR D 21 -23.13 33.59 16.11
N LEU D 22 -21.80 33.69 15.99
CA LEU D 22 -20.91 32.91 16.84
C LEU D 22 -20.90 33.41 18.27
N GLY D 23 -21.36 34.64 18.53
CA GLY D 23 -21.58 35.06 19.90
C GLY D 23 -22.91 34.67 20.46
N GLU D 24 -23.91 34.45 19.60
CA GLU D 24 -25.15 33.84 20.04
C GLU D 24 -24.95 32.38 20.43
N LEU D 25 -24.25 31.61 19.59
CA LEU D 25 -24.18 30.17 19.79
C LEU D 25 -23.19 29.79 20.90
N ILE D 26 -21.92 30.11 20.71
CA ILE D 26 -20.88 29.66 21.63
C ILE D 26 -20.23 30.85 22.35
N GLY D 27 -21.00 31.90 22.56
CA GLY D 27 -20.46 33.09 23.20
C GLY D 27 -20.24 32.95 24.68
N ASP D 28 -21.31 32.78 25.44
CA ASP D 28 -21.23 32.63 26.88
C ASP D 28 -21.02 31.17 27.25
N SER D 29 -20.23 30.93 28.29
CA SER D 29 -19.92 29.58 28.73
C SER D 29 -20.93 29.05 29.75
N SER D 30 -21.76 29.91 30.33
CA SER D 30 -22.77 29.44 31.26
C SER D 30 -23.91 28.74 30.53
N GLU D 31 -24.29 29.26 29.36
CA GLU D 31 -25.27 28.61 28.51
C GLU D 31 -24.68 27.35 27.90
N THR D 32 -25.56 26.43 27.51
CA THR D 32 -25.09 25.23 26.86
C THR D 32 -24.74 25.50 25.40
N TYR D 33 -23.81 24.75 24.91
CA TYR D 33 -23.28 24.84 23.55
C TYR D 33 -24.05 23.93 22.62
N PRO D 34 -24.13 24.25 21.32
CA PRO D 34 -24.68 23.29 20.36
C PRO D 34 -23.75 22.11 20.16
N SER D 35 -24.27 21.09 19.49
CA SER D 35 -23.54 19.83 19.37
C SER D 35 -22.33 19.97 18.45
N ALA D 36 -22.51 20.62 17.30
CA ALA D 36 -21.41 20.85 16.37
C ALA D 36 -21.77 22.02 15.47
N ILE D 37 -20.78 22.86 15.18
CA ILE D 37 -20.93 23.99 14.27
C ILE D 37 -20.01 23.75 13.08
N TYR D 38 -20.51 24.06 11.88
CA TYR D 38 -19.75 23.88 10.65
C TYR D 38 -19.86 25.18 9.85
N LEU D 39 -18.88 26.06 9.99
CA LEU D 39 -18.84 27.27 9.18
C LEU D 39 -17.85 27.09 8.05
N PHE D 40 -18.26 27.52 6.85
CA PHE D 40 -17.51 27.23 5.64
C PHE D 40 -17.58 28.43 4.70
N GLY D 41 -16.66 28.45 3.74
CA GLY D 41 -16.59 29.54 2.80
C GLY D 41 -15.55 29.25 1.74
N HIS D 42 -15.04 30.32 1.13
CA HIS D 42 -13.99 30.19 0.13
C HIS D 42 -12.62 30.41 0.77
N SER D 43 -11.58 30.39 -0.05
CA SER D 43 -10.26 30.74 0.44
C SER D 43 -10.16 32.23 0.69
N GLY D 44 -9.36 32.59 1.69
CA GLY D 44 -9.21 33.99 2.06
C GLY D 44 -10.41 34.63 2.69
N THR D 45 -11.39 33.85 3.12
CA THR D 45 -12.62 34.40 3.71
C THR D 45 -12.39 34.80 5.16
N GLY D 46 -11.36 34.26 5.80
CA GLY D 46 -11.11 34.57 7.20
C GLY D 46 -11.92 33.73 8.14
N LYS D 47 -11.68 32.41 8.12
CA LYS D 47 -12.30 31.50 9.08
C LYS D 47 -11.30 30.83 10.01
N THR D 48 -10.06 30.59 9.57
CA THR D 48 -9.03 30.13 10.48
C THR D 48 -8.65 31.22 11.47
N ALA D 49 -8.45 32.44 10.96
CA ALA D 49 -8.08 33.56 11.83
C ALA D 49 -9.23 33.98 12.74
N LEU D 50 -10.47 33.89 12.24
CA LEU D 50 -11.63 34.29 13.02
C LEU D 50 -11.86 33.35 14.19
N THR D 51 -11.87 32.04 13.94
CA THR D 51 -12.05 31.09 15.04
C THR D 51 -10.82 31.01 15.93
N ARG D 52 -9.64 31.31 15.39
CA ARG D 52 -8.44 31.34 16.23
C ARG D 52 -8.49 32.51 17.21
N ALA D 53 -8.84 33.71 16.74
CA ALA D 53 -8.99 34.85 17.65
C ALA D 53 -10.19 34.69 18.57
N PHE D 54 -11.26 34.02 18.10
CA PHE D 54 -12.42 33.77 18.93
C PHE D 54 -12.10 32.81 20.06
N LEU D 55 -11.35 31.74 19.77
CA LEU D 55 -10.96 30.79 20.80
C LEU D 55 -9.97 31.41 21.78
N LYS D 56 -9.07 32.26 21.28
CA LYS D 56 -8.14 32.96 22.18
C LYS D 56 -8.88 33.91 23.12
N GLU D 57 -9.88 34.63 22.59
CA GLU D 57 -10.63 35.55 23.44
C GLU D 57 -11.54 34.81 24.42
N CYS D 58 -12.09 33.66 24.00
CA CYS D 58 -12.91 32.87 24.93
C CYS D 58 -12.06 32.25 26.04
N GLY D 59 -10.86 31.78 25.70
CA GLY D 59 -9.97 31.27 26.74
C GLY D 59 -9.42 32.36 27.63
N LYS D 60 -9.36 33.59 27.13
CA LYS D 60 -8.86 34.69 27.94
C LYS D 60 -9.92 35.24 28.89
N ARG D 61 -11.16 35.37 28.42
CA ARG D 61 -12.19 36.04 29.21
C ARG D 61 -12.96 35.11 30.15
N GLN D 62 -12.99 33.82 29.87
CA GLN D 62 -13.92 32.92 30.56
C GLN D 62 -13.16 31.66 30.98
N ASN D 63 -13.92 30.66 31.42
CA ASN D 63 -13.36 29.43 31.96
C ASN D 63 -13.44 28.27 30.98
N VAL D 64 -13.28 28.54 29.69
CA VAL D 64 -13.32 27.48 28.68
C VAL D 64 -11.92 26.93 28.48
N ARG D 65 -11.86 25.74 27.89
CA ARG D 65 -10.60 25.04 27.61
C ARG D 65 -10.57 24.78 26.11
N THR D 66 -9.87 25.63 25.37
CA THR D 66 -9.91 25.61 23.93
C THR D 66 -8.97 24.55 23.36
N ALA D 67 -9.12 24.29 22.07
CA ALA D 67 -8.27 23.38 21.32
C ALA D 67 -8.39 23.75 19.85
N HIS D 68 -7.28 23.67 19.13
CA HIS D 68 -7.28 23.98 17.70
C HIS D 68 -6.43 22.94 16.97
N LEU D 69 -6.98 22.38 15.90
CA LEU D 69 -6.34 21.29 15.19
C LEU D 69 -6.07 21.67 13.73
N ASN D 70 -5.60 20.68 12.98
CA ASN D 70 -5.48 20.76 11.53
C ASN D 70 -5.46 19.32 11.05
N ALA D 71 -6.46 18.93 10.24
CA ALA D 71 -6.67 17.52 9.93
C ALA D 71 -5.77 17.00 8.81
N ILE D 72 -4.72 17.72 8.45
CA ILE D 72 -3.68 17.16 7.60
C ILE D 72 -2.56 16.58 8.44
N GLU D 73 -2.33 17.13 9.63
CA GLU D 73 -1.38 16.60 10.59
C GLU D 73 -1.80 15.23 11.12
N CYS D 74 -3.10 14.94 11.10
CA CYS D 74 -3.65 13.74 11.71
C CYS D 74 -3.84 12.68 10.62
N TYR D 75 -2.76 11.98 10.31
CA TYR D 75 -2.84 10.90 9.34
C TYR D 75 -3.42 9.63 9.96
N THR D 76 -3.24 9.43 11.26
CA THR D 76 -3.96 8.40 12.00
C THR D 76 -4.62 9.05 13.21
N THR D 77 -5.54 8.29 13.84
CA THR D 77 -6.38 8.88 14.87
C THR D 77 -5.63 9.13 16.17
N LYS D 78 -4.55 8.37 16.43
CA LYS D 78 -3.85 8.45 17.70
C LYS D 78 -3.17 9.81 17.90
N ILE D 79 -2.61 10.37 16.83
CA ILE D 79 -1.97 11.69 16.91
C ILE D 79 -3.01 12.76 17.18
N MET D 80 -4.17 12.63 16.54
CA MET D 80 -5.27 13.59 16.70
C MET D 80 -5.80 13.58 18.13
N LEU D 81 -5.98 12.39 18.70
CA LEU D 81 -6.48 12.29 20.06
C LEU D 81 -5.42 12.73 21.08
N GLU D 82 -4.13 12.52 20.78
CA GLU D 82 -3.10 12.98 21.70
C GLU D 82 -3.00 14.51 21.70
N ILE D 83 -3.15 15.15 20.54
CA ILE D 83 -3.15 16.62 20.51
C ILE D 83 -4.41 17.17 21.19
N LEU D 84 -5.57 16.51 20.96
CA LEU D 84 -6.81 16.94 21.61
C LEU D 84 -6.73 16.80 23.13
N LEU D 85 -6.17 15.72 23.63
CA LEU D 85 -6.08 15.55 25.07
C LEU D 85 -4.92 16.31 25.69
N ASP D 86 -3.94 16.75 24.90
CA ASP D 86 -2.97 17.71 25.43
C ASP D 86 -3.60 19.08 25.57
N SER D 87 -4.44 19.47 24.61
CA SER D 87 -5.03 20.80 24.67
C SER D 87 -6.18 20.89 25.67
N LEU D 88 -6.96 19.82 25.82
CA LEU D 88 -8.15 19.86 26.68
C LEU D 88 -7.87 19.47 28.11
N ALA D 89 -6.76 18.76 28.37
CA ALA D 89 -6.34 18.38 29.72
C ALA D 89 -4.88 18.79 29.86
N PRO D 90 -4.62 20.05 30.18
CA PRO D 90 -3.27 20.59 30.05
C PRO D 90 -2.37 20.18 31.21
N ASP D 91 -1.06 20.35 30.98
CA ASP D 91 0.01 20.19 31.98
C ASP D 91 0.06 18.77 32.54
N GLN D 92 -0.04 17.78 31.66
CA GLN D 92 0.07 16.38 32.05
C GLN D 92 1.42 15.76 31.70
N GLY D 93 2.18 16.37 30.80
CA GLY D 93 3.52 15.89 30.52
C GLY D 93 3.53 14.78 29.48
N ASP D 94 4.51 13.89 29.62
CA ASP D 94 4.68 12.76 28.72
C ASP D 94 4.02 11.49 29.22
N ALA D 95 3.32 11.56 30.35
CA ALA D 95 2.56 10.43 30.87
C ALA D 95 1.12 10.39 30.36
N LEU D 96 0.85 11.05 29.24
CA LEU D 96 -0.47 11.03 28.62
C LEU D 96 -0.54 9.88 27.64
N LYS D 97 -1.51 8.98 27.84
CA LYS D 97 -1.60 7.76 27.04
C LYS D 97 -3.01 7.65 26.45
N VAL D 98 -3.09 7.70 25.13
CA VAL D 98 -4.34 7.50 24.41
C VAL D 98 -4.12 6.38 23.40
N ASP D 99 -4.92 5.32 23.50
CA ASP D 99 -4.79 4.20 22.58
C ASP D 99 -5.81 4.27 21.44
N ASN D 100 -7.03 4.71 21.73
CA ASN D 100 -8.11 4.74 20.76
C ASN D 100 -9.14 5.76 21.22
N MET D 101 -10.31 5.75 20.58
CA MET D 101 -11.35 6.73 20.90
C MET D 101 -11.97 6.48 22.27
N LEU D 102 -11.94 5.23 22.74
CA LEU D 102 -12.58 4.89 24.00
C LEU D 102 -11.83 5.48 25.19
N ASP D 103 -10.50 5.37 25.18
CA ASP D 103 -9.69 5.95 26.25
C ASP D 103 -9.78 7.47 26.24
N PHE D 104 -9.92 8.06 25.04
CA PHE D 104 -10.11 9.50 24.92
C PHE D 104 -11.46 9.93 25.51
N VAL D 105 -12.50 9.13 25.28
CA VAL D 105 -13.83 9.45 25.82
C VAL D 105 -13.85 9.30 27.34
N GLU D 106 -13.16 8.28 27.87
CA GLU D 106 -13.09 8.12 29.32
C GLU D 106 -12.27 9.22 29.99
N GLN D 107 -11.15 9.61 29.38
CA GLN D 107 -10.33 10.67 29.95
C GLN D 107 -10.97 12.05 29.79
N LEU D 108 -11.91 12.21 28.85
CA LEU D 108 -12.72 13.44 28.87
C LEU D 108 -13.88 13.34 29.85
N ARG D 109 -14.39 12.14 30.12
CA ARG D 109 -15.43 11.98 31.14
C ARG D 109 -14.88 12.27 32.53
N ARG D 110 -13.58 12.02 32.74
CA ARG D 110 -12.95 12.34 34.02
C ARG D 110 -12.80 13.84 34.27
N GLN D 111 -13.00 14.70 33.26
CA GLN D 111 -12.85 16.14 33.41
C GLN D 111 -14.14 16.86 33.78
N ALA D 112 -15.20 16.13 34.15
CA ALA D 112 -16.47 16.77 34.48
C ALA D 112 -16.36 17.51 35.82
N ALA D 113 -17.04 18.64 35.90
CA ALA D 113 -16.95 19.49 37.09
C ALA D 113 -18.33 19.87 37.62
N THR D 114 -18.36 20.77 38.59
CA THR D 114 -19.60 21.20 39.22
C THR D 114 -20.35 22.19 38.33
N ARG D 115 -21.52 22.62 38.81
CA ARG D 115 -22.40 23.51 38.07
C ARG D 115 -22.30 24.96 38.50
N VAL D 116 -21.20 25.35 39.15
CA VAL D 116 -21.06 26.73 39.62
C VAL D 116 -19.91 27.45 38.92
N GLU D 117 -18.92 26.73 38.39
CA GLU D 117 -17.78 27.36 37.74
C GLU D 117 -18.01 27.66 36.27
N ASP D 118 -19.06 27.06 35.68
CA ASP D 118 -19.53 27.35 34.31
C ASP D 118 -18.45 27.07 33.27
N GLN D 119 -17.91 25.86 33.30
CA GLN D 119 -16.82 25.53 32.40
C GLN D 119 -17.36 25.14 31.03
N GLY D 120 -16.46 25.12 30.05
CA GLY D 120 -16.79 24.73 28.70
C GLY D 120 -15.55 24.23 28.00
N PHE D 121 -15.76 23.60 26.85
CA PHE D 121 -14.67 23.14 26.01
C PHE D 121 -14.98 23.53 24.58
N LEU D 122 -13.95 23.82 23.80
CA LEU D 122 -14.14 24.31 22.44
C LEU D 122 -13.06 23.72 21.55
N ILE D 123 -13.47 22.89 20.59
CA ILE D 123 -12.57 22.24 19.66
C ILE D 123 -12.79 22.82 18.28
N ALA D 124 -11.71 23.19 17.59
CA ALA D 124 -11.77 23.70 16.24
C ALA D 124 -10.87 22.85 15.36
N VAL D 125 -11.45 22.24 14.33
CA VAL D 125 -10.72 21.32 13.47
C VAL D 125 -10.59 21.94 12.08
N ASP D 126 -9.47 22.59 11.82
CA ASP D 126 -9.24 23.19 10.51
C ASP D 126 -8.97 22.11 9.47
N ASN D 127 -9.27 22.44 8.21
CA ASN D 127 -9.18 21.54 7.05
C ASN D 127 -9.97 20.25 7.29
N ALA D 128 -11.25 20.42 7.62
CA ALA D 128 -12.10 19.31 8.03
C ALA D 128 -12.42 18.34 6.90
N GLU D 129 -12.18 18.71 5.64
CA GLU D 129 -12.52 17.85 4.51
C GLU D 129 -11.61 16.63 4.41
N ARG D 130 -10.53 16.56 5.18
CA ARG D 130 -9.73 15.35 5.28
C ARG D 130 -10.29 14.36 6.29
N LEU D 131 -11.24 14.79 7.13
CA LEU D 131 -11.81 13.93 8.16
C LEU D 131 -12.63 12.79 7.59
N ARG D 132 -13.05 12.89 6.32
CA ARG D 132 -13.74 11.80 5.64
C ARG D 132 -12.80 10.93 4.82
N ASP D 133 -11.48 11.10 4.99
CA ASP D 133 -10.50 10.26 4.30
C ASP D 133 -9.67 9.45 5.27
N MET D 134 -10.18 9.23 6.48
CA MET D 134 -9.47 8.48 7.52
C MET D 134 -10.43 7.41 8.04
N ASP D 135 -10.14 6.88 9.23
CA ASP D 135 -10.64 5.57 9.68
C ASP D 135 -12.12 5.48 10.00
N ALA D 136 -12.92 6.49 9.63
CA ALA D 136 -14.36 6.49 9.42
C ALA D 136 -15.18 6.44 10.70
N ASN D 137 -14.56 6.33 11.88
CA ASN D 137 -15.29 6.39 13.13
C ASN D 137 -14.87 7.59 13.96
N VAL D 138 -14.30 8.62 13.32
CA VAL D 138 -13.88 9.82 14.02
C VAL D 138 -14.87 10.95 13.75
N LEU D 139 -15.53 10.91 12.59
CA LEU D 139 -16.47 11.98 12.26
C LEU D 139 -17.79 11.90 13.04
N PRO D 140 -18.48 10.73 13.15
CA PRO D 140 -19.69 10.74 14.00
C PRO D 140 -19.39 10.92 15.48
N VAL D 141 -18.26 10.40 15.97
CA VAL D 141 -17.88 10.59 17.36
C VAL D 141 -17.53 12.06 17.62
N LEU D 142 -16.90 12.72 16.64
CA LEU D 142 -16.66 14.16 16.76
C LEU D 142 -17.96 14.95 16.70
N LEU D 143 -18.98 14.42 16.03
CA LEU D 143 -20.26 15.11 16.02
C LEU D 143 -21.01 14.95 17.35
N ARG D 144 -20.98 13.76 17.95
CA ARG D 144 -21.74 13.52 19.18
C ARG D 144 -20.85 13.39 20.42
N LEU D 145 -19.69 14.05 20.41
CA LEU D 145 -18.80 14.05 21.58
C LEU D 145 -19.43 14.72 22.80
N GLN D 146 -20.35 15.66 22.60
CA GLN D 146 -21.02 16.28 23.74
C GLN D 146 -21.95 15.28 24.43
N GLU D 147 -22.66 14.46 23.66
CA GLU D 147 -23.52 13.44 24.24
C GLU D 147 -22.70 12.30 24.82
N LEU D 148 -21.60 11.93 24.16
CA LEU D 148 -20.79 10.80 24.62
C LEU D 148 -20.04 11.14 25.91
N THR D 149 -19.29 12.23 25.92
CA THR D 149 -18.51 12.58 27.10
C THR D 149 -19.33 13.16 28.23
N ASN D 150 -20.58 13.54 27.96
CA ASN D 150 -21.48 14.26 28.88
C ASN D 150 -20.80 15.50 29.43
N LEU D 151 -20.36 16.36 28.51
CA LEU D 151 -19.66 17.58 28.85
C LEU D 151 -20.34 18.74 28.16
N ASN D 152 -19.90 19.95 28.49
CA ASN D 152 -20.38 21.15 27.80
C ASN D 152 -19.36 21.58 26.76
N LEU D 153 -19.33 20.85 25.65
CA LEU D 153 -18.35 21.11 24.61
C LEU D 153 -19.04 21.27 23.25
N CYS D 154 -18.39 22.01 22.37
CA CYS D 154 -18.83 22.22 21.00
C CYS D 154 -17.66 21.95 20.07
N VAL D 155 -17.94 21.28 18.95
CA VAL D 155 -16.90 20.87 18.01
C VAL D 155 -17.09 21.68 16.73
N ILE D 156 -16.14 22.58 16.48
CA ILE D 156 -16.21 23.49 15.35
C ILE D 156 -15.40 22.91 14.19
N LEU D 157 -15.98 22.91 12.99
CA LEU D 157 -15.30 22.40 11.81
C LEU D 157 -15.19 23.51 10.77
N LEU D 158 -14.06 23.52 10.07
CA LEU D 158 -13.77 24.53 9.05
C LEU D 158 -13.37 23.82 7.76
N SER D 159 -14.01 24.17 6.66
CA SER D 159 -13.68 23.60 5.37
C SER D 159 -14.14 24.55 4.27
N GLN D 160 -13.86 24.17 3.03
CA GLN D 160 -14.29 24.91 1.86
C GLN D 160 -15.49 24.28 1.15
N LEU D 161 -15.86 23.08 1.54
CA LEU D 161 -16.95 22.33 0.95
C LEU D 161 -18.23 22.57 1.72
N PRO D 162 -19.39 22.37 1.10
CA PRO D 162 -20.63 22.28 1.88
C PRO D 162 -20.68 20.97 2.66
N PHE D 163 -21.65 20.88 3.56
CA PHE D 163 -21.76 19.67 4.36
C PHE D 163 -22.31 18.48 3.57
N GLU D 164 -22.87 18.72 2.38
CA GLU D 164 -23.41 17.67 1.54
C GLU D 164 -22.36 16.69 1.04
N LYS D 165 -21.08 17.00 1.17
CA LYS D 165 -20.00 16.09 0.82
C LYS D 165 -19.56 15.23 1.99
N PHE D 166 -20.17 15.40 3.17
CA PHE D 166 -19.70 14.74 4.37
C PHE D 166 -20.56 13.55 4.79
N TYR D 167 -21.70 13.34 4.16
CA TYR D 167 -22.58 12.23 4.54
C TYR D 167 -21.99 10.90 4.08
N ASN D 168 -22.00 9.93 4.98
CA ASN D 168 -21.56 8.58 4.67
C ASN D 168 -22.77 7.66 4.60
N LYS D 169 -22.52 6.35 4.46
CA LYS D 169 -23.60 5.39 4.35
C LYS D 169 -24.34 5.21 5.67
N THR D 170 -23.64 5.31 6.79
CA THR D 170 -24.24 5.09 8.10
C THR D 170 -24.99 6.30 8.64
N GLY D 171 -24.84 7.47 8.03
CA GLY D 171 -25.50 8.66 8.47
C GLY D 171 -24.74 9.40 9.55
N LEU D 172 -25.06 10.68 9.71
CA LEU D 172 -24.44 11.54 10.69
C LEU D 172 -25.51 12.15 11.60
N SER D 173 -25.05 12.87 12.61
CA SER D 173 -25.94 13.52 13.56
C SER D 173 -26.27 14.93 13.04
N GLU D 174 -26.88 15.75 13.89
CA GLU D 174 -27.27 17.09 13.50
C GLU D 174 -26.12 18.08 13.70
N ILE D 175 -26.09 19.09 12.83
CA ILE D 175 -25.02 20.09 12.81
C ILE D 175 -25.65 21.46 12.57
N VAL D 176 -24.91 22.50 12.94
CA VAL D 176 -25.35 23.87 12.73
C VAL D 176 -24.49 24.44 11.61
N CYS D 177 -25.05 24.51 10.40
CA CYS D 177 -24.31 24.99 9.25
C CYS D 177 -24.30 26.51 9.22
N LEU D 178 -23.13 27.07 8.88
CA LEU D 178 -22.92 28.51 8.90
C LEU D 178 -22.04 28.87 7.73
N HIS D 179 -22.43 29.91 7.00
CA HIS D 179 -21.74 30.31 5.77
C HIS D 179 -21.07 31.66 5.98
N LEU D 180 -19.80 31.74 5.62
CA LEU D 180 -19.07 33.00 5.60
C LEU D 180 -19.03 33.47 4.15
N ALA D 181 -19.83 34.46 3.82
CA ALA D 181 -19.91 34.95 2.45
C ALA D 181 -18.67 35.77 2.11
N GLN D 182 -18.21 35.64 0.87
CA GLN D 182 -17.08 36.43 0.42
C GLN D 182 -17.53 37.86 0.11
N TYR D 183 -16.57 38.78 0.18
CA TYR D 183 -16.89 40.20 0.09
C TYR D 183 -17.10 40.62 -1.36
N ASN D 184 -17.96 41.61 -1.54
CA ASN D 184 -18.11 42.29 -2.82
C ASN D 184 -17.04 43.39 -2.90
N LYS D 185 -17.19 44.32 -3.86
CA LYS D 185 -16.12 45.27 -4.13
C LYS D 185 -16.03 46.34 -3.04
N ALA D 186 -17.18 46.76 -2.49
CA ALA D 186 -17.16 47.82 -1.49
C ALA D 186 -16.59 47.34 -0.16
N GLU D 187 -16.95 46.13 0.26
CA GLU D 187 -16.41 45.60 1.51
C GLU D 187 -14.94 45.25 1.36
N THR D 188 -14.51 44.82 0.18
CA THR D 188 -13.09 44.58 -0.06
C THR D 188 -12.31 45.89 -0.06
N GLN D 189 -12.93 46.97 -0.55
CA GLN D 189 -12.29 48.28 -0.48
C GLN D 189 -12.16 48.77 0.95
N ARG D 190 -13.17 48.49 1.79
CA ARG D 190 -13.08 48.87 3.20
C ARG D 190 -12.01 48.06 3.93
N ILE D 191 -11.89 46.77 3.60
CA ILE D 191 -10.86 45.93 4.22
C ILE D 191 -9.46 46.38 3.77
N LEU D 192 -9.30 46.69 2.49
CA LEU D 192 -8.01 47.16 1.99
C LEU D 192 -7.69 48.57 2.48
N GLY D 193 -8.70 49.35 2.87
CA GLY D 193 -8.45 50.65 3.46
C GLY D 193 -8.36 50.66 4.97
N SER D 194 -8.56 49.51 5.61
CA SER D 194 -8.41 49.44 7.07
C SER D 194 -6.97 49.69 7.53
N ASP D 195 -5.97 49.30 6.74
CA ASP D 195 -4.57 49.42 7.16
C ASP D 195 -3.92 50.72 6.71
N PHE D 196 -4.71 51.80 6.58
CA PHE D 196 -4.19 53.10 6.17
C PHE D 196 -3.22 53.67 7.20
N GLN D 197 -3.47 53.42 8.49
CA GLN D 197 -2.57 53.91 9.53
C GLN D 197 -1.22 53.22 9.48
N GLN D 198 -1.21 51.92 9.21
CA GLN D 198 0.05 51.20 9.08
C GLN D 198 0.79 51.62 7.81
N VAL D 199 0.05 51.92 6.73
CA VAL D 199 0.65 52.42 5.51
C VAL D 199 1.29 53.79 5.74
N ARG D 200 0.60 54.68 6.46
CA ARG D 200 1.13 56.01 6.74
C ARG D 200 2.33 55.94 7.67
N ASN D 201 2.31 55.02 8.64
CA ASN D 201 3.46 54.88 9.53
C ASN D 201 4.67 54.27 8.80
N GLN D 202 4.43 53.36 7.86
CA GLN D 202 5.54 52.80 7.09
C GLN D 202 6.12 53.82 6.11
N LEU D 203 5.29 54.69 5.55
CA LEU D 203 5.81 55.73 4.67
C LEU D 203 6.37 56.92 5.45
N LEU D 204 6.03 57.05 6.74
CA LEU D 204 6.65 58.07 7.57
C LEU D 204 8.00 57.60 8.08
N GLU D 205 8.14 56.31 8.40
CA GLU D 205 9.36 55.77 8.97
C GLU D 205 10.39 55.37 7.91
N GLN D 206 10.30 55.90 6.69
CA GLN D 206 11.28 55.61 5.66
C GLN D 206 11.56 56.85 4.81
N LYS D 211 15.16 66.56 3.50
CA LYS D 211 14.10 65.58 3.29
C LYS D 211 12.78 66.27 2.96
N LYS D 212 12.70 66.87 1.77
CA LYS D 212 11.44 67.46 1.32
C LYS D 212 10.47 66.38 0.85
N ARG D 213 11.00 65.21 0.46
CA ARG D 213 10.16 64.10 0.00
C ARG D 213 9.24 63.60 1.10
N LEU D 214 9.78 63.41 2.31
CA LEU D 214 8.96 62.93 3.41
C LEU D 214 7.99 64.01 3.90
N GLU D 215 8.39 65.28 3.82
CA GLU D 215 7.51 66.36 4.26
C GLU D 215 6.35 66.57 3.30
N ILE D 216 6.55 66.32 2.00
CA ILE D 216 5.42 66.31 1.07
C ILE D 216 4.66 64.99 1.15
N CYS D 217 5.34 63.92 1.61
CA CYS D 217 4.65 62.64 1.82
C CYS D 217 3.72 62.69 3.02
N GLN D 218 3.95 63.59 3.98
CA GLN D 218 3.05 63.68 5.12
C GLN D 218 1.76 64.43 4.80
N GLU D 219 1.78 65.33 3.81
CA GLU D 219 0.63 66.21 3.64
C GLU D 219 -0.45 65.59 2.74
N ALA D 220 -0.06 64.79 1.73
CA ALA D 220 -1.03 64.12 0.87
C ALA D 220 -0.68 62.64 0.78
N VAL D 221 -1.11 61.88 1.78
CA VAL D 221 -1.08 60.43 1.76
C VAL D 221 -2.39 59.95 2.38
N THR D 222 -3.31 60.88 2.57
CA THR D 222 -4.42 60.74 3.52
C THR D 222 -5.51 59.79 3.01
N GLU D 223 -6.66 59.82 3.71
CA GLU D 223 -7.69 58.79 3.56
C GLU D 223 -8.35 58.82 2.18
N ASP D 224 -8.67 60.01 1.68
CA ASP D 224 -9.35 60.12 0.39
C ASP D 224 -8.41 59.75 -0.76
N PHE D 225 -7.12 60.06 -0.63
CA PHE D 225 -6.15 59.68 -1.64
C PHE D 225 -5.97 58.18 -1.70
N TYR D 226 -5.90 57.52 -0.54
CA TYR D 226 -5.82 56.06 -0.50
C TYR D 226 -7.11 55.41 -0.98
N ASN D 227 -8.26 56.06 -0.76
CA ASN D 227 -9.53 55.55 -1.27
C ASN D 227 -9.58 55.61 -2.79
N ASN D 228 -9.11 56.71 -3.38
CA ASN D 228 -9.06 56.80 -4.85
C ASN D 228 -8.05 55.81 -5.43
N TYR D 229 -6.93 55.59 -4.74
CA TYR D 229 -5.96 54.59 -5.20
C TYR D 229 -6.55 53.19 -5.16
N LEU D 230 -7.25 52.85 -4.06
CA LEU D 230 -7.85 51.51 -3.97
C LEU D 230 -9.00 51.35 -4.94
N ASN D 231 -9.71 52.43 -5.27
CA ASN D 231 -10.74 52.36 -6.31
C ASN D 231 -10.13 52.10 -7.68
N LEU D 232 -9.03 52.80 -8.01
CA LEU D 232 -8.34 52.57 -9.27
C LEU D 232 -7.71 51.18 -9.34
N PHE D 233 -7.32 50.63 -8.18
CA PHE D 233 -6.71 49.31 -8.13
C PHE D 233 -7.76 48.20 -8.29
N LEU D 234 -8.87 48.33 -7.57
CA LEU D 234 -9.95 47.35 -7.65
C LEU D 234 -10.77 47.49 -8.92
N SER D 235 -10.64 48.59 -9.66
CA SER D 235 -11.26 48.67 -10.97
C SER D 235 -10.56 47.82 -12.02
N VAL D 236 -9.38 47.28 -11.72
CA VAL D 236 -8.65 46.47 -12.68
C VAL D 236 -8.22 45.12 -12.12
N PHE D 237 -8.12 44.90 -10.81
CA PHE D 237 -7.73 43.58 -10.32
C PHE D 237 -8.88 42.75 -9.75
N TYR D 238 -10.09 43.30 -9.64
CA TYR D 238 -11.19 42.52 -9.11
C TYR D 238 -11.76 41.52 -10.10
N LYS D 239 -11.38 41.62 -11.38
CA LYS D 239 -11.88 40.67 -12.38
C LYS D 239 -11.27 39.29 -12.20
N ALA D 240 -10.01 39.21 -11.76
CA ALA D 240 -9.32 37.93 -11.67
C ALA D 240 -9.52 37.25 -10.32
N CYS D 241 -9.37 37.99 -9.22
CA CYS D 241 -9.46 37.41 -7.90
C CYS D 241 -10.17 38.35 -6.94
N ARG D 242 -10.94 37.77 -6.02
CA ARG D 242 -11.60 38.51 -4.96
C ARG D 242 -10.97 38.26 -3.59
N ASP D 243 -9.91 37.46 -3.54
CA ASP D 243 -9.33 37.07 -2.27
C ASP D 243 -8.54 38.22 -1.66
N VAL D 244 -8.78 38.47 -0.37
CA VAL D 244 -8.16 39.56 0.39
C VAL D 244 -6.63 39.50 0.48
N PRO D 245 -5.96 38.38 0.83
CA PRO D 245 -4.49 38.47 1.04
C PRO D 245 -3.68 38.76 -0.21
N GLU D 246 -4.06 38.17 -1.35
CA GLU D 246 -3.38 38.46 -2.61
C GLU D 246 -3.56 39.92 -3.01
N LEU D 247 -4.76 40.47 -2.78
CA LEU D 247 -5.02 41.87 -3.11
C LEU D 247 -4.26 42.81 -2.18
N GLN D 248 -4.11 42.44 -0.91
CA GLN D 248 -3.32 43.24 0.03
C GLN D 248 -1.85 43.25 -0.36
N LEU D 249 -1.27 42.06 -0.59
CA LEU D 249 0.14 41.95 -0.90
C LEU D 249 0.49 42.50 -2.27
N THR D 250 -0.48 42.59 -3.18
CA THR D 250 -0.19 43.23 -4.47
C THR D 250 -0.45 44.73 -4.43
N ALA D 251 -1.46 45.17 -3.66
CA ALA D 251 -1.76 46.58 -3.54
C ALA D 251 -0.66 47.34 -2.80
N ARG D 252 0.06 46.66 -1.90
CA ARG D 252 1.22 47.28 -1.26
C ARG D 252 2.31 47.65 -2.28
N LYS D 253 2.65 46.69 -3.16
CA LYS D 253 3.68 46.94 -4.16
C LYS D 253 3.23 47.95 -5.21
N CYS D 254 1.98 47.87 -5.65
CA CYS D 254 1.48 48.85 -6.61
C CYS D 254 1.28 50.22 -5.98
N LEU D 255 1.12 50.30 -4.65
CA LEU D 255 1.12 51.59 -3.98
C LEU D 255 2.52 52.17 -3.93
N SER D 256 3.53 51.33 -3.64
CA SER D 256 4.91 51.78 -3.63
C SER D 256 5.38 52.23 -5.01
N THR D 257 4.82 51.64 -6.06
CA THR D 257 5.08 52.13 -7.42
C THR D 257 4.23 53.38 -7.73
N TYR D 258 3.03 53.46 -7.18
CA TYR D 258 2.06 54.49 -7.53
C TYR D 258 2.45 55.87 -7.03
N LEU D 259 3.21 55.94 -5.93
CA LEU D 259 3.43 57.19 -5.23
C LEU D 259 4.58 58.02 -5.80
N GLU D 260 5.44 57.44 -6.64
CA GLU D 260 6.67 58.11 -7.07
C GLU D 260 6.53 59.40 -7.90
N PRO D 261 5.48 59.66 -8.70
CA PRO D 261 5.37 61.02 -9.27
C PRO D 261 4.88 62.05 -8.27
N VAL D 262 4.14 61.62 -7.25
CA VAL D 262 3.68 62.56 -6.21
C VAL D 262 4.83 62.95 -5.31
N LEU D 263 5.80 62.06 -5.11
CA LEU D 263 6.97 62.37 -4.31
C LEU D 263 8.11 62.95 -5.13
N ASP D 264 8.10 62.74 -6.45
CA ASP D 264 9.07 63.35 -7.34
C ASP D 264 8.59 64.70 -7.90
N GLY D 265 7.61 65.32 -7.26
CA GLY D 265 7.08 66.60 -7.71
C GLY D 265 6.05 66.46 -8.82
N SER D 273 -7.38 63.41 -12.82
CA SER D 273 -6.69 62.15 -13.08
C SER D 273 -5.22 62.24 -12.67
N ARG D 274 -4.36 62.47 -13.67
CA ARG D 274 -2.93 62.81 -13.57
C ARG D 274 -2.07 61.61 -13.10
N LEU D 275 -2.70 60.51 -12.72
CA LEU D 275 -1.96 59.36 -12.21
C LEU D 275 -2.45 58.03 -12.76
N TRP D 276 -3.49 58.01 -13.58
CA TRP D 276 -4.04 56.73 -14.04
C TRP D 276 -3.18 56.07 -15.11
N ARG D 277 -2.50 56.85 -15.95
CA ARG D 277 -1.67 56.27 -17.00
C ARG D 277 -0.37 55.70 -16.42
N HIS D 278 0.28 56.47 -15.53
CA HIS D 278 1.58 56.11 -14.98
C HIS D 278 1.51 54.86 -14.11
N ILE D 279 0.35 54.57 -13.54
CA ILE D 279 0.17 53.30 -12.84
C ILE D 279 -0.54 52.25 -13.70
N ALA D 280 -1.34 52.67 -14.70
CA ALA D 280 -2.06 51.73 -15.53
C ALA D 280 -1.15 51.02 -16.51
N GLY D 281 0.04 51.54 -16.74
CA GLY D 281 1.10 50.76 -17.33
C GLY D 281 1.48 49.56 -16.46
N PRO D 282 2.06 49.82 -15.28
CA PRO D 282 2.46 48.71 -14.40
C PRO D 282 1.31 47.96 -13.76
N LEU D 283 0.09 48.50 -13.68
CA LEU D 283 -1.01 47.70 -13.16
C LEU D 283 -1.40 46.59 -14.13
N ARG D 284 -1.49 46.91 -15.41
CA ARG D 284 -1.72 45.86 -16.40
C ARG D 284 -0.47 45.03 -16.65
N SER D 285 0.71 45.52 -16.29
CA SER D 285 1.89 44.66 -16.31
C SER D 285 1.92 43.70 -15.13
N ALA D 286 1.28 44.07 -14.02
CA ALA D 286 1.24 43.23 -12.82
C ALA D 286 0.01 42.35 -12.75
N LEU D 287 -0.99 42.59 -13.58
CA LEU D 287 -2.13 41.68 -13.68
C LEU D 287 -1.70 40.34 -14.28
N THR D 288 -0.66 40.35 -15.12
CA THR D 288 -0.06 39.12 -15.61
C THR D 288 0.80 38.42 -14.57
N GLN D 289 1.13 39.09 -13.47
CA GLN D 289 1.92 38.49 -12.39
C GLN D 289 1.05 38.16 -11.17
N ILE D 290 -0.26 38.01 -11.36
CA ILE D 290 -1.12 37.58 -10.26
C ILE D 290 -0.97 36.06 -10.12
N TYR D 291 -1.27 35.57 -8.92
CA TYR D 291 -1.15 34.17 -8.48
C TYR D 291 0.28 33.63 -8.56
N MET D 292 1.28 34.51 -8.65
CA MET D 292 2.68 34.15 -8.50
C MET D 292 3.24 34.94 -7.33
N ARG D 293 3.72 34.23 -6.32
CA ARG D 293 4.09 34.83 -5.04
C ARG D 293 5.56 35.24 -4.99
N ILE D 294 6.18 35.51 -6.14
CA ILE D 294 7.60 35.84 -6.18
C ILE D 294 7.80 37.27 -5.68
N GLU D 295 8.62 37.43 -4.65
CA GLU D 295 8.93 38.75 -4.12
C GLU D 295 9.97 39.46 -5.00
N SER D 318 15.80 29.65 -20.38
CA SER D 318 17.15 29.76 -19.86
C SER D 318 17.62 28.45 -19.22
N LEU D 319 16.81 27.40 -19.41
CA LEU D 319 17.15 26.08 -18.88
C LEU D 319 18.27 25.47 -19.74
N GLU D 320 19.44 25.27 -19.13
CA GLU D 320 20.60 24.75 -19.85
C GLU D 320 20.56 23.23 -19.86
N LEU D 321 20.74 22.65 -21.03
CA LEU D 321 20.75 21.22 -21.25
C LEU D 321 21.95 20.87 -22.12
N PRO D 322 22.42 19.62 -22.07
CA PRO D 322 23.42 19.17 -23.04
C PRO D 322 22.82 19.05 -24.43
N TYR D 323 23.70 18.79 -25.41
CA TYR D 323 23.31 18.71 -26.80
C TYR D 323 22.41 17.50 -27.06
N TYR D 324 22.87 16.32 -26.68
CA TYR D 324 22.10 15.11 -26.94
C TYR D 324 20.88 15.00 -26.04
N ALA D 325 20.88 15.67 -24.88
CA ALA D 325 19.67 15.75 -24.08
C ALA D 325 18.62 16.64 -24.76
N LYS D 326 19.06 17.71 -25.43
CA LYS D 326 18.14 18.54 -26.21
C LYS D 326 17.55 17.76 -27.38
N PHE D 327 18.40 16.99 -28.07
CA PHE D 327 17.91 16.20 -29.19
C PHE D 327 16.98 15.07 -28.73
N LEU D 328 17.28 14.45 -27.58
CA LEU D 328 16.37 13.46 -27.01
C LEU D 328 15.05 14.07 -26.59
N LEU D 329 15.08 15.32 -26.10
CA LEU D 329 13.86 15.98 -25.66
C LEU D 329 12.97 16.34 -26.84
N ILE D 330 13.56 16.87 -27.92
CA ILE D 330 12.74 17.16 -29.10
C ILE D 330 12.34 15.89 -29.85
N ALA D 331 13.11 14.79 -29.74
CA ALA D 331 12.67 13.53 -30.31
C ALA D 331 11.52 12.93 -29.53
N ALA D 332 11.50 13.10 -28.20
CA ALA D 332 10.35 12.67 -27.41
C ALA D 332 9.12 13.54 -27.70
N PHE D 333 9.33 14.83 -27.97
CA PHE D 333 8.22 15.68 -28.38
C PHE D 333 7.66 15.26 -29.75
N LEU D 334 8.54 14.93 -30.70
CA LEU D 334 8.09 14.44 -31.99
C LEU D 334 7.46 13.06 -31.91
N ALA D 335 7.82 12.24 -30.92
CA ALA D 335 7.18 10.96 -30.74
C ALA D 335 5.82 11.10 -30.07
N SER D 336 5.64 12.10 -29.21
CA SER D 336 4.36 12.29 -28.55
C SER D 336 3.37 13.11 -29.37
N HIS D 337 3.85 13.95 -30.28
CA HIS D 337 2.98 14.83 -31.05
C HIS D 337 2.63 14.28 -32.43
N ASN D 338 3.10 13.08 -32.78
CA ASN D 338 2.86 12.48 -34.08
C ASN D 338 2.21 11.12 -33.88
N ALA D 339 1.47 10.66 -34.89
CA ALA D 339 0.91 9.32 -34.86
C ALA D 339 1.97 8.28 -35.18
N ALA D 340 1.67 7.03 -34.84
CA ALA D 340 2.61 5.95 -35.14
C ALA D 340 2.68 5.67 -36.63
N LYS D 341 1.58 5.90 -37.36
CA LYS D 341 1.53 5.66 -38.79
C LYS D 341 2.13 6.80 -39.60
N GLN D 342 2.42 7.94 -38.98
CA GLN D 342 3.04 9.06 -39.67
C GLN D 342 4.57 9.04 -39.58
N ASP D 343 5.14 8.12 -38.81
CA ASP D 343 6.59 8.07 -38.66
C ASP D 343 7.27 7.42 -39.86
N LYS D 344 6.56 6.57 -40.61
CA LYS D 344 7.15 5.88 -41.75
C LYS D 344 7.29 6.78 -42.97
N ARG D 345 6.51 7.84 -43.06
CA ARG D 345 6.58 8.75 -44.21
C ARG D 345 7.65 9.82 -44.03
N LEU D 346 7.99 10.17 -42.79
CA LEU D 346 8.85 11.31 -42.52
C LEU D 346 10.32 10.93 -42.36
N PHE D 347 10.62 9.85 -41.66
CA PHE D 347 11.97 9.59 -41.16
C PHE D 347 12.78 8.65 -42.05
N VAL D 348 12.20 8.10 -43.12
CA VAL D 348 12.93 7.12 -43.91
C VAL D 348 13.98 7.75 -44.82
N LYS D 349 13.80 9.02 -45.21
CA LYS D 349 14.71 9.79 -46.06
C LYS D 349 15.07 9.12 -47.39
N LEU D 375 -7.27 14.74 -26.25
CA LEU D 375 -6.28 14.40 -27.26
C LEU D 375 -4.91 14.98 -26.91
N GLY D 376 -4.31 14.45 -25.84
CA GLY D 376 -3.03 14.92 -25.38
C GLY D 376 -1.87 14.29 -26.11
N PRO D 377 -0.71 14.23 -25.46
CA PRO D 377 0.45 13.57 -26.07
C PRO D 377 0.27 12.05 -26.09
N LYS D 378 0.72 11.44 -27.18
CA LYS D 378 0.59 10.00 -27.34
C LYS D 378 1.66 9.29 -26.51
N SER D 379 1.48 7.98 -26.37
CA SER D 379 2.43 7.16 -25.64
C SER D 379 3.40 6.50 -26.61
N PHE D 380 4.61 6.23 -26.11
CA PHE D 380 5.65 5.63 -26.93
C PHE D 380 6.60 4.86 -26.02
N SER D 381 7.32 3.93 -26.62
CA SER D 381 8.35 3.16 -25.92
C SER D 381 9.72 3.73 -26.24
N ILE D 382 10.74 3.21 -25.54
CA ILE D 382 12.08 3.81 -25.61
C ILE D 382 12.75 3.52 -26.95
N ASP D 383 12.39 2.40 -27.60
CA ASP D 383 12.97 2.09 -28.90
C ASP D 383 12.47 3.04 -29.98
N ARG D 384 11.21 3.49 -29.87
CA ARG D 384 10.69 4.50 -30.79
C ARG D 384 11.41 5.84 -30.61
N LEU D 385 11.70 6.21 -29.35
CA LEU D 385 12.44 7.42 -29.07
C LEU D 385 13.85 7.35 -29.61
N LEU D 386 14.51 6.19 -29.47
CA LEU D 386 15.87 6.04 -29.98
C LEU D 386 15.90 6.03 -31.50
N ALA D 387 14.88 5.44 -32.14
CA ALA D 387 14.82 5.43 -33.60
C ALA D 387 14.57 6.83 -34.14
N ILE D 388 13.68 7.60 -33.51
CA ILE D 388 13.42 8.96 -33.97
C ILE D 388 14.64 9.85 -33.73
N PHE D 389 15.36 9.62 -32.61
CA PHE D 389 16.58 10.38 -32.32
C PHE D 389 17.68 10.09 -33.33
N TYR D 390 17.88 8.82 -33.70
CA TYR D 390 18.89 8.50 -34.70
C TYR D 390 18.43 8.83 -36.11
N ALA D 391 17.13 9.03 -36.34
CA ALA D 391 16.68 9.50 -37.63
C ALA D 391 16.91 11.00 -37.79
N ILE D 392 16.60 11.79 -36.76
CA ILE D 392 16.73 13.24 -36.87
C ILE D 392 18.10 13.76 -36.44
N LEU D 393 19.00 12.89 -35.98
CA LEU D 393 20.28 13.36 -35.47
C LEU D 393 21.19 13.85 -36.58
N GLU D 394 21.39 13.01 -37.61
CA GLU D 394 22.31 13.24 -38.75
C GLU D 394 23.74 13.50 -38.25
N GLU D 395 24.12 12.79 -37.19
CA GLU D 395 25.50 12.83 -36.71
C GLU D 395 26.00 11.40 -36.52
N LYS D 396 25.07 10.50 -36.17
CA LYS D 396 25.28 9.05 -36.07
C LYS D 396 26.38 8.69 -35.06
N VAL D 397 26.11 9.05 -33.81
CA VAL D 397 26.97 8.66 -32.69
C VAL D 397 26.60 7.25 -32.23
N GLY D 398 27.43 6.66 -31.37
CA GLY D 398 27.17 5.32 -30.90
C GLY D 398 26.26 5.27 -29.70
N LEU D 399 25.73 4.08 -29.42
CA LEU D 399 24.82 3.87 -28.29
C LEU D 399 25.65 3.48 -27.07
N THR D 400 26.02 4.50 -26.29
CA THR D 400 26.84 4.30 -25.10
C THR D 400 25.96 4.27 -23.84
N CYS D 401 26.61 4.29 -22.68
CA CYS D 401 25.90 4.37 -21.41
C CYS D 401 25.32 5.76 -21.15
N ASN D 402 26.00 6.80 -21.64
CA ASN D 402 25.63 8.17 -21.28
C ASN D 402 24.34 8.61 -21.95
N LEU D 403 23.99 8.02 -23.10
CA LEU D 403 22.76 8.42 -23.79
C LEU D 403 21.54 7.88 -23.08
N LEU D 404 21.58 6.60 -22.68
CA LEU D 404 20.47 6.04 -21.91
C LEU D 404 20.43 6.61 -20.50
N SER D 405 21.60 7.01 -19.97
CA SER D 405 21.61 7.77 -18.72
C SER D 405 20.96 9.14 -18.89
N GLN D 406 21.12 9.75 -20.07
CA GLN D 406 20.43 11.01 -20.34
C GLN D 406 18.92 10.81 -20.43
N ILE D 407 18.49 9.68 -20.98
CA ILE D 407 17.06 9.32 -20.98
C ILE D 407 16.53 9.20 -19.56
N SER D 408 17.29 8.51 -18.69
CA SER D 408 16.84 8.30 -17.32
C SER D 408 16.85 9.59 -16.51
N THR D 409 17.82 10.49 -16.74
CA THR D 409 17.80 11.74 -15.98
C THR D 409 16.89 12.79 -16.61
N LEU D 410 16.42 12.58 -17.84
CA LEU D 410 15.30 13.38 -18.32
C LEU D 410 13.99 12.88 -17.73
N VAL D 411 13.90 11.58 -17.46
CA VAL D 411 12.75 11.07 -16.72
C VAL D 411 12.74 11.62 -15.28
N HIS D 412 13.90 11.65 -14.64
CA HIS D 412 13.97 12.13 -13.26
C HIS D 412 13.96 13.64 -13.11
N LEU D 413 13.97 14.40 -14.21
CA LEU D 413 13.83 15.85 -14.16
C LEU D 413 12.40 16.32 -14.38
N ASN D 414 11.45 15.38 -14.48
CA ASN D 414 10.04 15.63 -14.80
C ASN D 414 9.89 16.38 -16.12
N LEU D 415 10.74 16.05 -17.09
CA LEU D 415 10.56 16.48 -18.46
C LEU D 415 9.94 15.40 -19.34
N LEU D 416 10.16 14.14 -18.97
CA LEU D 416 9.41 13.00 -19.46
C LEU D 416 8.69 12.37 -18.27
N SER D 417 7.95 11.29 -18.52
CA SER D 417 7.25 10.58 -17.45
C SER D 417 7.13 9.11 -17.82
N PHE D 418 6.51 8.35 -16.92
CA PHE D 418 6.22 6.93 -17.12
C PHE D 418 4.71 6.76 -17.00
N VAL D 419 4.01 6.80 -18.14
CA VAL D 419 2.55 6.73 -18.13
C VAL D 419 2.05 5.33 -17.78
N SER D 420 2.86 4.30 -18.01
CA SER D 420 2.53 2.92 -17.69
C SER D 420 3.82 2.12 -17.65
N GLY D 421 3.70 0.83 -17.36
CA GLY D 421 4.87 -0.01 -17.30
C GLY D 421 5.71 0.25 -16.06
N GLU D 422 6.86 0.89 -16.25
CA GLU D 422 7.80 1.46 -15.28
C GLU D 422 8.42 0.44 -14.32
N GLN D 423 8.09 -0.84 -14.44
CA GLN D 423 8.75 -1.89 -13.67
C GLN D 423 9.45 -2.90 -14.56
N ASN D 424 9.22 -2.86 -15.87
CA ASN D 424 9.91 -3.71 -16.83
C ASN D 424 10.55 -2.81 -17.89
N ILE D 425 11.24 -1.77 -17.44
CA ILE D 425 11.87 -0.79 -18.31
C ILE D 425 12.93 -1.45 -19.19
N MET D 426 13.64 -2.44 -18.64
CA MET D 426 14.67 -3.12 -19.41
C MET D 426 14.07 -4.09 -20.42
N GLU D 427 12.89 -4.64 -20.12
CA GLU D 427 12.28 -5.60 -21.04
C GLU D 427 11.70 -4.94 -22.29
N GLY D 428 11.23 -3.69 -22.17
CA GLY D 428 10.76 -2.95 -23.32
C GLY D 428 9.27 -2.68 -23.34
N SER D 429 8.51 -3.15 -22.35
CA SER D 429 7.08 -2.91 -22.29
C SER D 429 6.73 -1.65 -21.51
N ALA D 430 7.72 -0.84 -21.12
CA ALA D 430 7.46 0.42 -20.45
C ALA D 430 7.18 1.51 -21.49
N ARG D 431 6.29 2.43 -21.11
CA ARG D 431 5.85 3.50 -22.00
C ARG D 431 6.26 4.84 -21.40
N LEU D 432 6.55 5.80 -22.28
CA LEU D 432 6.98 7.13 -21.89
C LEU D 432 5.94 8.15 -22.35
N GLN D 433 6.14 9.39 -21.92
CA GLN D 433 5.20 10.47 -22.23
C GLN D 433 5.92 11.80 -22.06
N CYS D 434 5.95 12.60 -23.12
CA CYS D 434 6.66 13.88 -23.10
C CYS D 434 5.72 14.99 -22.64
N THR D 435 6.15 15.75 -21.63
CA THR D 435 5.28 16.71 -20.96
C THR D 435 5.76 18.14 -21.09
N ILE D 436 6.15 18.57 -22.29
CA ILE D 436 6.55 19.95 -22.53
C ILE D 436 5.69 20.52 -23.65
N GLY D 437 5.74 21.84 -23.80
CA GLY D 437 4.94 22.55 -24.76
C GLY D 437 5.61 22.72 -26.10
N LEU D 438 5.13 23.69 -26.85
CA LEU D 438 5.65 23.96 -28.20
C LEU D 438 6.71 25.07 -28.21
N GLU D 439 6.56 26.08 -27.35
CA GLU D 439 7.48 27.20 -27.37
C GLU D 439 8.85 26.85 -26.81
N PHE D 440 8.93 25.91 -25.85
CA PHE D 440 10.22 25.47 -25.35
C PHE D 440 10.92 24.58 -26.37
N VAL D 441 10.15 23.78 -27.10
CA VAL D 441 10.69 22.98 -28.19
C VAL D 441 11.24 23.87 -29.30
N LEU D 442 10.52 24.93 -29.65
CA LEU D 442 11.02 25.86 -30.65
C LEU D 442 12.21 26.67 -30.17
N GLN D 443 12.27 26.97 -28.87
CA GLN D 443 13.44 27.66 -28.31
C GLN D 443 14.67 26.77 -28.35
N ILE D 444 14.51 25.47 -28.01
CA ILE D 444 15.60 24.50 -28.10
C ILE D 444 16.04 24.32 -29.55
N GLY D 445 15.07 24.23 -30.47
CA GLY D 445 15.39 24.12 -31.89
C GLY D 445 16.04 25.37 -32.47
N LYS D 446 15.80 26.53 -31.88
CA LYS D 446 16.49 27.74 -32.32
C LYS D 446 17.90 27.80 -31.77
N VAL D 447 18.11 27.42 -30.52
CA VAL D 447 19.48 27.41 -29.98
C VAL D 447 20.30 26.23 -30.46
N VAL D 448 19.69 25.24 -31.10
CA VAL D 448 20.42 24.17 -31.77
C VAL D 448 20.56 24.42 -33.26
N GLY D 449 19.44 24.68 -33.94
CA GLY D 449 19.45 24.90 -35.37
C GLY D 449 18.61 23.88 -36.12
N PHE D 450 17.78 23.16 -35.39
CA PHE D 450 16.93 22.11 -35.94
C PHE D 450 15.49 22.59 -35.91
N ASN D 451 14.92 22.87 -37.07
CA ASN D 451 13.56 23.37 -37.17
C ASN D 451 12.56 22.25 -36.94
N VAL D 452 11.73 22.40 -35.90
CA VAL D 452 10.72 21.39 -35.58
C VAL D 452 9.44 21.64 -36.36
N ARG D 453 9.29 22.79 -37.00
CA ARG D 453 8.10 23.10 -37.79
C ARG D 453 8.02 22.30 -39.09
N GLN D 454 9.09 21.64 -39.50
CA GLN D 454 9.06 20.80 -40.69
C GLN D 454 8.51 19.41 -40.37
N TYR D 455 8.98 18.80 -39.28
CA TYR D 455 8.64 17.43 -38.96
C TYR D 455 7.27 17.27 -38.29
N LEU D 456 6.50 18.35 -38.14
CA LEU D 456 5.18 18.26 -37.55
C LEU D 456 4.11 18.10 -38.62
N GLU E 223 59.06 1.23 -37.06
CA GLU E 223 60.26 0.47 -36.72
C GLU E 223 60.29 0.17 -35.23
N ASP E 224 60.67 -1.06 -34.88
CA ASP E 224 60.74 -1.46 -33.49
C ASP E 224 61.95 -0.81 -32.81
N TYR E 225 61.96 -0.87 -31.48
CA TYR E 225 62.99 -0.20 -30.70
C TYR E 225 64.33 -0.92 -30.80
N GLU E 226 64.31 -2.26 -30.74
CA GLU E 226 65.56 -3.01 -30.71
C GLU E 226 66.25 -3.03 -32.06
N ILE E 227 65.46 -3.10 -33.14
CA ILE E 227 66.04 -3.10 -34.49
C ILE E 227 66.66 -1.75 -34.81
N TRP E 228 65.96 -0.66 -34.48
CA TRP E 228 66.49 0.68 -34.70
C TRP E 228 67.70 0.94 -33.80
N LYS E 229 67.67 0.39 -32.57
CA LYS E 229 68.80 0.55 -31.65
C LYS E 229 70.04 -0.16 -32.17
N ALA E 230 69.87 -1.39 -32.66
CA ALA E 230 71.00 -2.12 -33.26
C ALA E 230 71.49 -1.46 -34.54
N ARG E 231 70.58 -0.85 -35.30
CA ARG E 231 70.98 -0.16 -36.53
C ARG E 231 71.81 1.08 -36.23
N MET E 232 71.39 1.89 -35.27
CA MET E 232 72.19 3.05 -34.87
C MET E 232 73.51 2.63 -34.21
N LEU E 233 73.51 1.53 -33.45
CA LEU E 233 74.75 1.08 -32.82
C LEU E 233 75.74 0.55 -33.84
N ALA E 234 75.27 -0.17 -34.86
CA ALA E 234 76.16 -0.64 -35.92
C ALA E 234 76.60 0.50 -36.83
N LYS E 235 75.76 1.54 -36.99
CA LYS E 235 76.16 2.69 -37.79
C LYS E 235 77.20 3.54 -37.07
N ALA E 236 77.10 3.67 -35.75
CA ALA E 236 78.00 4.54 -35.01
C ALA E 236 79.26 3.83 -34.54
N GLN E 237 79.23 2.51 -34.37
CA GLN E 237 80.45 1.78 -34.04
C GLN E 237 81.38 1.63 -35.23
N ALA E 238 80.88 1.80 -36.45
CA ALA E 238 81.70 1.70 -37.65
C ALA E 238 82.50 2.96 -37.93
N LYS E 239 82.29 4.03 -37.18
CA LYS E 239 83.02 5.28 -37.38
C LYS E 239 84.12 5.45 -36.36
N THR F 83 -2.39 -6.91 43.80
CA THR F 83 -1.19 -6.68 43.00
C THR F 83 -1.27 -7.52 41.71
N PRO F 84 -0.67 -7.01 40.62
CA PRO F 84 -0.75 -7.75 39.34
C PRO F 84 -0.04 -9.09 39.33
N SER F 85 1.11 -9.19 39.99
CA SER F 85 2.01 -10.33 39.80
C SER F 85 1.43 -11.61 40.39
N GLN F 86 1.03 -11.57 41.67
CA GLN F 86 0.50 -12.78 42.30
C GLN F 86 -0.89 -13.11 41.77
N LYS F 87 -1.65 -12.11 41.33
CA LYS F 87 -2.97 -12.38 40.74
C LYS F 87 -2.83 -13.09 39.40
N MET F 88 -1.88 -12.67 38.57
CA MET F 88 -1.66 -13.36 37.30
C MET F 88 -1.04 -14.74 37.50
N LYS F 89 -0.12 -14.87 38.47
CA LYS F 89 0.49 -16.16 38.71
C LYS F 89 -0.46 -17.15 39.38
N LYS F 90 -1.50 -16.67 40.05
CA LYS F 90 -2.50 -17.56 40.63
C LYS F 90 -3.68 -17.80 39.70
N ILE F 91 -3.90 -16.91 38.72
CA ILE F 91 -4.94 -17.14 37.72
C ILE F 91 -4.43 -18.09 36.63
N ARG F 92 -3.19 -17.87 36.17
CA ARG F 92 -2.62 -18.71 35.12
C ARG F 92 -2.36 -20.14 35.60
N ALA F 93 -2.10 -20.33 36.89
CA ALA F 93 -1.90 -21.66 37.43
C ALA F 93 -3.21 -22.35 37.82
N GLY F 94 -4.32 -21.64 37.80
CA GLY F 94 -5.59 -22.23 38.14
C GLY F 94 -5.77 -22.56 39.61
N GLU F 95 -5.48 -21.60 40.48
CA GLU F 95 -5.51 -21.85 41.91
C GLU F 95 -6.56 -21.03 42.66
N LEU F 96 -7.07 -19.95 42.08
CA LEU F 96 -8.16 -19.19 42.67
C LEU F 96 -9.45 -19.46 41.90
N SER F 97 -10.56 -19.41 42.62
CA SER F 97 -11.86 -19.65 41.99
C SER F 97 -12.30 -18.42 41.22
N PRO F 98 -12.63 -18.56 39.94
CA PRO F 98 -13.18 -17.41 39.19
C PRO F 98 -14.61 -17.14 39.59
N SER F 99 -14.79 -16.42 40.69
CA SER F 99 -16.11 -16.25 41.29
C SER F 99 -16.85 -15.07 40.67
N MET F 100 -18.14 -15.02 40.94
CA MET F 100 -19.01 -13.95 40.48
C MET F 100 -19.81 -13.45 41.67
N GLN F 101 -20.20 -12.17 41.63
CA GLN F 101 -20.86 -11.52 42.76
C GLN F 101 -22.24 -12.11 43.02
N GLN F 102 -22.66 -12.00 44.27
CA GLN F 102 -23.91 -12.59 44.74
C GLN F 102 -24.96 -11.50 44.92
N ARG F 103 -26.23 -11.90 44.81
CA ARG F 103 -27.32 -10.97 45.00
C ARG F 103 -27.50 -10.64 46.47
N THR F 104 -27.86 -9.38 46.73
CA THR F 104 -28.19 -8.99 48.10
C THR F 104 -29.56 -9.53 48.50
N ASP F 105 -30.55 -9.38 47.63
CA ASP F 105 -31.87 -9.96 47.85
C ASP F 105 -31.85 -11.41 47.38
N LEU F 106 -32.40 -12.30 48.21
CA LEU F 106 -32.46 -13.70 47.87
C LEU F 106 -33.47 -13.92 46.74
N PRO F 107 -33.22 -14.86 45.83
CA PRO F 107 -34.15 -15.10 44.71
C PRO F 107 -35.51 -15.59 45.18
N ALA F 108 -36.49 -15.43 44.28
CA ALA F 108 -37.89 -15.66 44.61
C ALA F 108 -38.17 -17.16 44.78
N LYS F 109 -39.36 -17.44 45.30
CA LYS F 109 -39.77 -18.81 45.63
C LYS F 109 -40.61 -19.40 44.51
N ASP F 110 -40.73 -20.73 44.51
CA ASP F 110 -41.57 -21.41 43.54
C ASP F 110 -43.05 -21.27 43.89
N SER F 111 -43.35 -21.09 45.18
CA SER F 111 -44.75 -20.93 45.60
C SER F 111 -45.30 -19.56 45.21
N SER F 112 -44.43 -18.56 45.07
CA SER F 112 -44.86 -17.22 44.71
C SER F 112 -45.09 -17.05 43.21
N LYS F 113 -44.90 -18.10 42.42
CA LYS F 113 -45.08 -18.03 40.98
C LYS F 113 -46.45 -18.57 40.58
N SER F 114 -47.11 -17.87 39.67
CA SER F 114 -48.39 -18.32 39.13
C SER F 114 -48.17 -19.43 38.11
N GLU F 115 -49.29 -20.03 37.67
CA GLU F 115 -49.20 -21.14 36.72
C GLU F 115 -48.79 -20.66 35.33
N LEU F 116 -49.16 -19.43 34.96
CA LEU F 116 -48.66 -18.86 33.72
C LEU F 116 -47.19 -18.51 33.84
N GLN F 117 -46.76 -18.09 35.03
CA GLN F 117 -45.35 -17.87 35.28
C GLN F 117 -44.58 -19.19 35.27
N LEU F 118 -45.21 -20.27 35.77
CA LEU F 118 -44.56 -21.58 35.73
C LEU F 118 -44.44 -22.10 34.31
N ALA F 119 -45.45 -21.86 33.47
CA ALA F 119 -45.34 -22.20 32.06
C ALA F 119 -44.35 -21.30 31.32
N ARG F 120 -44.13 -20.07 31.81
CA ARG F 120 -43.12 -19.22 31.19
C ARG F 120 -41.70 -19.62 31.56
N GLU F 121 -41.48 -20.07 32.80
CA GLU F 121 -40.15 -20.56 33.17
C GLU F 121 -39.87 -21.96 32.64
N GLN F 122 -40.90 -22.77 32.43
CA GLN F 122 -40.67 -24.11 31.90
C GLN F 122 -40.54 -24.13 30.39
N LEU F 123 -40.83 -23.03 29.71
CA LEU F 123 -40.69 -22.93 28.26
C LEU F 123 -39.37 -22.29 27.85
N HIS F 124 -38.44 -22.12 28.77
CA HIS F 124 -37.16 -21.49 28.46
C HIS F 124 -36.30 -22.43 27.62
N VAL F 125 -35.43 -21.83 26.80
CA VAL F 125 -34.52 -22.62 25.98
C VAL F 125 -33.36 -23.16 26.81
N SER F 126 -33.07 -22.54 27.95
CA SER F 126 -31.97 -22.98 28.80
C SER F 126 -32.29 -24.30 29.50
N VAL F 127 -33.56 -24.52 29.84
CA VAL F 127 -33.98 -25.71 30.58
C VAL F 127 -34.04 -26.87 29.58
N VAL F 128 -33.01 -27.71 29.59
CA VAL F 128 -33.03 -28.94 28.79
C VAL F 128 -33.68 -30.04 29.62
N PRO F 129 -34.52 -30.89 29.03
CA PRO F 129 -35.16 -31.95 29.79
C PRO F 129 -34.19 -33.10 30.04
N LYS F 130 -34.59 -33.98 30.96
CA LYS F 130 -33.78 -35.15 31.27
C LYS F 130 -33.87 -36.22 30.19
N SER F 131 -34.88 -36.16 29.33
CA SER F 131 -35.00 -37.04 28.17
C SER F 131 -35.63 -36.26 27.04
N LEU F 132 -35.03 -36.29 25.87
CA LEU F 132 -35.48 -35.48 24.75
C LEU F 132 -36.58 -36.20 23.98
N PRO F 133 -37.74 -35.59 23.79
CA PRO F 133 -38.74 -36.18 22.90
C PRO F 133 -38.32 -36.03 21.44
N CYS F 134 -38.70 -37.03 20.65
CA CYS F 134 -38.54 -37.09 19.19
C CYS F 134 -37.07 -37.07 18.75
N ARG F 135 -36.14 -37.41 19.64
CA ARG F 135 -34.73 -37.54 19.34
C ARG F 135 -34.19 -38.85 19.91
N GLU F 136 -34.91 -39.93 19.66
CA GLU F 136 -34.60 -41.22 20.27
C GLU F 136 -33.68 -42.07 19.41
N ARG F 137 -33.89 -42.06 18.08
CA ARG F 137 -33.09 -42.89 17.18
C ARG F 137 -31.64 -42.41 17.13
N GLU F 138 -31.44 -41.10 17.05
CA GLU F 138 -30.09 -40.54 17.08
C GLU F 138 -29.43 -40.75 18.44
N PHE F 139 -30.23 -40.73 19.51
CA PHE F 139 -29.70 -41.01 20.84
C PHE F 139 -29.15 -42.43 20.93
N GLU F 140 -29.93 -43.42 20.44
CA GLU F 140 -29.44 -44.79 20.46
C GLU F 140 -28.27 -45.00 19.51
N ASN F 141 -28.22 -44.25 18.40
CA ASN F 141 -27.10 -44.35 17.47
C ASN F 141 -25.79 -43.88 18.11
N ILE F 142 -25.79 -42.66 18.65
CA ILE F 142 -24.59 -42.13 19.28
C ILE F 142 -24.23 -42.91 20.55
N TYR F 143 -25.23 -43.41 21.28
CA TYR F 143 -24.95 -44.19 22.48
C TYR F 143 -24.32 -45.54 22.15
N ALA F 144 -24.80 -46.21 21.08
CA ALA F 144 -24.20 -47.46 20.66
C ALA F 144 -22.78 -47.25 20.14
N PHE F 145 -22.55 -46.19 19.36
CA PHE F 145 -21.22 -45.88 18.85
C PHE F 145 -20.24 -45.60 19.99
N LEU F 146 -20.62 -44.73 20.93
CA LEU F 146 -19.70 -44.35 21.99
C LEU F 146 -19.49 -45.48 22.99
N GLU F 147 -20.52 -46.30 23.25
CA GLU F 147 -20.33 -47.45 24.14
C GLU F 147 -19.42 -48.49 23.51
N GLY F 148 -19.53 -48.71 22.20
CA GLY F 148 -18.61 -49.60 21.51
C GLY F 148 -17.18 -49.09 21.53
N LYS F 149 -16.99 -47.78 21.27
CA LYS F 149 -15.65 -47.21 21.24
C LYS F 149 -15.04 -47.14 22.65
N ILE F 150 -15.86 -47.08 23.69
CA ILE F 150 -15.32 -47.08 25.04
C ILE F 150 -14.99 -48.50 25.49
N GLN F 151 -15.87 -49.46 25.22
CA GLN F 151 -15.61 -50.84 25.63
C GLN F 151 -14.60 -51.55 24.76
N ASP F 152 -14.24 -51.00 23.60
CA ASP F 152 -13.19 -51.61 22.79
C ASP F 152 -11.81 -51.02 23.07
N GLN F 153 -11.75 -49.80 23.63
CA GLN F 153 -10.51 -49.08 23.96
C GLN F 153 -9.61 -48.92 22.73
N CYS F 154 -10.16 -48.35 21.68
CA CYS F 154 -9.46 -48.26 20.40
C CYS F 154 -9.40 -46.86 19.82
N GLY F 155 -10.38 -46.01 20.09
CA GLY F 155 -10.37 -44.65 19.56
C GLY F 155 -10.95 -44.59 18.16
N GLY F 156 -11.45 -43.40 17.81
CA GLY F 156 -12.07 -43.23 16.51
C GLY F 156 -12.64 -41.83 16.35
N CYS F 157 -13.48 -41.68 15.34
CA CYS F 157 -13.98 -40.38 14.93
C CYS F 157 -15.40 -40.49 14.43
N MET F 158 -16.22 -39.50 14.77
CA MET F 158 -17.60 -39.40 14.28
C MET F 158 -17.88 -37.97 13.88
N TYR F 159 -18.79 -37.81 12.93
CA TYR F 159 -19.19 -36.50 12.41
C TYR F 159 -20.71 -36.42 12.40
N VAL F 160 -21.29 -35.58 13.25
CA VAL F 160 -22.72 -35.32 13.22
C VAL F 160 -22.95 -33.92 12.68
N SER F 161 -24.08 -33.74 12.01
CA SER F 161 -24.32 -32.52 11.27
C SER F 161 -25.81 -32.23 11.21
N GLY F 162 -26.14 -30.95 11.12
CA GLY F 162 -27.53 -30.54 11.02
C GLY F 162 -27.77 -29.06 11.22
N VAL F 163 -28.91 -28.57 10.75
CA VAL F 163 -29.27 -27.15 10.83
C VAL F 163 -29.45 -26.76 12.29
N PRO F 164 -29.17 -25.51 12.68
CA PRO F 164 -29.15 -25.15 14.10
C PRO F 164 -30.53 -25.18 14.74
N GLY F 165 -30.62 -25.87 15.87
CA GLY F 165 -31.84 -25.97 16.63
C GLY F 165 -32.49 -27.34 16.65
N THR F 166 -31.80 -28.38 16.19
CA THR F 166 -32.40 -29.69 15.98
C THR F 166 -31.87 -30.75 16.93
N GLY F 167 -31.41 -30.35 18.11
CA GLY F 167 -31.07 -31.32 19.12
C GLY F 167 -29.77 -32.08 18.90
N LYS F 168 -28.70 -31.39 18.53
CA LYS F 168 -27.41 -32.04 18.33
C LYS F 168 -26.59 -32.08 19.62
N THR F 169 -26.27 -30.89 20.16
CA THR F 169 -25.44 -30.81 21.35
C THR F 169 -26.17 -31.35 22.57
N ALA F 170 -27.50 -31.17 22.63
CA ALA F 170 -28.28 -31.71 23.75
C ALA F 170 -28.27 -33.24 23.74
N THR F 171 -28.39 -33.85 22.56
CA THR F 171 -28.34 -35.31 22.46
C THR F 171 -26.95 -35.85 22.76
N VAL F 172 -25.90 -35.13 22.33
CA VAL F 172 -24.54 -35.60 22.57
C VAL F 172 -24.18 -35.52 24.04
N THR F 173 -24.51 -34.40 24.70
CA THR F 173 -24.26 -34.33 26.13
C THR F 173 -25.20 -35.20 26.95
N GLY F 174 -26.38 -35.54 26.43
CA GLY F 174 -27.21 -36.54 27.10
C GLY F 174 -26.61 -37.93 27.04
N VAL F 175 -26.05 -38.29 25.88
CA VAL F 175 -25.32 -39.56 25.73
C VAL F 175 -24.12 -39.60 26.68
N ILE F 176 -23.38 -38.49 26.77
CA ILE F 176 -22.19 -38.45 27.61
C ILE F 176 -22.56 -38.47 29.10
N ARG F 177 -23.68 -37.84 29.49
CA ARG F 177 -24.14 -37.93 30.87
C ARG F 177 -24.63 -39.34 31.22
N THR F 178 -25.28 -40.01 30.26
CA THR F 178 -25.69 -41.40 30.46
C THR F 178 -24.48 -42.31 30.63
N LEU F 179 -23.44 -42.11 29.82
CA LEU F 179 -22.22 -42.90 29.94
C LEU F 179 -21.47 -42.61 31.23
N GLN F 180 -21.51 -41.36 31.71
CA GLN F 180 -20.85 -41.05 32.98
C GLN F 180 -21.60 -41.66 34.15
N ARG F 181 -22.93 -41.67 34.10
CA ARG F 181 -23.71 -42.34 35.15
C ARG F 181 -23.54 -43.84 35.09
N MET F 182 -23.33 -44.41 33.91
CA MET F 182 -23.06 -45.84 33.81
C MET F 182 -21.64 -46.18 34.29
N ALA F 183 -20.70 -45.25 34.10
CA ALA F 183 -19.34 -45.46 34.60
C ALA F 183 -19.22 -45.18 36.08
N LYS F 184 -20.20 -44.51 36.69
CA LYS F 184 -20.22 -44.37 38.14
C LYS F 184 -20.69 -45.65 38.82
N GLN F 185 -21.60 -46.39 38.19
CA GLN F 185 -22.19 -47.60 38.77
C GLN F 185 -21.37 -48.85 38.47
N ASN F 186 -20.14 -48.70 37.94
CA ASN F 186 -19.25 -49.79 37.54
C ASN F 186 -19.91 -50.72 36.53
N GLU F 187 -20.69 -50.14 35.62
CA GLU F 187 -21.25 -50.87 34.49
C GLU F 187 -20.39 -50.73 33.23
N LEU F 188 -19.54 -49.72 33.19
CA LEU F 188 -18.72 -49.35 32.04
C LEU F 188 -17.33 -48.99 32.54
N PRO F 189 -16.30 -49.20 31.72
CA PRO F 189 -14.98 -48.67 32.06
C PRO F 189 -15.00 -47.14 32.08
N ALA F 190 -14.29 -46.57 33.04
CA ALA F 190 -14.31 -45.13 33.25
C ALA F 190 -13.59 -44.41 32.12
N PHE F 191 -13.85 -43.10 32.04
CA PHE F 191 -13.29 -42.29 30.97
C PHE F 191 -13.30 -40.84 31.40
N GLU F 192 -12.60 -40.01 30.63
CA GLU F 192 -12.59 -38.57 30.79
C GLU F 192 -13.36 -37.94 29.63
N TYR F 193 -13.95 -36.78 29.89
CA TYR F 193 -14.75 -36.08 28.89
C TYR F 193 -14.21 -34.67 28.74
N LEU F 194 -13.66 -34.38 27.57
CA LEU F 194 -13.16 -33.05 27.24
C LEU F 194 -14.12 -32.41 26.24
N GLU F 195 -14.27 -31.09 26.31
CA GLU F 195 -15.13 -30.40 25.37
C GLU F 195 -14.50 -29.07 24.97
N ILE F 196 -14.55 -28.77 23.67
CA ILE F 196 -14.16 -27.47 23.14
C ILE F 196 -15.22 -27.00 22.16
N ASN F 197 -15.28 -25.69 21.98
CA ASN F 197 -16.17 -25.06 21.02
C ASN F 197 -15.32 -24.13 20.16
N GLY F 198 -15.46 -24.24 18.85
CA GLY F 198 -14.64 -23.44 17.95
C GLY F 198 -15.04 -21.98 17.89
N MET F 199 -16.25 -21.64 18.32
CA MET F 199 -16.74 -20.27 18.24
C MET F 199 -16.56 -19.49 19.54
N ARG F 200 -15.77 -20.02 20.47
CA ARG F 200 -15.31 -19.24 21.61
C ARG F 200 -13.79 -19.19 21.67
N LEU F 201 -13.13 -19.58 20.59
CA LEU F 201 -11.68 -19.49 20.48
C LEU F 201 -11.34 -18.30 19.60
N THR F 202 -10.26 -17.58 19.95
CA THR F 202 -9.89 -16.41 19.18
C THR F 202 -9.13 -16.80 17.91
N GLU F 203 -8.23 -17.76 18.00
CA GLU F 203 -7.60 -18.44 16.89
C GLU F 203 -7.77 -19.92 17.12
N PRO F 204 -7.65 -20.76 16.07
CA PRO F 204 -7.81 -22.21 16.29
C PRO F 204 -6.73 -22.84 17.15
N ARG F 205 -5.52 -22.27 17.19
CA ARG F 205 -4.43 -22.84 17.98
C ARG F 205 -4.69 -22.76 19.48
N GLN F 206 -5.55 -21.83 19.92
CA GLN F 206 -5.99 -21.79 21.31
C GLN F 206 -6.80 -23.00 21.73
N ALA F 207 -7.26 -23.82 20.77
CA ALA F 207 -7.81 -25.14 21.10
C ALA F 207 -6.81 -25.96 21.90
N TYR F 208 -5.53 -25.89 21.52
CA TYR F 208 -4.47 -26.56 22.28
C TYR F 208 -4.35 -26.01 23.70
N VAL F 209 -4.68 -24.73 23.90
CA VAL F 209 -4.64 -24.18 25.24
C VAL F 209 -5.85 -24.65 26.05
N GLN F 210 -6.97 -24.96 25.39
CA GLN F 210 -8.17 -25.26 26.15
C GLN F 210 -8.25 -26.72 26.55
N ILE F 211 -7.87 -27.63 25.65
CA ILE F 211 -7.89 -29.06 25.91
C ILE F 211 -6.99 -29.39 27.10
N TYR F 212 -5.77 -28.86 27.09
CA TYR F 212 -4.86 -28.99 28.22
C TYR F 212 -5.44 -28.37 29.49
N LYS F 213 -6.23 -27.31 29.36
CA LYS F 213 -6.85 -26.71 30.53
C LYS F 213 -7.96 -27.60 31.10
N GLN F 214 -8.53 -28.48 30.29
CA GLN F 214 -9.44 -29.48 30.82
C GLN F 214 -8.74 -30.77 31.22
N LEU F 215 -7.41 -30.84 31.06
CA LEU F 215 -6.65 -32.01 31.49
C LEU F 215 -5.99 -31.80 32.84
N THR F 216 -5.26 -30.70 33.02
CA THR F 216 -4.59 -30.38 34.27
C THR F 216 -5.23 -29.23 35.02
N GLY F 217 -5.44 -28.11 34.34
CA GLY F 217 -5.97 -26.91 34.97
C GLY F 217 -5.11 -25.68 34.79
N LYS F 218 -3.89 -25.86 34.29
CA LYS F 218 -2.89 -24.76 34.16
C LYS F 218 -2.89 -24.16 32.75
N THR F 219 -2.95 -22.83 32.65
CA THR F 219 -2.94 -22.14 31.37
C THR F 219 -1.50 -21.89 30.95
N VAL F 220 -1.13 -22.39 29.78
CA VAL F 220 0.20 -22.20 29.20
C VAL F 220 0.03 -21.62 27.80
N SER F 221 1.16 -21.46 27.11
CA SER F 221 1.11 -21.04 25.72
C SER F 221 0.70 -22.21 24.83
N TRP F 222 0.42 -21.91 23.56
CA TRP F 222 -0.13 -22.96 22.69
C TRP F 222 0.95 -23.90 22.18
N GLU F 223 2.20 -23.45 22.04
CA GLU F 223 3.26 -24.35 21.60
C GLU F 223 3.66 -25.33 22.68
N GLN F 224 3.71 -24.88 23.94
CA GLN F 224 4.03 -25.79 25.04
C GLN F 224 2.89 -26.77 25.30
N ALA F 225 1.65 -26.29 25.16
CA ALA F 225 0.50 -27.18 25.31
C ALA F 225 0.43 -28.19 24.18
N HIS F 226 0.79 -27.79 22.96
CA HIS F 226 0.83 -28.73 21.84
C HIS F 226 1.92 -29.77 22.02
N ALA F 227 3.09 -29.34 22.50
CA ALA F 227 4.18 -30.28 22.77
C ALA F 227 3.82 -31.26 23.88
N LEU F 228 3.14 -30.78 24.91
CA LEU F 228 2.73 -31.67 26.00
C LEU F 228 1.62 -32.62 25.59
N LEU F 229 0.71 -32.16 24.71
CA LEU F 229 -0.33 -33.07 24.20
C LEU F 229 0.27 -34.13 23.29
N GLU F 230 1.28 -33.76 22.50
CA GLU F 230 1.94 -34.76 21.66
C GLU F 230 2.79 -35.72 22.49
N LYS F 231 3.35 -35.26 23.61
CA LYS F 231 4.02 -36.18 24.52
C LYS F 231 3.03 -37.09 25.23
N ARG F 232 1.82 -36.60 25.50
CA ARG F 232 0.84 -37.40 26.22
C ARG F 232 0.20 -38.46 25.33
N PHE F 233 -0.16 -38.11 24.10
CA PHE F 233 -1.00 -39.00 23.31
C PHE F 233 -0.22 -40.04 22.52
N THR F 234 0.90 -39.65 21.90
CA THR F 234 1.62 -40.59 21.04
C THR F 234 2.40 -41.64 21.85
N THR F 235 2.77 -41.34 23.09
CA THR F 235 3.58 -42.33 23.78
C THR F 235 2.71 -43.27 24.62
N PRO F 236 3.03 -44.57 24.63
CA PRO F 236 2.23 -45.51 25.43
C PRO F 236 2.53 -45.37 26.92
N ALA F 237 1.47 -45.36 27.72
CA ALA F 237 1.59 -45.23 29.18
C ALA F 237 0.41 -45.90 29.85
N PRO F 238 0.47 -47.22 30.06
CA PRO F 238 -0.59 -47.88 30.84
C PRO F 238 -0.40 -47.63 32.32
N ARG F 239 -1.53 -47.45 33.04
CA ARG F 239 -2.88 -47.53 32.52
C ARG F 239 -3.43 -46.18 32.04
N ARG F 240 -3.59 -46.06 30.72
CA ARG F 240 -4.19 -44.89 30.14
C ARG F 240 -5.70 -45.03 30.08
N VAL F 241 -6.40 -43.98 30.45
CA VAL F 241 -7.86 -43.97 30.44
C VAL F 241 -8.33 -43.34 29.14
N THR F 242 -9.48 -43.79 28.65
CA THR F 242 -10.04 -43.25 27.43
C THR F 242 -10.52 -41.82 27.66
N THR F 243 -10.26 -40.95 26.69
CA THR F 243 -10.68 -39.55 26.78
C THR F 243 -11.49 -39.18 25.54
N VAL F 244 -12.79 -38.95 25.75
CA VAL F 244 -13.71 -38.58 24.68
C VAL F 244 -13.67 -37.07 24.52
N LEU F 245 -13.32 -36.61 23.32
CA LEU F 245 -13.16 -35.19 23.03
C LEU F 245 -14.32 -34.74 22.15
N LEU F 246 -15.11 -33.79 22.63
CA LEU F 246 -16.21 -33.22 21.88
C LEU F 246 -15.76 -31.89 21.27
N VAL F 247 -16.00 -31.73 19.98
CA VAL F 247 -15.57 -30.56 19.22
C VAL F 247 -16.82 -29.93 18.61
N ASP F 248 -17.33 -28.87 19.24
CA ASP F 248 -18.43 -28.13 18.65
C ASP F 248 -17.89 -27.07 17.71
N GLU F 249 -18.66 -26.80 16.64
CA GLU F 249 -18.36 -25.80 15.61
C GLU F 249 -17.00 -26.06 14.97
N LEU F 250 -16.92 -27.19 14.26
CA LEU F 250 -15.68 -27.62 13.62
C LEU F 250 -15.24 -26.67 12.52
N ASP F 251 -16.19 -26.03 11.83
CA ASP F 251 -15.90 -25.19 10.67
C ASP F 251 -15.14 -23.91 11.00
N ILE F 252 -15.00 -23.56 12.28
CA ILE F 252 -14.17 -22.42 12.66
C ILE F 252 -12.71 -22.85 12.87
N LEU F 253 -12.48 -24.12 13.19
CA LEU F 253 -11.11 -24.63 13.31
C LEU F 253 -10.45 -24.86 11.94
N CYS F 254 -11.18 -24.68 10.84
CA CYS F 254 -10.64 -24.82 9.51
C CYS F 254 -10.05 -23.49 9.06
N ASN F 255 -8.76 -23.49 8.76
CA ASN F 255 -8.06 -22.31 8.25
C ASN F 255 -7.37 -22.69 6.94
N ARG F 256 -6.52 -21.78 6.46
CA ARG F 256 -5.79 -21.94 5.18
C ARG F 256 -4.87 -23.17 5.25
N ARG F 257 -4.21 -23.36 6.39
CA ARG F 257 -3.22 -24.42 6.53
C ARG F 257 -3.83 -25.74 6.97
N GLN F 258 -4.87 -25.68 7.82
CA GLN F 258 -5.61 -26.84 8.34
C GLN F 258 -4.69 -27.81 9.08
N ASP F 259 -4.02 -27.31 10.11
CA ASP F 259 -3.18 -28.13 10.95
C ASP F 259 -3.82 -28.48 12.28
N VAL F 260 -4.71 -27.61 12.79
CA VAL F 260 -5.36 -27.88 14.07
C VAL F 260 -6.36 -29.01 13.93
N VAL F 261 -7.19 -28.97 12.87
CA VAL F 261 -8.15 -30.04 12.63
C VAL F 261 -7.42 -31.32 12.22
N TYR F 262 -6.28 -31.21 11.55
CA TYR F 262 -5.50 -32.39 11.19
C TYR F 262 -4.90 -33.05 12.44
N ASN F 263 -4.44 -32.23 13.39
CA ASN F 263 -3.91 -32.77 14.63
C ASN F 263 -5.00 -33.37 15.50
N LEU F 264 -6.20 -32.78 15.47
CA LEU F 264 -7.30 -33.32 16.28
C LEU F 264 -7.83 -34.63 15.70
N LEU F 265 -7.89 -34.74 14.37
CA LEU F 265 -8.35 -35.98 13.75
C LEU F 265 -7.23 -36.97 13.50
N ASP F 266 -5.98 -36.63 13.82
CA ASP F 266 -4.84 -37.51 13.60
C ASP F 266 -4.47 -38.31 14.84
N TRP F 267 -4.63 -37.73 16.04
CA TRP F 267 -4.34 -38.46 17.27
C TRP F 267 -5.20 -39.71 17.55
N PRO F 268 -6.47 -39.83 17.13
CA PRO F 268 -7.12 -41.13 17.26
C PRO F 268 -6.55 -42.22 16.36
N THR F 269 -5.86 -41.86 15.28
CA THR F 269 -5.31 -42.86 14.37
C THR F 269 -4.05 -43.53 14.92
N LYS F 270 -3.56 -43.11 16.08
CA LYS F 270 -2.45 -43.80 16.73
C LYS F 270 -2.98 -44.82 17.73
N SER F 271 -2.14 -45.81 18.03
CA SER F 271 -2.59 -46.93 18.87
C SER F 271 -2.48 -46.59 20.35
N ALA F 272 -1.51 -45.77 20.75
CA ALA F 272 -1.30 -45.46 22.15
C ALA F 272 -2.31 -44.44 22.68
N ALA F 273 -2.93 -43.66 21.80
CA ALA F 273 -3.89 -42.62 22.19
C ALA F 273 -5.29 -43.19 22.07
N LYS F 274 -5.99 -43.28 23.20
CA LYS F 274 -7.38 -43.75 23.21
C LYS F 274 -8.32 -42.54 23.16
N LEU F 275 -8.32 -41.89 21.99
CA LEU F 275 -9.12 -40.71 21.74
C LEU F 275 -10.32 -41.10 20.87
N VAL F 276 -11.50 -40.66 21.29
CA VAL F 276 -12.74 -40.88 20.54
C VAL F 276 -13.32 -39.49 20.32
N VAL F 277 -13.12 -38.93 19.13
CA VAL F 277 -13.51 -37.54 18.86
C VAL F 277 -14.83 -37.54 18.08
N VAL F 278 -15.78 -36.71 18.53
CA VAL F 278 -17.08 -36.55 17.89
C VAL F 278 -17.22 -35.08 17.54
N THR F 279 -17.28 -34.76 16.25
CA THR F 279 -17.32 -33.39 15.77
C THR F 279 -18.73 -33.05 15.29
N ILE F 280 -19.21 -31.86 15.67
CA ILE F 280 -20.56 -31.41 15.38
C ILE F 280 -20.48 -30.23 14.42
N ALA F 281 -21.28 -30.26 13.36
CA ALA F 281 -21.25 -29.17 12.39
C ALA F 281 -22.64 -28.98 11.78
N ASN F 282 -22.77 -27.87 11.06
CA ASN F 282 -24.06 -27.50 10.47
C ASN F 282 -24.21 -28.01 9.04
N THR F 283 -23.18 -27.86 8.21
CA THR F 283 -23.28 -28.27 6.82
C THR F 283 -23.07 -29.77 6.69
N MET F 284 -23.86 -30.39 5.81
CA MET F 284 -23.77 -31.83 5.59
C MET F 284 -22.56 -32.22 4.75
N ASP F 285 -22.06 -31.28 3.93
CA ASP F 285 -20.96 -31.55 3.01
C ASP F 285 -19.67 -30.83 3.42
N LEU F 286 -19.48 -30.65 4.73
CA LEU F 286 -18.22 -30.09 5.24
C LEU F 286 -16.97 -30.91 4.92
N PRO F 287 -16.94 -32.26 4.93
CA PRO F 287 -15.69 -32.94 4.54
C PRO F 287 -15.32 -32.80 3.07
N GLU F 288 -16.25 -32.47 2.19
CA GLU F 288 -15.92 -32.33 0.77
C GLU F 288 -15.75 -30.89 0.31
N ARG F 289 -16.29 -29.92 1.04
CA ARG F 289 -16.30 -28.55 0.54
C ARG F 289 -15.01 -27.81 0.83
N LEU F 290 -14.47 -27.93 2.05
CA LEU F 290 -13.33 -27.12 2.45
C LEU F 290 -12.21 -27.89 3.13
N LEU F 291 -12.39 -29.16 3.45
CA LEU F 291 -11.31 -29.95 4.03
C LEU F 291 -10.42 -30.54 2.95
N MET F 292 -9.16 -30.76 3.29
CA MET F 292 -8.21 -31.38 2.37
C MET F 292 -8.49 -32.88 2.26
N GLY F 293 -7.70 -33.55 1.43
CA GLY F 293 -7.96 -34.96 1.14
C GLY F 293 -7.60 -35.89 2.29
N LYS F 294 -6.46 -35.63 2.94
CA LYS F 294 -6.07 -36.46 4.07
C LYS F 294 -6.96 -36.23 5.28
N VAL F 295 -7.51 -35.02 5.43
CA VAL F 295 -8.39 -34.73 6.56
C VAL F 295 -9.74 -35.41 6.39
N THR F 296 -10.30 -35.38 5.18
CA THR F 296 -11.54 -36.11 4.95
C THR F 296 -11.33 -37.61 4.82
N SER F 297 -10.09 -38.07 4.61
CA SER F 297 -9.81 -39.49 4.72
C SER F 297 -9.73 -39.93 6.17
N ARG F 298 -9.13 -39.11 7.04
CA ARG F 298 -9.05 -39.42 8.45
C ARG F 298 -10.38 -39.24 9.16
N LEU F 299 -11.27 -38.40 8.64
CA LEU F 299 -12.53 -38.10 9.30
C LEU F 299 -13.50 -39.28 9.27
N GLY F 300 -13.33 -40.21 8.35
CA GLY F 300 -14.14 -41.41 8.35
C GLY F 300 -15.42 -41.27 7.56
N LEU F 301 -16.23 -42.32 7.64
CA LEU F 301 -17.50 -42.40 6.91
C LEU F 301 -18.67 -42.76 7.80
N THR F 302 -18.51 -42.70 9.12
CA THR F 302 -19.60 -42.99 10.06
C THR F 302 -20.28 -41.68 10.44
N ARG F 303 -20.96 -41.09 9.46
CA ARG F 303 -21.60 -39.79 9.62
C ARG F 303 -22.95 -39.94 10.31
N LEU F 304 -23.55 -38.80 10.60
CA LEU F 304 -24.89 -38.75 11.16
C LEU F 304 -25.51 -37.40 10.78
N THR F 305 -26.80 -37.41 10.49
CA THR F 305 -27.50 -36.22 10.05
C THR F 305 -28.74 -36.03 10.90
N PHE F 306 -28.92 -34.83 11.41
CA PHE F 306 -30.10 -34.46 12.21
C PHE F 306 -31.05 -33.70 11.30
N GLN F 307 -32.09 -34.39 10.85
CA GLN F 307 -33.10 -33.77 10.01
C GLN F 307 -33.90 -32.75 10.82
N PRO F 308 -34.41 -31.69 10.16
CA PRO F 308 -35.17 -30.68 10.90
C PRO F 308 -36.49 -31.21 11.42
N TYR F 309 -37.04 -30.48 12.39
CA TYR F 309 -38.27 -30.90 13.02
C TYR F 309 -39.46 -30.66 12.09
N SER F 310 -40.38 -31.61 12.08
CA SER F 310 -41.58 -31.52 11.25
C SER F 310 -42.67 -30.81 12.03
N HIS F 311 -43.89 -30.83 11.48
CA HIS F 311 -45.02 -30.20 12.16
C HIS F 311 -45.44 -30.98 13.39
N LYS F 312 -45.30 -32.31 13.37
CA LYS F 312 -45.83 -33.15 14.43
C LYS F 312 -44.90 -33.26 15.62
N GLN F 313 -43.59 -33.26 15.41
CA GLN F 313 -42.65 -33.37 16.52
C GLN F 313 -42.51 -32.07 17.29
N LEU F 314 -42.63 -30.94 16.60
CA LEU F 314 -42.49 -29.63 17.21
C LEU F 314 -43.71 -29.24 18.04
N GLN F 315 -44.82 -29.96 17.89
CA GLN F 315 -45.94 -29.83 18.82
C GLN F 315 -45.72 -30.70 20.04
N GLU F 316 -45.12 -31.89 19.84
CA GLU F 316 -44.82 -32.81 20.94
C GLU F 316 -43.79 -32.23 21.89
N ILE F 317 -42.82 -31.47 21.36
CA ILE F 317 -41.81 -30.84 22.21
C ILE F 317 -42.45 -29.83 23.16
N VAL F 318 -43.31 -28.96 22.63
CA VAL F 318 -43.93 -27.92 23.45
C VAL F 318 -44.95 -28.51 24.41
N THR F 319 -45.71 -29.52 23.98
CA THR F 319 -46.66 -30.14 24.89
C THR F 319 -46.00 -31.04 25.93
N ALA F 320 -44.74 -31.45 25.72
CA ALA F 320 -44.00 -32.10 26.79
C ALA F 320 -43.33 -31.08 27.70
N ARG F 321 -43.02 -29.90 27.18
CA ARG F 321 -42.44 -28.84 28.00
C ARG F 321 -43.46 -28.27 28.98
N LEU F 322 -44.68 -28.02 28.50
CA LEU F 322 -45.71 -27.38 29.33
C LEU F 322 -46.24 -28.30 30.42
N GLY F 323 -46.23 -29.61 30.20
CA GLY F 323 -46.76 -30.52 31.19
C GLY F 323 -48.27 -30.62 31.11
N GLY F 324 -48.87 -30.97 32.25
CA GLY F 324 -50.31 -31.14 32.36
C GLY F 324 -51.11 -29.89 32.58
N SER F 325 -50.50 -28.71 32.48
CA SER F 325 -51.24 -27.46 32.70
C SER F 325 -52.14 -27.16 31.51
N GLU F 326 -53.28 -26.52 31.80
CA GLU F 326 -54.26 -26.16 30.79
C GLU F 326 -54.07 -24.72 30.28
N THR F 327 -52.87 -24.16 30.46
CA THR F 327 -52.63 -22.77 30.09
C THR F 327 -52.62 -22.57 28.59
N PHE F 328 -52.02 -23.50 27.85
CA PHE F 328 -52.00 -23.45 26.39
C PHE F 328 -53.10 -24.34 25.83
N LYS F 329 -53.90 -23.78 24.93
CA LYS F 329 -54.87 -24.59 24.21
C LYS F 329 -54.16 -25.44 23.15
N GLY F 330 -54.90 -26.41 22.61
CA GLY F 330 -54.33 -27.30 21.63
C GLY F 330 -54.05 -26.62 20.30
N GLU F 331 -54.98 -25.80 19.83
CA GLU F 331 -54.81 -25.12 18.55
C GLU F 331 -53.75 -24.03 18.62
N ALA F 332 -53.47 -23.49 19.81
CA ALA F 332 -52.38 -22.53 19.98
C ALA F 332 -51.03 -23.19 19.71
N VAL F 333 -50.76 -24.32 20.36
CA VAL F 333 -49.52 -25.05 20.14
C VAL F 333 -49.47 -25.62 18.73
N GLN F 334 -50.62 -26.02 18.17
CA GLN F 334 -50.66 -26.53 16.81
C GLN F 334 -50.32 -25.45 15.79
N LEU F 335 -50.82 -24.23 15.99
CA LEU F 335 -50.52 -23.13 15.08
C LEU F 335 -49.08 -22.68 15.22
N VAL F 336 -48.55 -22.67 16.46
CA VAL F 336 -47.15 -22.31 16.68
C VAL F 336 -46.22 -23.31 15.98
N ALA F 337 -46.50 -24.61 16.14
CA ALA F 337 -45.66 -25.63 15.53
C ALA F 337 -45.80 -25.64 14.01
N ARG F 338 -47.01 -25.38 13.50
CA ARG F 338 -47.22 -25.37 12.06
C ARG F 338 -46.56 -24.17 11.40
N LYS F 339 -46.57 -23.01 12.08
CA LYS F 339 -45.96 -21.82 11.50
C LYS F 339 -44.44 -21.82 11.65
N VAL F 340 -43.90 -22.42 12.72
CA VAL F 340 -42.46 -22.45 12.88
C VAL F 340 -41.85 -23.57 12.03
N ALA F 341 -42.48 -24.75 12.01
CA ALA F 341 -41.93 -25.90 11.27
C ALA F 341 -42.04 -25.75 9.77
N ALA F 342 -42.70 -24.72 9.26
CA ALA F 342 -42.74 -24.45 7.83
C ALA F 342 -41.69 -23.44 7.38
N VAL F 343 -41.08 -22.71 8.32
CA VAL F 343 -40.03 -21.76 7.97
C VAL F 343 -38.67 -22.44 8.02
N SER F 344 -38.29 -22.92 9.20
CA SER F 344 -36.93 -23.44 9.39
C SER F 344 -36.91 -24.84 10.00
N GLY F 345 -37.83 -25.12 10.91
CA GLY F 345 -37.75 -26.31 11.72
C GLY F 345 -36.99 -26.15 13.00
N ASP F 346 -36.67 -24.91 13.39
CA ASP F 346 -35.97 -24.63 14.64
C ASP F 346 -36.87 -24.92 15.83
N ALA F 347 -36.28 -25.41 16.92
CA ALA F 347 -37.01 -25.55 18.17
C ALA F 347 -36.92 -24.31 19.03
N ARG F 348 -35.82 -23.55 18.91
CA ARG F 348 -35.67 -22.31 19.65
C ARG F 348 -36.69 -21.26 19.22
N ARG F 349 -37.08 -21.27 17.94
CA ARG F 349 -38.08 -20.34 17.44
C ARG F 349 -39.44 -20.60 18.08
N ALA F 350 -39.83 -21.88 18.18
CA ALA F 350 -41.10 -22.22 18.81
C ALA F 350 -41.07 -21.96 20.31
N LEU F 351 -39.94 -22.28 20.97
CA LEU F 351 -39.84 -22.04 22.40
C LEU F 351 -39.67 -20.57 22.77
N ASP F 352 -39.36 -19.70 21.81
CA ASP F 352 -39.39 -18.28 22.08
C ASP F 352 -40.72 -17.64 21.70
N ILE F 353 -41.38 -18.15 20.65
CA ILE F 353 -42.70 -17.65 20.27
C ILE F 353 -43.73 -18.00 21.34
N CYS F 354 -43.61 -19.18 21.95
CA CYS F 354 -44.53 -19.53 23.03
C CYS F 354 -44.31 -18.69 24.28
N ARG F 355 -43.06 -18.34 24.57
CA ARG F 355 -42.79 -17.44 25.70
C ARG F 355 -43.30 -16.03 25.44
N ARG F 356 -43.17 -15.56 24.20
CA ARG F 356 -43.73 -14.26 23.84
C ARG F 356 -45.25 -14.27 23.90
N ALA F 357 -45.88 -15.39 23.55
CA ALA F 357 -47.33 -15.50 23.67
C ALA F 357 -47.78 -15.51 25.12
N THR F 358 -47.00 -16.16 26.00
CA THR F 358 -47.27 -16.11 27.43
C THR F 358 -47.12 -14.69 27.98
N GLU F 359 -46.09 -13.97 27.53
CA GLU F 359 -45.90 -12.58 27.95
C GLU F 359 -46.99 -11.66 27.41
N ILE F 360 -47.55 -11.98 26.24
CA ILE F 360 -48.67 -11.19 25.71
C ILE F 360 -49.92 -11.46 26.54
N ALA F 361 -50.21 -12.74 26.83
CA ALA F 361 -51.39 -13.09 27.61
C ALA F 361 -51.28 -12.68 29.08
N ASP F 362 -50.06 -12.37 29.56
CA ASP F 362 -49.93 -11.82 30.91
C ASP F 362 -50.47 -10.40 31.00
N THR F 363 -50.35 -9.62 29.93
CA THR F 363 -50.79 -8.23 29.94
C THR F 363 -52.28 -8.07 29.65
N ALA F 364 -52.96 -9.13 29.21
CA ALA F 364 -54.39 -9.07 28.96
C ALA F 364 -55.22 -9.50 30.17
N ALA F 365 -54.56 -9.71 31.33
CA ALA F 365 -55.19 -10.09 32.60
C ALA F 365 -55.97 -11.40 32.49
N VAL F 366 -55.49 -12.32 31.65
CA VAL F 366 -56.08 -13.63 31.51
C VAL F 366 -55.09 -14.67 32.03
N LYS F 367 -55.56 -15.92 32.12
CA LYS F 367 -54.74 -17.02 32.59
C LYS F 367 -54.53 -18.11 31.55
N CYS F 368 -55.16 -18.00 30.38
CA CYS F 368 -55.03 -18.99 29.32
C CYS F 368 -54.52 -18.32 28.06
N VAL F 369 -53.83 -19.08 27.22
CA VAL F 369 -53.26 -18.58 25.98
C VAL F 369 -54.18 -19.04 24.84
N THR F 370 -54.99 -18.12 24.34
CA THR F 370 -55.94 -18.42 23.27
C THR F 370 -55.24 -18.33 21.91
N MET F 371 -56.03 -18.37 20.83
CA MET F 371 -55.48 -18.26 19.49
C MET F 371 -55.03 -16.83 19.18
N LEU F 372 -55.66 -15.84 19.81
CA LEU F 372 -55.39 -14.44 19.47
C LEU F 372 -54.01 -13.99 19.94
N HIS F 373 -53.63 -14.39 21.15
CA HIS F 373 -52.29 -14.05 21.66
C HIS F 373 -51.21 -14.75 20.86
N VAL F 374 -51.48 -15.98 20.40
CA VAL F 374 -50.52 -16.71 19.58
C VAL F 374 -50.38 -16.06 18.21
N GLN F 375 -51.48 -15.60 17.62
CA GLN F 375 -51.41 -14.90 16.34
C GLN F 375 -50.70 -13.55 16.47
N GLN F 376 -50.91 -12.86 17.59
CA GLN F 376 -50.23 -11.59 17.82
C GLN F 376 -48.74 -11.79 18.03
N ALA F 377 -48.36 -12.85 18.76
CA ALA F 377 -46.94 -13.16 18.92
C ALA F 377 -46.31 -13.63 17.62
N LEU F 378 -47.07 -14.32 16.77
CA LEU F 378 -46.56 -14.71 15.46
C LEU F 378 -46.36 -13.50 14.56
N ALA F 379 -47.24 -12.51 14.67
CA ALA F 379 -47.04 -11.27 13.93
C ALA F 379 -45.86 -10.46 14.46
N GLU F 380 -45.63 -10.50 15.78
CA GLU F 380 -44.56 -9.68 16.35
C GLU F 380 -43.18 -10.29 16.16
N MET F 381 -43.04 -11.61 16.35
CA MET F 381 -41.73 -12.24 16.24
C MET F 381 -41.29 -12.34 14.78
N ILE F 382 -42.15 -12.85 13.92
CA ILE F 382 -41.88 -12.87 12.47
C ILE F 382 -42.39 -11.55 11.92
N ALA F 383 -41.55 -10.53 12.01
CA ALA F 383 -41.93 -9.16 11.72
C ALA F 383 -41.51 -8.76 10.31
N SER F 384 -42.35 -7.93 9.68
CA SER F 384 -42.09 -7.39 8.34
C SER F 384 -42.50 -5.91 8.40
N ALA F 385 -41.53 -5.05 8.70
CA ALA F 385 -41.84 -3.63 8.88
C ALA F 385 -41.10 -2.78 7.87
N LYS F 386 -41.10 -3.21 6.61
CA LYS F 386 -40.62 -2.37 5.51
C LYS F 386 -41.75 -1.75 4.72
N VAL F 387 -42.99 -1.88 5.18
CA VAL F 387 -44.10 -1.12 4.62
C VAL F 387 -44.53 -0.02 5.59
N GLN F 388 -44.50 -0.31 6.90
CA GLN F 388 -44.74 0.71 7.91
C GLN F 388 -43.64 1.76 7.91
N ALA F 389 -42.42 1.39 7.53
CA ALA F 389 -41.33 2.35 7.45
C ALA F 389 -41.52 3.31 6.27
N ILE F 390 -42.12 2.83 5.19
CA ILE F 390 -42.40 3.71 4.06
C ILE F 390 -43.65 4.54 4.33
N ARG F 391 -44.60 4.02 5.10
CA ARG F 391 -45.74 4.83 5.52
C ARG F 391 -45.33 5.91 6.51
N ASN F 392 -44.29 5.68 7.31
CA ASN F 392 -43.87 6.64 8.33
C ASN F 392 -42.71 7.52 7.89
N CYS F 393 -42.36 7.52 6.60
CA CYS F 393 -41.40 8.49 6.10
C CYS F 393 -42.07 9.84 5.87
N SER F 394 -41.28 10.84 5.52
CA SER F 394 -41.79 12.17 5.26
C SER F 394 -42.37 12.22 3.84
N ARG F 395 -42.76 13.41 3.40
CA ARG F 395 -43.39 13.54 2.09
C ARG F 395 -42.35 13.49 0.97
N MET F 396 -41.22 14.18 1.17
CA MET F 396 -40.19 14.22 0.14
C MET F 396 -39.48 12.88 0.00
N GLU F 397 -39.41 12.09 1.08
CA GLU F 397 -38.82 10.76 0.95
C GLU F 397 -39.74 9.79 0.23
N GLN F 398 -41.06 9.97 0.35
CA GLN F 398 -41.99 9.17 -0.43
C GLN F 398 -41.94 9.56 -1.91
N ILE F 399 -41.78 10.87 -2.18
CA ILE F 399 -41.59 11.33 -3.56
C ILE F 399 -40.27 10.78 -4.13
N PHE F 400 -39.23 10.73 -3.29
CA PHE F 400 -37.95 10.18 -3.71
C PHE F 400 -38.03 8.69 -4.02
N LEU F 401 -38.78 7.94 -3.20
CA LEU F 401 -38.94 6.51 -3.45
C LEU F 401 -39.77 6.25 -4.71
N GLN F 402 -40.81 7.05 -4.93
CA GLN F 402 -41.60 6.96 -6.16
C GLN F 402 -40.74 7.26 -7.39
N ALA F 403 -39.83 8.23 -7.28
CA ALA F 403 -38.99 8.57 -8.42
C ALA F 403 -37.89 7.54 -8.67
N ILE F 404 -37.35 6.91 -7.62
CA ILE F 404 -36.40 5.82 -7.83
C ILE F 404 -37.09 4.62 -8.48
N ALA F 405 -38.34 4.34 -8.07
CA ALA F 405 -39.10 3.26 -8.70
C ALA F 405 -39.43 3.59 -10.16
N ALA F 406 -39.77 4.84 -10.45
CA ALA F 406 -40.07 5.23 -11.82
C ALA F 406 -38.83 5.24 -12.71
N GLU F 407 -37.67 5.59 -12.15
CA GLU F 407 -36.43 5.57 -12.92
C GLU F 407 -35.98 4.13 -13.20
N VAL F 408 -36.18 3.23 -12.22
CA VAL F 408 -35.92 1.80 -12.42
C VAL F 408 -36.85 1.25 -13.50
N THR F 409 -38.11 1.69 -13.50
CA THR F 409 -39.06 1.28 -14.54
C THR F 409 -38.67 1.81 -15.91
N ARG F 410 -38.19 3.06 -15.96
CA ARG F 410 -37.86 3.68 -17.24
C ARG F 410 -36.60 3.09 -17.87
N THR F 411 -35.47 3.14 -17.15
CA THR F 411 -34.20 2.76 -17.75
C THR F 411 -33.88 1.28 -17.59
N GLY F 412 -34.84 0.46 -17.18
CA GLY F 412 -34.66 -0.98 -17.17
C GLY F 412 -33.78 -1.55 -16.08
N VAL F 413 -32.52 -1.10 -16.01
CA VAL F 413 -31.56 -1.66 -15.07
C VAL F 413 -31.82 -1.08 -13.68
N GLU F 414 -31.46 -1.84 -12.64
CA GLU F 414 -31.82 -1.48 -11.28
C GLU F 414 -30.89 -0.45 -10.68
N GLU F 415 -29.61 -0.47 -11.03
CA GLU F 415 -28.63 0.44 -10.45
C GLU F 415 -28.73 1.80 -11.14
N THR F 416 -29.26 2.79 -10.43
CA THR F 416 -29.51 4.10 -11.02
C THR F 416 -28.45 5.11 -10.57
N THR F 417 -28.44 6.25 -11.24
CA THR F 417 -27.59 7.37 -10.89
C THR F 417 -28.49 8.45 -10.27
N PHE F 418 -27.91 9.25 -9.37
CA PHE F 418 -28.66 10.29 -8.66
C PHE F 418 -29.18 11.39 -9.59
N MET F 419 -28.59 11.58 -10.77
CA MET F 419 -29.00 12.64 -11.67
C MET F 419 -30.38 12.35 -12.28
N GLY F 420 -30.57 11.15 -12.84
CA GLY F 420 -31.86 10.79 -13.38
C GLY F 420 -32.93 10.62 -12.31
N VAL F 421 -32.52 10.21 -11.12
CA VAL F 421 -33.42 10.15 -9.97
C VAL F 421 -33.91 11.54 -9.61
N TYR F 422 -33.02 12.53 -9.63
CA TYR F 422 -33.43 13.90 -9.32
C TYR F 422 -34.26 14.52 -10.45
N GLN F 423 -34.02 14.11 -11.70
CA GLN F 423 -34.87 14.58 -12.79
C GLN F 423 -36.29 14.04 -12.68
N GLN F 424 -36.43 12.75 -12.35
CA GLN F 424 -37.76 12.21 -12.12
C GLN F 424 -38.40 12.76 -10.85
N VAL F 425 -37.59 13.12 -9.86
CA VAL F 425 -38.05 13.84 -8.67
C VAL F 425 -38.68 15.17 -9.08
N GLU F 426 -38.00 15.90 -9.98
CA GLU F 426 -38.50 17.20 -10.42
C GLU F 426 -39.78 17.06 -11.24
N THR F 427 -39.87 16.01 -12.06
CA THR F 427 -41.08 15.75 -12.83
C THR F 427 -42.27 15.42 -11.92
N ILE F 428 -42.05 14.51 -10.95
CA ILE F 428 -43.12 14.10 -10.03
C ILE F 428 -43.54 15.26 -9.13
N ALA F 429 -42.57 16.09 -8.71
CA ALA F 429 -42.90 17.25 -7.87
C ALA F 429 -43.59 18.34 -8.66
N ALA F 430 -43.31 18.46 -9.96
CA ALA F 430 -44.07 19.37 -10.81
C ALA F 430 -45.49 18.86 -11.02
N PHE F 431 -45.66 17.53 -11.04
CA PHE F 431 -46.99 16.95 -11.17
C PHE F 431 -47.83 17.20 -9.91
N MET F 432 -47.27 16.85 -8.73
CA MET F 432 -48.02 16.96 -7.49
C MET F 432 -48.18 18.39 -7.00
N GLY F 433 -47.40 19.33 -7.51
CA GLY F 433 -47.51 20.72 -7.13
C GLY F 433 -46.55 21.19 -6.07
N VAL F 434 -46.12 20.31 -5.17
CA VAL F 434 -45.18 20.68 -4.12
C VAL F 434 -43.79 20.83 -4.72
N THR F 435 -43.10 21.91 -4.36
CA THR F 435 -41.76 22.13 -4.87
C THR F 435 -40.74 21.31 -4.08
N PHE F 436 -39.65 20.96 -4.75
CA PHE F 436 -38.67 20.09 -4.12
C PHE F 436 -37.44 20.89 -3.68
N PRO F 437 -36.78 20.47 -2.61
CA PRO F 437 -35.52 21.10 -2.19
C PRO F 437 -34.42 20.91 -3.23
N PRO F 438 -33.38 21.75 -3.19
CA PRO F 438 -32.23 21.57 -4.11
C PRO F 438 -31.46 20.30 -3.79
N PRO F 439 -30.54 19.87 -4.67
CA PRO F 439 -29.81 18.61 -4.43
C PRO F 439 -28.95 18.58 -3.18
N GLY F 440 -28.60 19.74 -2.59
CA GLY F 440 -27.93 19.75 -1.31
C GLY F 440 -28.74 19.20 -0.16
N ARG F 441 -30.07 19.18 -0.30
CA ARG F 441 -30.95 18.50 0.65
C ARG F 441 -31.43 17.15 0.14
N ALA F 442 -31.45 16.95 -1.17
CA ALA F 442 -31.78 15.63 -1.71
C ALA F 442 -30.70 14.61 -1.41
N LEU F 443 -29.44 15.06 -1.28
CA LEU F 443 -28.39 14.16 -0.79
C LEU F 443 -28.61 13.78 0.67
N ARG F 444 -29.17 14.70 1.47
CA ARG F 444 -29.49 14.37 2.85
C ARG F 444 -30.65 13.38 2.92
N LEU F 445 -31.63 13.53 2.03
CA LEU F 445 -32.73 12.55 1.95
C LEU F 445 -32.23 11.18 1.52
N CYS F 446 -31.31 11.14 0.56
CA CYS F 446 -30.73 9.87 0.11
C CYS F 446 -29.88 9.24 1.20
N SER F 447 -29.14 10.05 1.98
CA SER F 447 -28.38 9.51 3.11
C SER F 447 -29.30 9.01 4.22
N LYS F 448 -30.43 9.67 4.43
CA LYS F 448 -31.38 9.23 5.44
C LYS F 448 -32.07 7.94 5.04
N LEU F 449 -32.34 7.75 3.76
CA LEU F 449 -32.88 6.47 3.30
C LEU F 449 -31.81 5.38 3.28
N GLY F 450 -30.54 5.76 3.10
CA GLY F 450 -29.49 4.76 3.13
C GLY F 450 -29.11 4.31 4.52
N ALA F 451 -29.25 5.19 5.52
CA ALA F 451 -29.01 4.77 6.90
C ALA F 451 -30.12 3.86 7.40
N GLU F 452 -31.35 4.11 6.95
CA GLU F 452 -32.51 3.28 7.28
C GLU F 452 -32.56 1.99 6.46
N ARG F 453 -31.65 1.84 5.50
CA ARG F 453 -31.56 0.68 4.60
C ARG F 453 -32.84 0.44 3.81
N LEU F 454 -33.46 1.54 3.36
CA LEU F 454 -34.51 1.45 2.36
C LEU F 454 -33.95 1.50 0.94
N ILE F 455 -32.81 2.18 0.76
CA ILE F 455 -32.04 2.15 -0.47
C ILE F 455 -30.60 1.83 -0.11
N ILE F 456 -29.79 1.56 -1.14
CA ILE F 456 -28.38 1.26 -0.98
C ILE F 456 -27.62 2.31 -1.77
N SER F 457 -26.90 3.18 -1.07
CA SER F 457 -26.23 4.31 -1.70
C SER F 457 -24.80 4.40 -1.22
N GLU F 458 -23.99 5.15 -1.96
CA GLU F 458 -22.57 5.26 -1.69
C GLU F 458 -22.32 6.40 -0.70
N HIS F 459 -21.05 6.71 -0.48
CA HIS F 459 -20.65 7.95 0.19
C HIS F 459 -21.10 9.14 -0.64
N SER F 460 -21.47 10.22 0.04
CA SER F 460 -21.99 11.39 -0.65
C SER F 460 -20.89 12.32 -1.16
N ARG F 461 -19.63 11.89 -1.19
CA ARG F 461 -18.56 12.76 -1.66
C ARG F 461 -18.61 12.95 -3.17
N ASN F 462 -19.14 11.99 -3.91
CA ASN F 462 -19.38 12.13 -5.35
C ASN F 462 -20.86 12.43 -5.56
N ASP F 463 -21.23 13.69 -5.31
CA ASP F 463 -22.61 14.12 -5.51
C ASP F 463 -22.95 14.17 -6.98
N LEU F 464 -24.24 13.94 -7.27
CA LEU F 464 -24.85 13.92 -8.61
C LEU F 464 -24.30 12.85 -9.53
N PHE F 465 -23.50 11.92 -9.00
CA PHE F 465 -22.97 10.80 -9.76
C PHE F 465 -22.90 9.53 -8.93
N GLN F 466 -23.47 9.54 -7.73
CA GLN F 466 -23.45 8.36 -6.88
C GLN F 466 -24.50 7.36 -7.35
N LYS F 467 -24.27 6.10 -7.02
CA LYS F 467 -25.13 5.01 -7.45
C LYS F 467 -26.17 4.71 -6.39
N ILE F 468 -27.34 4.28 -6.84
CA ILE F 468 -28.49 4.03 -5.96
C ILE F 468 -29.10 2.69 -6.37
N LEU F 469 -29.19 1.77 -5.42
CA LEU F 469 -29.97 0.55 -5.56
C LEU F 469 -31.23 0.69 -4.73
N LEU F 470 -32.34 0.14 -5.23
CA LEU F 470 -33.57 0.10 -4.45
C LEU F 470 -33.55 -1.18 -3.61
N ASN F 471 -33.49 -1.02 -2.29
CA ASN F 471 -33.38 -2.18 -1.42
C ASN F 471 -34.73 -2.79 -1.09
N VAL F 472 -35.77 -1.97 -1.01
CA VAL F 472 -37.12 -2.50 -0.86
C VAL F 472 -37.69 -2.82 -2.24
N SER F 473 -38.71 -3.67 -2.27
CA SER F 473 -39.32 -4.06 -3.53
C SER F 473 -40.15 -2.92 -4.09
N ALA F 474 -40.24 -2.86 -5.42
CA ALA F 474 -40.96 -1.78 -6.09
C ALA F 474 -42.45 -1.85 -5.90
N ASP F 475 -42.98 -3.01 -5.50
CA ASP F 475 -44.40 -3.15 -5.20
C ASP F 475 -44.73 -2.78 -3.76
N ASP F 476 -43.73 -2.80 -2.87
CA ASP F 476 -43.95 -2.37 -1.49
C ASP F 476 -44.24 -0.87 -1.41
N ILE F 477 -43.61 -0.08 -2.30
CA ILE F 477 -43.87 1.35 -2.34
C ILE F 477 -45.29 1.62 -2.82
N HIS F 478 -45.75 0.88 -3.83
CA HIS F 478 -47.10 1.05 -4.33
C HIS F 478 -48.14 0.53 -3.35
N TYR F 479 -47.79 -0.47 -2.54
CA TYR F 479 -48.71 -0.92 -1.50
C TYR F 479 -48.73 0.02 -0.31
N ALA F 480 -47.61 0.71 -0.04
CA ALA F 480 -47.51 1.61 1.10
C ALA F 480 -48.04 3.00 0.81
N LEU F 481 -48.15 3.41 -0.45
CA LEU F 481 -48.60 4.75 -0.77
C LEU F 481 -49.99 4.82 -1.37
N ARG F 482 -50.44 3.80 -2.11
CA ARG F 482 -51.79 3.80 -2.63
C ARG F 482 -52.80 3.47 -1.53
N VAL F 483 -52.56 2.37 -0.82
CA VAL F 483 -53.44 1.96 0.28
C VAL F 483 -53.03 2.68 1.56
N ARG G 11 -15.70 -59.35 23.54
CA ARG G 11 -16.39 -60.58 23.95
C ARG G 11 -16.57 -61.54 22.78
N ASN G 12 -17.65 -61.35 22.02
CA ASN G 12 -17.98 -62.24 20.92
C ASN G 12 -17.17 -61.86 19.67
N LYS G 13 -17.52 -62.46 18.53
CA LYS G 13 -16.71 -62.31 17.34
C LYS G 13 -16.98 -61.01 16.60
N TYR G 14 -18.18 -60.44 16.75
CA TYR G 14 -18.50 -59.17 16.11
C TYR G 14 -17.66 -58.04 16.69
N GLN G 15 -17.62 -57.94 18.02
CA GLN G 15 -16.76 -56.97 18.67
C GLN G 15 -15.28 -57.28 18.47
N ASN G 16 -14.92 -58.54 18.25
CA ASN G 16 -13.54 -58.88 17.95
C ASN G 16 -13.13 -58.38 16.57
N ALA G 17 -14.02 -58.52 15.57
CA ALA G 17 -13.73 -57.97 14.25
C ALA G 17 -13.68 -56.45 14.29
N ARG G 18 -14.60 -55.85 15.04
CA ARG G 18 -14.62 -54.39 15.20
C ARG G 18 -13.37 -53.87 15.91
N ARG G 19 -12.80 -54.65 16.83
CA ARG G 19 -11.58 -54.23 17.51
C ARG G 19 -10.33 -54.47 16.68
N VAL G 20 -10.34 -55.51 15.84
CA VAL G 20 -9.12 -55.87 15.11
C VAL G 20 -9.02 -55.17 13.75
N LEU G 21 -10.11 -54.58 13.24
CA LEU G 21 -9.95 -53.80 12.01
C LEU G 21 -9.27 -52.45 12.30
N ASN G 22 -9.96 -51.56 13.01
CA ASN G 22 -9.43 -50.48 13.86
C ASN G 22 -8.59 -49.39 13.19
N SER G 23 -8.19 -49.56 11.93
CA SER G 23 -7.58 -48.52 11.09
C SER G 23 -6.35 -47.83 11.70
N ALA G 24 -5.54 -48.58 12.44
CA ALA G 24 -4.35 -48.00 13.07
C ALA G 24 -3.10 -48.81 12.68
N GLU G 25 -2.00 -48.51 13.37
CA GLU G 25 -0.68 -49.01 12.96
C GLU G 25 -0.54 -50.51 13.19
N THR G 26 0.09 -51.18 12.22
CA THR G 26 0.24 -52.64 12.22
C THR G 26 1.72 -53.01 12.12
N GLN G 27 1.98 -54.30 11.94
CA GLN G 27 3.31 -54.85 11.75
C GLN G 27 3.48 -55.54 10.41
N ASN G 28 2.51 -56.36 9.99
CA ASN G 28 2.57 -57.09 8.73
C ASN G 28 1.82 -56.33 7.66
N LEU G 29 2.50 -56.04 6.54
CA LEU G 29 1.94 -55.30 5.41
C LEU G 29 1.86 -56.24 4.21
N PRO G 30 0.74 -56.91 4.00
CA PRO G 30 0.67 -57.90 2.90
C PRO G 30 0.54 -57.29 1.51
N GLY G 31 0.22 -56.01 1.40
CA GLY G 31 0.10 -55.41 0.08
C GLY G 31 1.38 -54.79 -0.43
N ARG G 32 2.18 -54.20 0.46
CA ARG G 32 3.43 -53.54 0.09
C ARG G 32 4.57 -54.54 0.24
N GLU G 33 4.75 -55.36 -0.79
CA GLU G 33 5.81 -56.36 -0.81
C GLU G 33 6.99 -55.98 -1.69
N SER G 34 6.78 -55.18 -2.73
CA SER G 34 7.86 -54.73 -3.59
C SER G 34 8.35 -53.33 -3.24
N GLN G 35 7.47 -52.48 -2.71
CA GLN G 35 7.87 -51.12 -2.34
C GLN G 35 8.79 -51.14 -1.13
N LEU G 36 8.54 -52.05 -0.17
CA LEU G 36 9.42 -52.18 0.97
C LEU G 36 10.78 -52.73 0.56
N GLN G 37 10.81 -53.66 -0.41
CA GLN G 37 12.07 -54.18 -0.92
C GLN G 37 12.85 -53.10 -1.65
N GLU G 38 12.15 -52.23 -2.39
CA GLU G 38 12.81 -51.12 -3.07
C GLU G 38 13.38 -50.11 -2.08
N LEU G 39 12.65 -49.82 -1.00
CA LEU G 39 13.15 -48.93 0.03
C LEU G 39 14.34 -49.53 0.78
N ARG G 40 14.31 -50.83 1.03
CA ARG G 40 15.43 -51.48 1.71
C ARG G 40 16.67 -51.53 0.82
N GLU G 41 16.47 -51.71 -0.49
CA GLU G 41 17.59 -51.69 -1.42
C GLU G 41 18.19 -50.29 -1.55
N PHE G 42 17.34 -49.26 -1.52
CA PHE G 42 17.82 -47.87 -1.49
C PHE G 42 18.65 -47.59 -0.25
N PHE G 43 18.14 -47.99 0.92
CA PHE G 43 18.87 -47.75 2.17
C PHE G 43 20.14 -48.58 2.24
N SER G 44 20.15 -49.80 1.69
CA SER G 44 21.36 -50.62 1.73
C SER G 44 22.41 -50.09 0.77
N ASN G 45 22.01 -49.62 -0.41
CA ASN G 45 22.97 -49.05 -1.34
C ASN G 45 23.47 -47.68 -0.90
N HIS G 46 22.74 -46.97 -0.04
CA HIS G 46 23.24 -45.71 0.48
C HIS G 46 23.94 -45.86 1.84
N LEU G 47 23.82 -47.01 2.50
CA LEU G 47 24.65 -47.30 3.66
C LEU G 47 25.95 -48.01 3.30
N GLU G 48 25.97 -48.76 2.20
CA GLU G 48 27.17 -49.52 1.86
C GLU G 48 28.29 -48.61 1.36
N SER G 49 28.00 -47.75 0.40
CA SER G 49 29.01 -46.90 -0.20
C SER G 49 29.20 -45.57 0.54
N GLN G 50 28.42 -45.34 1.60
CA GLN G 50 28.57 -44.20 2.51
C GLN G 50 28.40 -42.85 1.81
N THR G 51 27.48 -42.79 0.85
CA THR G 51 27.15 -41.55 0.18
C THR G 51 25.76 -41.09 0.58
N SER G 52 25.50 -39.80 0.35
CA SER G 52 24.23 -39.17 0.68
C SER G 52 23.29 -39.23 -0.52
N GLY G 53 22.00 -39.11 -0.23
CA GLY G 53 21.00 -39.11 -1.28
C GLY G 53 19.60 -38.80 -0.75
N SER G 54 18.81 -38.10 -1.55
CA SER G 54 17.44 -37.79 -1.16
C SER G 54 16.48 -38.81 -1.73
N LEU G 55 15.24 -38.75 -1.25
CA LEU G 55 14.19 -39.64 -1.74
C LEU G 55 12.86 -38.97 -1.50
N TYR G 56 11.94 -39.12 -2.45
CA TYR G 56 10.63 -38.47 -2.39
C TYR G 56 9.55 -39.50 -2.68
N VAL G 57 8.81 -39.90 -1.65
CA VAL G 57 7.69 -40.82 -1.79
C VAL G 57 6.40 -40.03 -1.84
N SER G 58 5.52 -40.39 -2.76
CA SER G 58 4.28 -39.67 -2.96
C SER G 58 3.17 -40.64 -3.28
N GLY G 59 1.96 -40.27 -2.85
CA GLY G 59 0.82 -41.13 -3.12
C GLY G 59 -0.43 -40.59 -2.49
N GLN G 60 -1.56 -41.15 -2.93
CA GLN G 60 -2.88 -40.76 -2.46
C GLN G 60 -3.03 -41.05 -0.96
N PRO G 61 -3.83 -40.26 -0.25
CA PRO G 61 -3.98 -40.46 1.20
C PRO G 61 -4.68 -41.77 1.52
N GLY G 62 -3.96 -42.68 2.19
CA GLY G 62 -4.48 -43.96 2.59
C GLY G 62 -3.85 -45.15 1.91
N THR G 63 -2.68 -45.00 1.29
CA THR G 63 -2.08 -46.07 0.51
C THR G 63 -0.93 -46.78 1.20
N GLY G 64 -0.40 -46.24 2.30
CA GLY G 64 0.58 -46.98 3.07
C GLY G 64 1.99 -46.43 3.08
N LYS G 65 2.13 -45.11 2.98
CA LYS G 65 3.46 -44.49 2.99
C LYS G 65 4.05 -44.47 4.39
N THR G 66 3.30 -43.93 5.35
CA THR G 66 3.74 -43.85 6.73
C THR G 66 3.86 -45.24 7.36
N ALA G 67 3.06 -46.22 6.89
CA ALA G 67 3.17 -47.57 7.41
C ALA G 67 4.48 -48.23 7.00
N CYS G 68 4.87 -48.08 5.73
CA CYS G 68 6.16 -48.60 5.28
C CYS G 68 7.33 -47.88 5.96
N LEU G 69 7.28 -46.55 6.00
CA LEU G 69 8.37 -45.80 6.58
C LEU G 69 8.32 -45.71 8.10
N SER G 70 7.36 -46.38 8.75
CA SER G 70 7.42 -46.65 10.17
C SER G 70 7.75 -48.11 10.46
N LEU G 71 7.53 -49.01 9.50
CA LEU G 71 8.04 -50.36 9.62
C LEU G 71 9.55 -50.39 9.44
N LEU G 72 10.08 -49.53 8.56
CA LEU G 72 11.53 -49.49 8.37
C LEU G 72 12.24 -48.81 9.52
N LEU G 73 11.63 -47.79 10.12
CA LEU G 73 12.25 -47.04 11.21
C LEU G 73 12.25 -47.77 12.54
N ARG G 74 11.70 -48.98 12.61
CA ARG G 74 11.73 -49.79 13.82
C ARG G 74 12.52 -51.08 13.63
N ASP G 75 13.25 -51.22 12.52
CA ASP G 75 14.13 -52.36 12.34
C ASP G 75 15.36 -52.22 13.23
N PRO G 76 15.87 -53.31 13.79
CA PRO G 76 16.98 -53.20 14.76
C PRO G 76 18.34 -53.00 14.10
N ASP G 77 18.52 -53.57 12.90
CA ASP G 77 19.80 -53.45 12.21
C ASP G 77 20.04 -52.02 11.74
N PHE G 78 19.01 -51.37 11.18
CA PHE G 78 19.12 -49.95 10.84
C PHE G 78 19.18 -49.08 12.08
N SER G 79 18.61 -49.53 13.20
CA SER G 79 18.71 -48.78 14.44
C SER G 79 20.12 -48.82 15.01
N LYS G 80 20.86 -49.91 14.76
CA LYS G 80 22.24 -50.00 15.20
C LYS G 80 23.24 -49.46 14.17
N ARG G 81 22.84 -49.34 12.91
CA ARG G 81 23.73 -48.83 11.87
C ARG G 81 23.63 -47.33 11.66
N LEU G 82 22.43 -46.76 11.75
CA LEU G 82 22.24 -45.34 11.49
C LEU G 82 21.41 -44.72 12.60
N GLN G 83 21.46 -43.39 12.69
CA GLN G 83 20.61 -42.63 13.59
C GLN G 83 19.41 -42.13 12.79
N ARG G 84 18.21 -42.54 13.20
CA ARG G 84 16.99 -42.21 12.49
C ARG G 84 16.22 -41.13 13.24
N VAL G 85 15.55 -40.27 12.47
CA VAL G 85 14.74 -39.17 13.00
C VAL G 85 13.46 -39.11 12.17
N TYR G 86 12.32 -39.12 12.85
CA TYR G 86 11.02 -38.93 12.22
C TYR G 86 10.47 -37.59 12.65
N ILE G 87 10.06 -36.77 11.69
CA ILE G 87 9.52 -35.43 11.95
C ILE G 87 8.26 -35.25 11.12
N ASN G 88 7.14 -34.98 11.79
CA ASN G 88 5.91 -34.61 11.11
C ASN G 88 5.89 -33.09 10.96
N CYS G 89 5.60 -32.63 9.74
CA CYS G 89 5.74 -31.22 9.41
C CYS G 89 4.47 -30.41 9.65
N THR G 90 3.43 -31.01 10.24
CA THR G 90 2.24 -30.27 10.62
C THR G 90 2.23 -29.86 12.08
N SER G 91 3.12 -30.42 12.90
CA SER G 91 3.17 -30.11 14.31
C SER G 91 4.01 -28.88 14.64
N ILE G 92 4.79 -28.38 13.69
CA ILE G 92 5.66 -27.25 13.94
C ILE G 92 4.85 -25.96 13.99
N ALA G 93 5.45 -24.92 14.58
CA ALA G 93 4.77 -23.64 14.73
C ALA G 93 4.70 -22.89 13.41
N SER G 94 5.84 -22.67 12.79
CA SER G 94 5.90 -22.01 11.49
C SER G 94 6.89 -22.78 10.62
N VAL G 95 6.98 -22.37 9.36
CA VAL G 95 7.82 -23.08 8.39
C VAL G 95 9.29 -22.87 8.69
N GLY G 96 9.67 -21.71 9.19
CA GLY G 96 11.06 -21.44 9.51
C GLY G 96 11.55 -21.95 10.84
N ALA G 97 10.71 -22.65 11.61
CA ALA G 97 11.08 -23.11 12.94
C ALA G 97 11.49 -24.57 12.98
N VAL G 98 11.36 -25.29 11.86
CA VAL G 98 11.59 -26.74 11.81
C VAL G 98 13.03 -27.08 12.15
N TYR G 99 13.98 -26.18 11.84
CA TYR G 99 15.39 -26.35 12.19
C TYR G 99 15.57 -26.50 13.69
N LYS G 100 14.83 -25.70 14.47
CA LYS G 100 14.86 -25.81 15.92
C LYS G 100 14.43 -27.19 16.37
N LYS G 101 13.39 -27.74 15.72
CA LYS G 101 12.92 -29.08 16.03
C LYS G 101 13.98 -30.13 15.72
N LEU G 102 14.80 -29.89 14.66
CA LEU G 102 15.90 -30.79 14.35
C LEU G 102 16.88 -30.88 15.51
N CYS G 103 17.16 -29.74 16.17
CA CYS G 103 18.05 -29.78 17.33
C CYS G 103 17.41 -30.58 18.46
N THR G 104 16.09 -30.45 18.61
CA THR G 104 15.38 -31.22 19.63
C THR G 104 15.38 -32.70 19.27
N GLU G 105 15.50 -33.02 17.98
CA GLU G 105 15.60 -34.41 17.58
C GLU G 105 17.03 -34.91 17.54
N LEU G 106 18.03 -34.04 17.72
CA LEU G 106 19.42 -34.48 17.65
C LEU G 106 20.21 -34.24 18.93
N GLN G 107 19.59 -33.59 19.94
CA GLN G 107 20.23 -33.22 21.21
C GLN G 107 21.50 -32.39 20.98
N LEU G 108 21.36 -31.35 20.17
CA LEU G 108 22.46 -30.44 19.89
C LEU G 108 22.46 -29.29 20.90
N LYS G 109 23.51 -28.48 20.85
CA LYS G 109 23.69 -27.35 21.76
C LYS G 109 23.82 -26.07 20.94
N VAL G 110 22.79 -25.22 21.00
CA VAL G 110 22.73 -23.98 20.25
C VAL G 110 22.67 -22.84 21.27
N SER G 111 23.20 -21.67 20.89
CA SER G 111 23.05 -20.48 21.73
C SER G 111 21.59 -20.06 21.86
N GLY G 112 20.82 -20.19 20.78
CA GLY G 112 19.37 -20.10 20.85
C GLY G 112 18.84 -18.75 20.41
N ARG G 113 17.51 -18.69 20.44
CA ARG G 113 16.67 -17.50 20.22
C ARG G 113 16.78 -16.93 18.80
N THR G 114 17.36 -17.67 17.86
CA THR G 114 17.36 -17.29 16.45
C THR G 114 17.48 -18.55 15.61
N GLU G 115 16.82 -18.55 14.46
CA GLU G 115 16.78 -19.72 13.60
C GLU G 115 18.06 -19.92 12.82
N ARG G 116 18.81 -18.84 12.56
CA ARG G 116 20.06 -18.97 11.81
C ARG G 116 21.12 -19.71 12.62
N ASP G 117 21.14 -19.54 13.94
CA ASP G 117 22.07 -20.31 14.77
C ASP G 117 21.68 -21.77 14.83
N HIS G 118 20.37 -22.07 14.78
CA HIS G 118 19.92 -23.45 14.66
C HIS G 118 20.37 -24.06 13.33
N LEU G 119 20.28 -23.29 12.26
CA LEU G 119 20.69 -23.78 10.94
C LEU G 119 22.20 -24.02 10.87
N GLU G 120 22.99 -23.10 11.44
CA GLU G 120 24.43 -23.31 11.48
C GLU G 120 24.81 -24.46 12.41
N ALA G 121 24.03 -24.72 13.46
CA ALA G 121 24.31 -25.86 14.33
C ALA G 121 24.03 -27.18 13.62
N ILE G 122 22.95 -27.24 12.83
CA ILE G 122 22.68 -28.43 12.03
C ILE G 122 23.76 -28.63 10.97
N GLN G 123 24.19 -27.54 10.33
CA GLN G 123 25.23 -27.64 9.30
C GLN G 123 26.58 -28.00 9.89
N ARG G 124 26.85 -27.63 11.15
CA ARG G 124 28.06 -28.09 11.81
C ARG G 124 27.96 -29.55 12.23
N HIS G 125 26.76 -30.00 12.61
CA HIS G 125 26.61 -31.39 13.04
C HIS G 125 26.65 -32.36 11.87
N LEU G 126 26.19 -31.93 10.69
CA LEU G 126 26.17 -32.84 9.54
C LEU G 126 27.56 -33.14 9.00
N LYS G 127 28.51 -32.22 9.18
CA LYS G 127 29.85 -32.44 8.64
C LYS G 127 30.71 -33.31 9.54
N THR G 128 30.46 -33.30 10.85
CA THR G 128 31.31 -33.99 11.81
C THR G 128 30.59 -35.13 12.52
N ALA G 129 29.55 -35.69 11.91
CA ALA G 129 28.81 -36.76 12.54
C ALA G 129 29.58 -38.08 12.49
N LYS G 130 29.32 -38.93 13.48
CA LYS G 130 29.93 -40.25 13.53
C LYS G 130 29.05 -41.34 12.95
N ARG G 131 27.73 -41.09 12.87
CA ARG G 131 26.78 -42.05 12.32
C ARG G 131 26.01 -41.39 11.19
N MET G 132 25.55 -42.22 10.25
CA MET G 132 24.73 -41.73 9.14
C MET G 132 23.35 -41.34 9.66
N LEU G 133 22.87 -40.17 9.25
CA LEU G 133 21.60 -39.63 9.72
C LEU G 133 20.52 -39.86 8.67
N LEU G 134 19.46 -40.55 9.05
CA LEU G 134 18.26 -40.69 8.23
C LEU G 134 17.21 -39.74 8.77
N LEU G 135 16.66 -38.91 7.88
CA LEU G 135 15.67 -37.91 8.27
C LEU G 135 14.41 -38.12 7.45
N VAL G 136 13.31 -38.45 8.11
CA VAL G 136 12.02 -38.65 7.46
C VAL G 136 11.16 -37.44 7.75
N LEU G 137 10.70 -36.77 6.70
CA LEU G 137 9.84 -35.60 6.82
C LEU G 137 8.46 -35.98 6.28
N ASP G 138 7.50 -36.12 7.18
CA ASP G 138 6.14 -36.51 6.80
C ASP G 138 5.31 -35.28 6.55
N GLU G 139 4.46 -35.36 5.51
CA GLU G 139 3.62 -34.28 5.01
C GLU G 139 4.45 -33.02 4.72
N ILE G 140 5.35 -33.16 3.74
CA ILE G 140 6.30 -32.09 3.44
C ILE G 140 5.66 -30.94 2.68
N ASP G 141 4.43 -31.12 2.19
CA ASP G 141 3.71 -30.04 1.52
C ASP G 141 3.25 -28.93 2.48
N GLN G 142 3.42 -29.12 3.79
CA GLN G 142 3.25 -28.04 4.75
C GLN G 142 4.47 -27.13 4.81
N LEU G 143 5.61 -27.55 4.26
CA LEU G 143 6.81 -26.73 4.21
C LEU G 143 6.88 -25.84 2.98
N CYS G 144 5.89 -25.91 2.10
CA CYS G 144 5.88 -25.09 0.89
C CYS G 144 5.45 -23.67 1.22
N THR G 145 6.19 -22.70 0.68
CA THR G 145 5.93 -21.28 0.92
C THR G 145 6.10 -20.56 -0.42
N SER G 146 6.24 -19.23 -0.37
CA SER G 146 6.32 -18.43 -1.58
C SER G 146 7.65 -18.65 -2.29
N ARG G 147 8.77 -18.36 -1.62
CA ARG G 147 10.08 -18.53 -2.21
C ARG G 147 10.72 -19.85 -1.85
N GLN G 148 10.27 -20.49 -0.77
CA GLN G 148 10.70 -21.82 -0.31
C GLN G 148 12.20 -21.88 -0.03
N GLU G 149 12.63 -21.06 0.94
CA GLU G 149 14.02 -21.14 1.35
C GLU G 149 14.27 -22.35 2.24
N VAL G 150 13.26 -22.79 2.99
CA VAL G 150 13.43 -23.88 3.93
C VAL G 150 13.50 -25.22 3.21
N LEU G 151 12.65 -25.44 2.22
CA LEU G 151 12.67 -26.70 1.48
C LEU G 151 13.90 -26.81 0.60
N TYR G 152 14.35 -25.70 0.01
CA TYR G 152 15.57 -25.73 -0.79
C TYR G 152 16.81 -25.84 0.10
N THR G 153 16.75 -25.34 1.33
CA THR G 153 17.86 -25.53 2.25
C THR G 153 17.92 -26.98 2.73
N ILE G 154 16.76 -27.60 2.98
CA ILE G 154 16.71 -28.95 3.50
C ILE G 154 17.12 -29.96 2.43
N PHE G 155 16.62 -29.79 1.21
CA PHE G 155 16.94 -30.73 0.14
C PHE G 155 18.32 -30.51 -0.48
N GLU G 156 19.13 -29.61 0.05
CA GLU G 156 20.48 -29.36 -0.45
C GLU G 156 21.55 -30.04 0.41
N TRP G 157 21.21 -30.45 1.62
CA TRP G 157 22.18 -31.07 2.53
C TRP G 157 22.86 -32.36 2.04
N PRO G 158 22.29 -33.18 1.15
CA PRO G 158 23.13 -34.20 0.50
C PRO G 158 24.27 -33.65 -0.34
N ALA G 159 24.14 -32.44 -0.91
CA ALA G 159 25.21 -31.86 -1.68
C ALA G 159 26.24 -31.14 -0.83
N LEU G 160 26.04 -31.07 0.48
CA LEU G 160 27.00 -30.44 1.37
C LEU G 160 28.28 -31.26 1.43
N PRO G 161 29.46 -30.62 1.46
CA PRO G 161 30.71 -31.38 1.48
C PRO G 161 30.96 -32.04 2.82
N GLY G 162 31.23 -33.34 2.79
CA GLY G 162 31.50 -34.10 3.98
C GLY G 162 30.28 -34.56 4.75
N SER G 163 29.09 -34.36 4.22
CA SER G 163 27.87 -34.75 4.92
C SER G 163 27.53 -36.21 4.66
N ARG G 164 26.65 -36.75 5.50
CA ARG G 164 26.18 -38.13 5.36
C ARG G 164 24.67 -38.25 5.53
N ILE G 165 23.94 -37.14 5.50
CA ILE G 165 22.50 -37.17 5.74
C ILE G 165 21.79 -37.71 4.51
N LEU G 166 20.83 -38.60 4.73
CA LEU G 166 19.89 -39.02 3.70
C LEU G 166 18.47 -38.82 4.21
N LEU G 167 17.61 -38.26 3.37
CA LEU G 167 16.30 -37.83 3.81
C LEU G 167 15.22 -38.33 2.86
N VAL G 168 14.05 -38.59 3.43
CA VAL G 168 12.89 -39.11 2.72
C VAL G 168 11.73 -38.17 2.98
N GLY G 169 11.17 -37.60 1.90
CA GLY G 169 10.02 -36.74 2.03
C GLY G 169 8.73 -37.41 1.60
N ILE G 170 7.73 -37.43 2.48
CA ILE G 170 6.46 -38.08 2.23
C ILE G 170 5.44 -37.04 1.82
N ALA G 171 4.73 -37.26 0.71
CA ALA G 171 3.76 -36.28 0.27
C ALA G 171 2.66 -36.94 -0.57
N ASN G 172 1.63 -36.14 -0.85
CA ASN G 172 0.50 -36.60 -1.65
C ASN G 172 0.60 -36.16 -3.10
N SER G 173 1.24 -35.02 -3.37
CA SER G 173 1.30 -34.49 -4.72
C SER G 173 2.32 -35.28 -5.56
N LEU G 174 1.90 -35.64 -6.78
CA LEU G 174 2.79 -36.36 -7.68
C LEU G 174 3.89 -35.46 -8.22
N ASP G 175 3.60 -34.18 -8.42
CA ASP G 175 4.51 -33.25 -9.06
C ASP G 175 4.88 -32.09 -8.13
N LEU G 176 5.10 -32.38 -6.85
CA LEU G 176 5.56 -31.34 -5.94
C LEU G 176 7.02 -30.99 -6.20
N THR G 177 7.86 -32.00 -6.43
CA THR G 177 9.28 -31.75 -6.67
C THR G 177 9.57 -31.25 -8.08
N ASP G 178 8.57 -31.26 -8.98
CA ASP G 178 8.74 -30.73 -10.32
C ASP G 178 8.13 -29.34 -10.48
N ARG G 179 7.28 -28.92 -9.56
CA ARG G 179 6.68 -27.59 -9.58
C ARG G 179 7.29 -26.66 -8.53
N ALA G 180 7.47 -27.15 -7.30
CA ALA G 180 7.97 -26.35 -6.21
C ALA G 180 9.44 -26.59 -5.90
N LEU G 181 10.10 -27.50 -6.63
CA LEU G 181 11.52 -27.79 -6.46
C LEU G 181 12.21 -27.86 -7.81
N MET G 182 11.98 -26.81 -8.63
CA MET G 182 12.45 -26.83 -10.02
C MET G 182 13.97 -26.69 -10.11
N ARG G 183 14.57 -25.88 -9.22
CA ARG G 183 16.00 -25.58 -9.29
C ARG G 183 16.86 -26.81 -9.07
N LEU G 184 16.35 -27.78 -8.30
CA LEU G 184 17.05 -29.05 -8.09
C LEU G 184 17.15 -29.90 -9.36
N ASN G 185 16.36 -29.60 -10.39
CA ASN G 185 16.56 -30.25 -11.68
C ASN G 185 17.83 -29.77 -12.38
N ALA G 186 18.36 -28.60 -11.99
CA ALA G 186 19.54 -28.06 -12.64
C ALA G 186 20.84 -28.71 -12.20
N ARG G 187 20.80 -29.64 -11.24
CA ARG G 187 21.98 -30.35 -10.76
C ARG G 187 21.62 -31.82 -10.64
N CYS G 188 22.41 -32.69 -11.30
CA CYS G 188 22.10 -34.11 -11.30
C CYS G 188 22.41 -34.78 -9.97
N GLU G 189 23.22 -34.16 -9.12
CA GLU G 189 23.46 -34.70 -7.78
C GLU G 189 22.28 -34.41 -6.85
N LEU G 190 21.55 -33.32 -7.09
CA LEU G 190 20.58 -32.81 -6.14
C LEU G 190 19.14 -33.21 -6.43
N LYS G 191 18.87 -33.91 -7.54
CA LYS G 191 17.51 -34.31 -7.84
C LYS G 191 17.11 -35.48 -6.94
N PRO G 192 16.01 -35.38 -6.19
CA PRO G 192 15.59 -36.51 -5.36
C PRO G 192 14.96 -37.62 -6.19
N ARG G 193 15.30 -38.86 -5.84
CA ARG G 193 14.75 -40.01 -6.54
C ARG G 193 13.28 -40.18 -6.17
N LEU G 194 12.45 -40.44 -7.17
CA LEU G 194 11.01 -40.49 -6.97
C LEU G 194 10.55 -41.90 -6.61
N MET G 195 9.41 -41.97 -5.92
CA MET G 195 8.75 -43.25 -5.67
C MET G 195 7.27 -42.96 -5.47
N HIS G 196 6.45 -43.47 -6.38
CA HIS G 196 5.00 -43.27 -6.33
C HIS G 196 4.34 -44.55 -5.84
N PHE G 197 3.67 -44.46 -4.69
CA PHE G 197 2.91 -45.59 -4.17
C PHE G 197 1.59 -45.66 -4.92
N PRO G 198 1.33 -46.73 -5.67
CA PRO G 198 0.10 -46.79 -6.47
C PRO G 198 -1.09 -47.06 -5.59
N PRO G 199 -2.30 -46.69 -6.02
CA PRO G 199 -3.50 -47.02 -5.25
C PRO G 199 -3.78 -48.52 -5.25
N TYR G 200 -4.48 -48.96 -4.22
CA TYR G 200 -4.74 -50.38 -4.04
C TYR G 200 -5.76 -50.87 -5.06
N SER G 201 -5.54 -52.10 -5.54
CA SER G 201 -6.48 -52.76 -6.43
C SER G 201 -7.51 -53.51 -5.59
N LYS G 202 -8.31 -54.36 -6.23
CA LYS G 202 -9.32 -55.13 -5.51
C LYS G 202 -8.70 -56.26 -4.72
N GLN G 203 -7.80 -57.03 -5.36
CA GLN G 203 -7.22 -58.20 -4.72
C GLN G 203 -6.28 -57.82 -3.57
N GLN G 204 -5.66 -56.64 -3.64
CA GLN G 204 -4.81 -56.21 -2.53
C GLN G 204 -5.64 -55.81 -1.31
N ILE G 205 -6.82 -55.22 -1.53
CA ILE G 205 -7.73 -54.93 -0.41
C ILE G 205 -8.29 -56.22 0.16
N VAL G 206 -8.56 -57.21 -0.71
CA VAL G 206 -9.01 -58.53 -0.26
C VAL G 206 -7.93 -59.21 0.58
N GLU G 207 -6.67 -59.09 0.16
CA GLU G 207 -5.56 -59.68 0.92
C GLU G 207 -5.34 -58.96 2.24
N ILE G 208 -5.54 -57.64 2.28
CA ILE G 208 -5.46 -56.89 3.52
C ILE G 208 -6.55 -57.33 4.50
N PHE G 209 -7.76 -57.57 3.99
CA PHE G 209 -8.84 -58.08 4.83
C PHE G 209 -8.56 -59.50 5.29
N LYS G 210 -7.99 -60.34 4.42
CA LYS G 210 -7.65 -61.72 4.79
C LYS G 210 -6.52 -61.77 5.81
N SER G 211 -5.64 -60.77 5.84
CA SER G 211 -4.62 -60.72 6.89
C SER G 211 -5.22 -60.23 8.20
N ARG G 212 -6.00 -59.13 8.15
CA ARG G 212 -6.53 -58.51 9.35
C ARG G 212 -7.58 -59.39 10.03
N LEU G 213 -8.32 -60.19 9.28
CA LEU G 213 -9.33 -61.04 9.91
C LEU G 213 -8.72 -62.33 10.45
N ALA G 214 -7.85 -62.98 9.69
CA ALA G 214 -7.22 -64.21 10.14
C ALA G 214 -6.08 -63.99 11.12
N GLU G 215 -5.71 -62.73 11.39
CA GLU G 215 -4.74 -62.47 12.46
C GLU G 215 -5.34 -62.79 13.82
N ALA G 216 -6.62 -62.50 14.03
CA ALA G 216 -7.29 -62.74 15.30
C ALA G 216 -8.33 -63.86 15.22
N GLU G 217 -8.32 -64.65 14.14
CA GLU G 217 -9.16 -65.82 13.93
C GLU G 217 -10.64 -65.45 13.93
N VAL G 218 -10.97 -64.39 13.18
CA VAL G 218 -12.35 -63.89 13.09
C VAL G 218 -12.74 -64.07 11.62
N LEU G 219 -12.23 -65.14 11.00
CA LEU G 219 -12.49 -65.37 9.59
C LEU G 219 -13.94 -65.78 9.30
N ASP G 220 -14.67 -66.27 10.29
CA ASP G 220 -15.99 -66.84 10.04
C ASP G 220 -17.08 -65.79 9.83
N VAL G 221 -16.86 -64.55 10.27
CA VAL G 221 -17.92 -63.55 10.14
C VAL G 221 -18.02 -63.02 8.71
N PHE G 222 -16.91 -63.01 7.97
CA PHE G 222 -16.89 -62.49 6.61
C PHE G 222 -16.71 -63.62 5.61
N PRO G 223 -17.72 -63.99 4.84
CA PRO G 223 -17.51 -64.85 3.67
C PRO G 223 -16.83 -64.07 2.55
N PRO G 224 -16.26 -64.75 1.55
CA PRO G 224 -15.54 -64.01 0.50
C PRO G 224 -16.42 -63.20 -0.45
N VAL G 225 -17.73 -63.44 -0.49
CA VAL G 225 -18.57 -62.76 -1.47
C VAL G 225 -18.79 -61.29 -1.09
N THR G 226 -19.12 -61.05 0.19
CA THR G 226 -19.26 -59.68 0.66
C THR G 226 -17.94 -58.92 0.63
N LEU G 227 -16.82 -59.60 0.86
CA LEU G 227 -15.52 -58.93 0.79
C LEU G 227 -15.15 -58.61 -0.66
N GLN G 228 -15.53 -59.48 -1.60
CA GLN G 228 -15.28 -59.21 -3.01
C GLN G 228 -16.11 -58.04 -3.50
N LEU G 229 -17.39 -57.97 -3.09
CA LEU G 229 -18.24 -56.83 -3.48
C LEU G 229 -17.74 -55.53 -2.86
N LEU G 230 -17.35 -55.57 -1.57
CA LEU G 230 -16.86 -54.39 -0.88
C LEU G 230 -15.56 -53.89 -1.50
N ALA G 231 -14.64 -54.80 -1.82
CA ALA G 231 -13.38 -54.40 -2.43
C ALA G 231 -13.58 -53.89 -3.85
N ALA G 232 -14.50 -54.51 -4.60
CA ALA G 232 -14.76 -54.08 -5.97
C ALA G 232 -15.42 -52.72 -6.02
N LYS G 233 -16.16 -52.34 -4.97
CA LYS G 233 -16.66 -50.96 -4.94
C LYS G 233 -15.59 -49.98 -4.46
N VAL G 234 -14.90 -50.30 -3.36
CA VAL G 234 -14.01 -49.34 -2.71
C VAL G 234 -12.76 -49.08 -3.55
N SER G 235 -12.14 -50.13 -4.11
CA SER G 235 -10.95 -49.95 -4.95
C SER G 235 -11.27 -49.24 -6.26
N ALA G 236 -12.52 -49.22 -6.68
CA ALA G 236 -12.93 -48.47 -7.86
C ALA G 236 -13.25 -47.02 -7.54
N ILE G 237 -13.90 -46.75 -6.40
CA ILE G 237 -14.30 -45.37 -6.08
C ILE G 237 -13.09 -44.54 -5.68
N SER G 238 -12.38 -44.97 -4.63
CA SER G 238 -11.28 -44.16 -4.11
C SER G 238 -9.95 -44.89 -4.06
N GLY G 239 -9.95 -46.17 -3.70
CA GLY G 239 -8.74 -46.97 -3.73
C GLY G 239 -7.93 -47.00 -2.46
N ASP G 240 -8.22 -46.13 -1.50
CA ASP G 240 -7.46 -46.15 -0.25
C ASP G 240 -8.06 -47.17 0.73
N VAL G 241 -7.22 -47.60 1.67
CA VAL G 241 -7.59 -48.70 2.56
C VAL G 241 -8.23 -48.20 3.85
N ARG G 242 -8.13 -46.90 4.15
CA ARG G 242 -8.82 -46.35 5.32
C ARG G 242 -10.33 -46.43 5.16
N ARG G 243 -10.85 -46.07 3.98
CA ARG G 243 -12.28 -46.18 3.73
C ARG G 243 -12.72 -47.64 3.65
N ALA G 244 -11.85 -48.52 3.16
CA ALA G 244 -12.17 -49.94 3.10
C ALA G 244 -12.32 -50.53 4.50
N LEU G 245 -11.37 -50.23 5.39
CA LEU G 245 -11.47 -50.70 6.77
C LEU G 245 -12.62 -50.03 7.51
N ASP G 246 -12.94 -48.77 7.19
CA ASP G 246 -14.03 -48.08 7.87
C ASP G 246 -15.38 -48.67 7.47
N ILE G 247 -15.57 -48.99 6.20
CA ILE G 247 -16.83 -49.62 5.78
C ILE G 247 -16.89 -51.06 6.28
N GLY G 248 -15.74 -51.77 6.29
CA GLY G 248 -15.73 -53.13 6.83
C GLY G 248 -15.99 -53.19 8.31
N ARG G 249 -15.70 -52.12 9.04
CA ARG G 249 -16.08 -52.01 10.45
C ARG G 249 -17.52 -51.55 10.62
N ARG G 250 -18.01 -50.68 9.72
CA ARG G 250 -19.38 -50.18 9.81
C ARG G 250 -20.40 -51.26 9.50
N VAL G 251 -20.04 -52.23 8.64
CA VAL G 251 -20.93 -53.35 8.36
C VAL G 251 -21.16 -54.20 9.61
N VAL G 252 -20.09 -54.47 10.37
CA VAL G 252 -20.22 -55.24 11.61
C VAL G 252 -20.93 -54.43 12.68
N GLU G 253 -20.65 -53.12 12.74
CA GLU G 253 -21.28 -52.25 13.72
C GLU G 253 -22.78 -52.05 13.44
N ILE G 254 -23.20 -52.22 12.20
CA ILE G 254 -24.62 -52.18 11.85
C ILE G 254 -25.28 -53.54 12.07
N ALA G 255 -24.58 -54.62 11.72
CA ALA G 255 -25.16 -55.96 11.84
C ALA G 255 -25.30 -56.40 13.30
N GLU G 256 -24.44 -55.92 14.19
CA GLU G 256 -24.59 -56.23 15.61
C GLU G 256 -25.83 -55.58 16.19
N GLN G 257 -26.11 -54.33 15.80
CA GLN G 257 -27.31 -53.66 16.30
C GLN G 257 -28.57 -54.19 15.62
N GLN G 258 -28.44 -54.64 14.37
CA GLN G 258 -29.62 -55.11 13.63
C GLN G 258 -30.02 -56.52 14.07
N LYS G 259 -29.07 -57.46 14.08
CA LYS G 259 -29.39 -58.83 14.45
C LYS G 259 -29.55 -58.98 15.96
N ARG G 260 -28.84 -58.20 16.75
CA ARG G 260 -28.93 -58.28 18.21
C ARG G 260 -29.15 -56.90 18.81
N LEU G 288 -24.26 -66.70 16.48
CA LEU G 288 -23.58 -65.95 15.44
C LEU G 288 -24.37 -66.04 14.14
N LYS G 289 -24.38 -64.95 13.38
CA LYS G 289 -25.01 -64.90 12.06
C LYS G 289 -24.10 -64.12 11.13
N PRO G 290 -23.50 -64.75 10.12
CA PRO G 290 -22.62 -64.02 9.21
C PRO G 290 -23.40 -63.08 8.31
N VAL G 291 -22.71 -62.02 7.84
CA VAL G 291 -23.36 -61.01 7.04
C VAL G 291 -23.60 -61.52 5.62
N GLN G 292 -24.64 -60.97 4.98
CA GLN G 292 -24.99 -61.34 3.62
C GLN G 292 -24.54 -60.25 2.64
N VAL G 293 -24.91 -60.43 1.37
CA VAL G 293 -24.64 -59.44 0.35
C VAL G 293 -25.56 -58.23 0.50
N THR G 294 -26.74 -58.42 1.08
CA THR G 294 -27.71 -57.33 1.18
C THR G 294 -27.26 -56.28 2.19
N GLN G 295 -26.60 -56.71 3.27
CA GLN G 295 -26.17 -55.75 4.29
C GLN G 295 -25.02 -54.88 3.78
N VAL G 296 -24.03 -55.49 3.13
CA VAL G 296 -22.92 -54.72 2.59
C VAL G 296 -23.38 -53.86 1.42
N ALA G 297 -24.39 -54.33 0.66
CA ALA G 297 -24.94 -53.51 -0.42
C ALA G 297 -25.69 -52.30 0.13
N ALA G 298 -26.42 -52.48 1.23
CA ALA G 298 -27.12 -51.37 1.88
C ALA G 298 -26.14 -50.36 2.45
N VAL G 299 -25.05 -50.84 3.05
CA VAL G 299 -24.05 -49.93 3.60
C VAL G 299 -23.35 -49.15 2.50
N LEU G 300 -23.00 -49.81 1.39
CA LEU G 300 -22.31 -49.11 0.30
C LEU G 300 -23.23 -48.13 -0.43
N ASN G 301 -24.51 -48.47 -0.63
CA ASN G 301 -25.36 -47.46 -1.23
C ASN G 301 -25.84 -46.41 -0.24
N LYS G 302 -25.62 -46.60 1.06
CA LYS G 302 -25.86 -45.52 2.00
C LYS G 302 -24.69 -44.55 2.03
N VAL G 303 -23.45 -45.06 1.98
CA VAL G 303 -22.31 -44.15 2.06
C VAL G 303 -21.97 -43.58 0.69
N TYR G 304 -22.20 -44.33 -0.38
CA TYR G 304 -21.89 -43.88 -1.73
C TYR G 304 -23.15 -43.73 -2.57
N PHE G 318 -38.45 -31.42 3.80
CA PHE G 318 -38.31 -29.99 3.51
C PHE G 318 -39.43 -29.18 4.13
N PRO G 319 -39.12 -27.98 4.60
CA PRO G 319 -40.16 -27.03 4.99
C PRO G 319 -40.87 -26.48 3.77
N LEU G 320 -41.94 -25.71 4.02
CA LEU G 320 -42.76 -25.21 2.92
C LEU G 320 -42.10 -24.05 2.20
N GLN G 321 -41.53 -23.09 2.95
CA GLN G 321 -40.93 -21.92 2.33
C GLN G 321 -39.64 -22.27 1.59
N GLN G 322 -38.91 -23.28 2.06
CA GLN G 322 -37.73 -23.73 1.35
C GLN G 322 -38.10 -24.46 0.07
N LYS G 323 -39.20 -25.21 0.08
CA LYS G 323 -39.72 -25.82 -1.14
C LYS G 323 -40.14 -24.76 -2.15
N LEU G 324 -40.77 -23.68 -1.67
CA LEU G 324 -41.18 -22.61 -2.57
C LEU G 324 -39.98 -21.85 -3.13
N MET G 325 -38.94 -21.67 -2.32
CA MET G 325 -37.72 -21.01 -2.80
C MET G 325 -37.03 -21.86 -3.87
N LEU G 326 -36.95 -23.17 -3.65
CA LEU G 326 -36.36 -24.05 -4.66
C LEU G 326 -37.21 -24.09 -5.93
N CYS G 327 -38.53 -24.02 -5.80
CA CYS G 327 -39.42 -24.00 -6.95
C CYS G 327 -39.21 -22.75 -7.79
N THR G 328 -39.14 -21.57 -7.15
CA THR G 328 -38.91 -20.34 -7.90
C THR G 328 -37.50 -20.27 -8.47
N LEU G 329 -36.52 -20.90 -7.82
CA LEU G 329 -35.17 -20.91 -8.39
C LEU G 329 -35.11 -21.80 -9.62
N VAL G 330 -35.77 -22.95 -9.59
CA VAL G 330 -35.82 -23.83 -10.77
C VAL G 330 -36.60 -23.17 -11.90
N LEU G 331 -37.66 -22.43 -11.56
CA LEU G 331 -38.42 -21.68 -12.56
C LEU G 331 -37.58 -20.57 -13.20
N MET G 332 -36.82 -19.83 -12.37
CA MET G 332 -35.98 -18.77 -12.91
C MET G 332 -34.79 -19.31 -13.70
N LEU G 333 -34.33 -20.51 -13.39
CA LEU G 333 -33.26 -21.10 -14.18
C LEU G 333 -33.76 -21.79 -15.43
N ARG G 334 -35.05 -22.14 -15.48
CA ARG G 334 -35.62 -22.64 -16.72
C ARG G 334 -35.95 -21.51 -17.69
N ASN G 335 -36.71 -20.51 -17.22
CA ASN G 335 -37.26 -19.50 -18.11
C ASN G 335 -36.38 -18.26 -18.27
N GLU G 336 -35.06 -18.39 -18.06
CA GLU G 336 -34.16 -17.28 -18.24
C GLU G 336 -32.77 -17.82 -18.58
N ARG G 337 -32.13 -17.20 -19.58
CA ARG G 337 -30.90 -17.75 -20.14
C ARG G 337 -29.71 -17.52 -19.21
N ASN G 338 -29.47 -16.27 -18.82
CA ASN G 338 -28.28 -15.96 -18.03
C ASN G 338 -28.44 -16.42 -16.59
N LYS G 339 -27.36 -17.00 -16.05
CA LYS G 339 -27.40 -17.74 -14.79
C LYS G 339 -27.00 -16.89 -13.59
N ASP G 340 -27.07 -15.55 -13.72
CA ASP G 340 -26.83 -14.66 -12.59
C ASP G 340 -28.14 -14.34 -11.89
N ILE G 341 -28.39 -15.00 -10.77
CA ILE G 341 -29.60 -14.80 -9.98
C ILE G 341 -29.20 -14.19 -8.64
N SER G 342 -29.66 -12.96 -8.38
CA SER G 342 -29.39 -12.30 -7.12
C SER G 342 -30.38 -12.77 -6.07
N MET G 343 -30.29 -12.19 -4.87
CA MET G 343 -31.26 -12.52 -3.84
C MET G 343 -32.49 -11.63 -3.93
N GLY G 344 -32.32 -10.40 -4.41
CA GLY G 344 -33.46 -9.50 -4.53
C GLY G 344 -34.39 -9.90 -5.66
N ARG G 345 -33.83 -10.31 -6.80
CA ARG G 345 -34.66 -10.78 -7.91
C ARG G 345 -35.38 -12.07 -7.58
N LEU G 346 -34.70 -12.99 -6.89
CA LEU G 346 -35.33 -14.23 -6.45
C LEU G 346 -36.41 -13.96 -5.42
N HIS G 347 -36.20 -12.97 -4.55
CA HIS G 347 -37.22 -12.60 -3.58
C HIS G 347 -38.42 -11.96 -4.23
N GLU G 348 -38.20 -11.16 -5.29
CA GLU G 348 -39.32 -10.51 -5.96
C GLU G 348 -40.12 -11.49 -6.81
N VAL G 349 -39.48 -12.54 -7.33
CA VAL G 349 -40.24 -13.59 -8.02
C VAL G 349 -40.99 -14.44 -7.00
N TYR G 350 -40.34 -14.75 -5.87
CA TYR G 350 -40.94 -15.57 -4.83
C TYR G 350 -42.14 -14.88 -4.17
N ARG G 351 -42.12 -13.55 -4.10
CA ARG G 351 -43.25 -12.82 -3.53
C ARG G 351 -44.48 -12.92 -4.41
N ARG G 352 -44.31 -12.83 -5.73
CA ARG G 352 -45.44 -12.99 -6.64
C ARG G 352 -45.93 -14.44 -6.65
N VAL G 353 -45.02 -15.40 -6.54
CA VAL G 353 -45.40 -16.81 -6.50
C VAL G 353 -46.20 -17.11 -5.22
N CYS G 354 -45.80 -16.52 -4.09
CA CYS G 354 -46.57 -16.69 -2.86
C CYS G 354 -47.88 -15.92 -2.91
N ALA G 355 -47.93 -14.79 -3.63
CA ALA G 355 -49.17 -14.05 -3.74
C ALA G 355 -50.19 -14.76 -4.62
N LYS G 356 -49.72 -15.56 -5.59
CA LYS G 356 -50.65 -16.33 -6.41
C LYS G 356 -51.17 -17.57 -5.68
N ARG G 357 -50.37 -18.16 -4.79
CA ARG G 357 -50.75 -19.36 -4.06
C ARG G 357 -51.48 -19.09 -2.76
N ASN G 358 -51.75 -17.81 -2.44
CA ASN G 358 -52.34 -17.36 -1.17
C ASN G 358 -51.53 -17.83 0.04
N ILE G 359 -50.20 -17.84 -0.11
CA ILE G 359 -49.29 -18.25 0.94
C ILE G 359 -48.60 -16.98 1.45
N LEU G 360 -48.53 -16.85 2.77
CA LEU G 360 -47.93 -15.66 3.39
C LEU G 360 -46.43 -15.64 3.12
N ALA G 361 -45.99 -14.66 2.34
CA ALA G 361 -44.59 -14.55 1.97
C ALA G 361 -43.76 -14.01 3.13
N LEU G 362 -42.45 -14.19 3.04
CA LEU G 362 -41.54 -13.75 4.08
C LEU G 362 -40.90 -12.41 3.70
N ASP G 363 -40.35 -11.74 4.71
CA ASP G 363 -39.55 -10.56 4.47
C ASP G 363 -38.19 -10.96 3.92
N GLN G 364 -37.45 -9.96 3.41
CA GLN G 364 -36.12 -10.22 2.87
C GLN G 364 -35.14 -10.68 3.94
N ALA G 365 -35.28 -10.15 5.16
CA ALA G 365 -34.40 -10.52 6.26
C ALA G 365 -34.62 -11.95 6.74
N GLU G 366 -35.80 -12.52 6.53
CA GLU G 366 -36.04 -13.94 6.80
C GLU G 366 -35.79 -14.80 5.57
N PHE G 367 -35.96 -14.22 4.38
CA PHE G 367 -35.68 -14.95 3.15
C PHE G 367 -34.20 -15.24 3.00
N THR G 368 -33.34 -14.32 3.45
CA THR G 368 -31.90 -14.56 3.42
C THR G 368 -31.50 -15.69 4.35
N GLY G 369 -32.12 -15.78 5.52
CA GLY G 369 -31.87 -16.89 6.42
C GLY G 369 -32.41 -18.21 5.88
N THR G 370 -33.54 -18.16 5.16
CA THR G 370 -34.07 -19.37 4.54
C THR G 370 -33.13 -19.90 3.45
N VAL G 371 -32.60 -19.00 2.60
CA VAL G 371 -31.65 -19.41 1.58
C VAL G 371 -30.34 -19.89 2.21
N ASP G 372 -29.93 -19.29 3.32
CA ASP G 372 -28.74 -19.76 4.03
C ASP G 372 -28.95 -21.12 4.68
N LEU G 373 -30.19 -21.47 5.03
CA LEU G 373 -30.45 -22.81 5.56
C LEU G 373 -30.58 -23.85 4.46
N VAL G 374 -31.03 -23.46 3.27
CA VAL G 374 -30.98 -24.39 2.14
C VAL G 374 -29.55 -24.56 1.63
N GLU G 375 -28.69 -23.57 1.87
CA GLU G 375 -27.28 -23.66 1.47
C GLU G 375 -26.54 -24.78 2.22
N THR G 376 -26.98 -25.12 3.43
CA THR G 376 -26.27 -26.13 4.21
C THR G 376 -26.46 -27.54 3.66
N ARG G 377 -27.57 -27.80 2.98
CA ARG G 377 -27.80 -29.12 2.41
C ARG G 377 -26.89 -29.40 1.22
N GLY G 378 -26.37 -28.37 0.56
CA GLY G 378 -25.53 -28.55 -0.60
C GLY G 378 -26.19 -28.30 -1.93
N ILE G 379 -27.45 -27.88 -1.93
CA ILE G 379 -28.15 -27.62 -3.18
C ILE G 379 -27.68 -26.30 -3.79
N LEU G 380 -27.39 -25.31 -2.97
CA LEU G 380 -27.02 -24.00 -3.43
C LEU G 380 -25.59 -23.66 -3.01
N ARG G 381 -25.12 -22.53 -3.53
CA ARG G 381 -23.87 -21.93 -3.09
C ARG G 381 -24.01 -20.42 -3.28
N ILE G 382 -23.69 -19.65 -2.25
CA ILE G 382 -23.89 -18.21 -2.26
C ILE G 382 -22.55 -17.53 -2.43
N MET G 383 -22.41 -16.80 -3.55
CA MET G 383 -21.29 -15.90 -3.72
C MET G 383 -21.59 -14.59 -2.99
N ARG G 384 -20.63 -14.14 -2.20
CA ARG G 384 -20.83 -13.02 -1.29
C ARG G 384 -20.42 -11.70 -1.94
N LYS G 385 -21.23 -10.68 -1.72
CA LYS G 385 -20.98 -9.32 -2.19
C LYS G 385 -21.06 -8.36 -1.02
N LYS G 386 -21.09 -7.05 -1.31
CA LYS G 386 -21.03 -6.04 -0.26
C LYS G 386 -22.35 -5.93 0.50
N GLU G 387 -23.47 -5.93 -0.21
CA GLU G 387 -24.78 -5.74 0.39
C GLU G 387 -25.62 -7.01 0.23
N PRO G 388 -26.45 -7.37 1.22
CA PRO G 388 -27.14 -8.68 1.16
C PRO G 388 -28.20 -8.82 0.07
N ARG G 389 -28.58 -7.75 -0.62
CA ARG G 389 -29.45 -7.90 -1.78
C ARG G 389 -28.70 -8.46 -2.98
N LEU G 390 -27.37 -8.34 -3.00
CA LEU G 390 -26.57 -8.62 -4.18
C LEU G 390 -25.95 -10.00 -4.20
N HIS G 391 -26.16 -10.83 -3.15
CA HIS G 391 -25.53 -12.15 -3.09
C HIS G 391 -26.04 -13.06 -4.20
N LYS G 392 -25.12 -13.76 -4.85
CA LYS G 392 -25.45 -14.58 -6.01
C LYS G 392 -25.75 -16.00 -5.57
N VAL G 393 -26.88 -16.53 -6.02
CA VAL G 393 -27.30 -17.88 -5.68
C VAL G 393 -27.03 -18.80 -6.85
N LEU G 394 -26.16 -19.79 -6.66
CA LEU G 394 -25.79 -20.73 -7.70
C LEU G 394 -26.35 -22.10 -7.34
N LEU G 395 -27.23 -22.63 -8.20
CA LEU G 395 -27.68 -24.00 -8.02
C LEU G 395 -26.58 -24.95 -8.43
N GLN G 396 -26.32 -25.96 -7.59
CA GLN G 396 -25.20 -26.88 -7.83
C GLN G 396 -25.67 -28.32 -8.00
N TRP G 397 -26.95 -28.54 -8.29
CA TRP G 397 -27.49 -29.84 -8.61
C TRP G 397 -28.08 -29.81 -10.01
N ASP G 398 -28.61 -30.95 -10.44
CA ASP G 398 -29.42 -31.02 -11.65
C ASP G 398 -30.89 -30.92 -11.24
N GLU G 399 -31.72 -30.49 -12.20
CA GLU G 399 -33.13 -30.25 -11.91
C GLU G 399 -33.88 -31.54 -11.59
N GLU G 400 -33.45 -32.68 -12.16
CA GLU G 400 -34.08 -33.95 -11.82
C GLU G 400 -33.75 -34.39 -10.40
N GLU G 401 -32.57 -34.01 -9.89
CA GLU G 401 -32.23 -34.29 -8.50
C GLU G 401 -33.08 -33.46 -7.56
N VAL G 402 -33.39 -32.22 -7.93
CA VAL G 402 -34.27 -31.37 -7.12
C VAL G 402 -35.69 -31.91 -7.16
N HIS G 403 -36.14 -32.37 -8.32
CA HIS G 403 -37.48 -32.96 -8.44
C HIS G 403 -37.60 -34.25 -7.65
N ALA G 404 -36.51 -35.04 -7.58
CA ALA G 404 -36.54 -36.25 -6.76
C ALA G 404 -36.42 -35.94 -5.27
N ALA G 405 -35.74 -34.85 -4.91
CA ALA G 405 -35.54 -34.54 -3.50
C ALA G 405 -36.76 -33.86 -2.87
N LEU G 406 -37.51 -33.08 -3.65
CA LEU G 406 -38.62 -32.33 -3.06
C LEU G 406 -39.80 -33.24 -2.74
N SER G 407 -40.16 -34.14 -3.67
CA SER G 407 -41.24 -35.13 -3.52
C SER G 407 -42.59 -34.48 -3.24
N ASP G 408 -42.87 -33.40 -3.97
CA ASP G 408 -44.09 -32.60 -3.86
C ASP G 408 -44.66 -32.33 -5.24
N LYS G 409 -44.85 -33.41 -6.02
CA LYS G 409 -44.97 -33.35 -7.47
C LYS G 409 -46.16 -32.52 -7.95
N GLN G 410 -47.28 -32.56 -7.22
CA GLN G 410 -48.44 -31.76 -7.60
C GLN G 410 -48.22 -30.27 -7.36
N LEU G 411 -47.33 -29.93 -6.43
CA LEU G 411 -46.97 -28.52 -6.21
C LEU G 411 -45.87 -28.08 -7.18
N ILE G 412 -44.80 -28.87 -7.30
CA ILE G 412 -43.65 -28.44 -8.08
C ILE G 412 -43.93 -28.52 -9.58
N ALA G 413 -44.96 -29.26 -10.00
CA ALA G 413 -45.39 -29.19 -11.38
C ALA G 413 -46.34 -28.01 -11.61
N SER G 414 -46.93 -27.49 -10.54
CA SER G 414 -47.81 -26.32 -10.68
C SER G 414 -47.02 -25.01 -10.65
N ILE G 415 -45.89 -24.98 -9.94
CA ILE G 415 -45.10 -23.75 -9.92
C ILE G 415 -44.38 -23.53 -11.24
N LEU G 416 -43.79 -24.59 -11.81
CA LEU G 416 -43.01 -24.45 -13.03
C LEU G 416 -43.88 -24.19 -14.26
N SER G 417 -45.17 -24.49 -14.18
CA SER G 417 -46.11 -24.09 -15.22
C SER G 417 -46.65 -22.68 -15.02
N ASP G 418 -46.51 -22.12 -13.82
CA ASP G 418 -46.96 -20.77 -13.50
C ASP G 418 -45.79 -19.81 -13.75
N THR G 419 -45.56 -19.54 -15.03
CA THR G 419 -44.45 -18.70 -15.47
C THR G 419 -44.80 -17.23 -15.56
N ALA G 420 -45.98 -16.82 -15.08
CA ALA G 420 -46.43 -15.44 -15.23
C ALA G 420 -45.72 -14.48 -14.28
N CYS G 421 -45.08 -14.98 -13.22
CA CYS G 421 -44.45 -14.10 -12.25
C CYS G 421 -43.09 -13.60 -12.71
N LEU G 422 -42.41 -14.34 -13.58
CA LEU G 422 -41.10 -13.94 -14.07
C LEU G 422 -41.26 -12.79 -15.07
#